data_5XGH
#
_entry.id   5XGH
#
_cell.length_a   70.360
_cell.length_b   136.312
_cell.length_c   149.408
_cell.angle_alpha   90.00
_cell.angle_beta   90.00
_cell.angle_gamma   90.00
#
_symmetry.space_group_name_H-M   'P 21 21 21'
#
loop_
_entity.id
_entity.type
_entity.pdbx_description
1 polymer 'Phosphatidylinositol 4,5-bisphosphate 3-kinase catalytic subunit alpha isoform'
2 polymer 'Phosphatidylinositol 3-kinase regulatory subunit alpha'
3 non-polymer 3-[(4-fluorophenyl)methylamino]-5-(4-morpholin-4-ylthieno[3,2-d]pyrimidin-2-yl)phenol
4 non-polymer GLYCEROL
5 non-polymer 'SULFATE ION'
6 water water
#
loop_
_entity_poly.entity_id
_entity_poly.type
_entity_poly.pdbx_seq_one_letter_code
_entity_poly.pdbx_strand_id
1 'polypeptide(L)'
;GELWGIHLMPPRILVECLLPNGMIVTLECLREATLITIKHELFKEARKYPLHQLLQDESSYIFVSVTQEAEREEFFDETR
RLCDLRLFQPFLKVIEPVGNREEKILNREIGFAIGMPVCEFDMVKDPEVQDFRRNILNVCKEAVDLRDLNSPHSRAMYVY
PPNVESSPELPKHIYNKLDKGQIIVVIWVIVSPNNDKQKYTLKINHDCVPEQVIAEAIRKKTRSMLLSSEQLKLCVLEYQ
GKYILKVCGCDEYFLEKYPLSQYKYIRSCIMLGRMPNLMLMAKESLYSQLPMDCFTMPSYSRRISTATPYMNGETSTKSL
WVINSALRIKILCATYVNVNIRDIDKIYVRTGIYHGGEPLCDNVNTQRVPCSNPRWNEWLNYDIYIPDLPRAARLCLSIC
SVKGRKGAKEEHCPLAWGNINLFDYTDTLVSGKMALNLWPVPHGLEDLLNPIGVTGSNPNKETPCLELEFDWFSSVVKFP
DMSVIEEHANWSVSREAGFSYSHAGLSNRLARDNELRENDKEQLKAISTRDPLSEITEQEKDFLWSHRHYCVTIPEILPK
LLLSVKWNSRDEVAQMYCLVKDWPPIKPEQAMELLDCNYPDPMVRGFAVRCLEKYLTDDKLSQYLIQLVQVLKYEQYLDN
LLVRFLLKKALTNQRIGHFFFWHLKSEMHNKTVSQRFGLLLESYCRACGMYLKHLNRQVEAMEKLINLTDILKQEKKDET
QKVQMKFLVEQMRRPDFMDALQGFLSPLNPAHQLGNLRLEECRIMSSAKRPLWLNWENPDIMSELLFQNNEIIFKNGDDL
RQDMLTLQIIRIMENIWQNQGLDLRMLPYGCLSIGDCVGLIEVVRNSHTIMQIQCKGGLKGALQFNSHTLHQWLKDKNKG
EIYDAAIDLFTRSCAGYCVATFILGIGDRHNSNIMVKDDGQLFHIDFGHFLDHKKKKFGYKRERVPFVLTQDFLIVISKG
AQECTKTREFERFQEMCYKAYLAIRQHANLFINLFSMMLGSGMPELQSFDDIAYIRKTLALDKTEQEALEYFMKQMNDAH
HGGWTTKM
;
A
2 'polypeptide(L)'
;MNNNMSLQDAEWYWGDISREEVNEKLRDTADGTFLVRDASTKMHGDYTLTLRKGGNNKLIKIFHRDGKYGFSDPLTFSSV
VELINHYRNESLAQYNPKLDVKLLYPVSKYQQDQVVKEDNIEAVGKKLHEYNTQFQEKSREYDRLYEEYTRTSQEIQMKR
TAIEAFNETIKIFEEQCQTQERYSKEYIEKFKREGNEKEIQRIMHNYDKLKSRISEIIDSRRRLEEDLKKQAAEYREIDK
RMNSIKPDLIQLRKTRDQYLMWLTQKGVRQKKLNEWL
;
B
#
# COMPACT_ATOMS: atom_id res chain seq x y z
N GLY A 1 19.81 10.01 -13.01
CA GLY A 1 21.22 10.16 -13.47
C GLY A 1 22.19 10.57 -12.39
N GLU A 2 23.49 10.41 -12.67
CA GLU A 2 24.56 10.76 -11.73
C GLU A 2 25.02 12.23 -11.83
N LEU A 3 24.51 12.96 -12.83
CA LEU A 3 24.76 14.40 -12.98
C LEU A 3 23.55 15.04 -13.64
N TRP A 4 23.15 16.22 -13.14
CA TRP A 4 21.89 16.86 -13.57
C TRP A 4 21.83 17.14 -15.08
N GLY A 5 20.87 16.49 -15.75
CA GLY A 5 20.73 16.57 -17.21
C GLY A 5 21.37 15.40 -17.96
N ILE A 6 22.33 14.73 -17.33
CA ILE A 6 23.11 13.64 -17.93
C ILE A 6 22.73 12.36 -17.16
N HIS A 7 23.33 11.23 -17.53
CA HIS A 7 23.27 10.00 -16.72
C HIS A 7 24.67 9.61 -16.24
N LEU A 8 25.59 9.45 -17.19
CA LEU A 8 27.02 9.32 -16.87
C LEU A 8 27.84 10.23 -17.76
N MET A 9 28.87 10.83 -17.17
CA MET A 9 29.81 11.69 -17.89
C MET A 9 30.95 10.82 -18.43
N PRO A 10 31.19 10.85 -19.76
CA PRO A 10 32.28 10.04 -20.31
C PRO A 10 33.64 10.60 -19.87
N PRO A 11 34.58 9.72 -19.44
CA PRO A 11 35.74 10.09 -18.60
C PRO A 11 36.31 11.50 -18.79
N ARG A 12 36.56 11.92 -20.02
CA ARG A 12 37.22 13.19 -20.29
C ARG A 12 36.28 14.37 -19.99
N ILE A 13 36.35 14.86 -18.75
CA ILE A 13 35.56 16.03 -18.30
C ILE A 13 36.35 16.94 -17.38
N LEU A 14 35.94 18.21 -17.33
CA LEU A 14 36.58 19.22 -16.51
C LEU A 14 35.76 19.47 -15.25
N VAL A 15 36.44 19.76 -14.14
CA VAL A 15 35.80 20.02 -12.85
C VAL A 15 36.42 21.27 -12.20
N GLU A 16 35.56 22.17 -11.72
CA GLU A 16 36.00 23.42 -11.10
C GLU A 16 36.32 23.17 -9.63
N CYS A 17 37.61 23.15 -9.30
CA CYS A 17 38.08 22.92 -7.93
C CYS A 17 38.28 24.25 -7.21
N LEU A 18 37.54 24.44 -6.11
CA LEU A 18 37.52 25.70 -5.36
C LEU A 18 38.38 25.59 -4.10
N LEU A 19 39.51 26.31 -4.09
CA LEU A 19 40.51 26.23 -3.02
C LEU A 19 40.24 27.26 -1.91
N PRO A 20 40.77 27.02 -0.68
CA PRO A 20 40.46 27.93 0.43
C PRO A 20 41.27 29.24 0.44
N ASN A 21 42.29 29.36 -0.42
CA ASN A 21 43.00 30.63 -0.62
C ASN A 21 42.17 31.66 -1.40
N GLY A 22 41.26 31.17 -2.26
CA GLY A 22 40.43 32.02 -3.13
C GLY A 22 40.41 31.62 -4.59
N MET A 23 41.37 30.80 -5.03
CA MET A 23 41.52 30.45 -6.45
C MET A 23 40.50 29.41 -6.90
N ILE A 24 40.28 29.36 -8.21
CA ILE A 24 39.37 28.39 -8.86
C ILE A 24 40.15 27.64 -9.95
N VAL A 25 40.61 26.44 -9.60
CA VAL A 25 41.47 25.63 -10.47
C VAL A 25 40.61 24.65 -11.28
N THR A 26 40.57 24.82 -12.59
CA THR A 26 39.95 23.84 -13.49
C THR A 26 40.91 22.64 -13.63
N LEU A 27 40.35 21.44 -13.71
CA LEU A 27 41.13 20.20 -13.65
C LEU A 27 40.56 19.09 -14.54
N GLU A 28 41.43 18.45 -15.31
CA GLU A 28 41.05 17.31 -16.16
C GLU A 28 40.92 16.06 -15.29
N CYS A 29 39.73 15.45 -15.32
CA CYS A 29 39.41 14.25 -14.51
C CYS A 29 39.06 13.05 -15.38
N LEU A 30 38.99 11.89 -14.74
CA LEU A 30 38.36 10.69 -15.30
C LEU A 30 37.17 10.31 -14.41
N ARG A 31 36.28 9.49 -14.94
CA ARG A 31 35.06 9.09 -14.25
C ARG A 31 35.32 8.06 -13.15
N GLU A 32 36.42 7.31 -13.29
CA GLU A 32 36.78 6.24 -12.35
C GLU A 32 37.44 6.76 -11.08
N ALA A 33 38.14 7.89 -11.18
CA ALA A 33 39.06 8.37 -10.13
C ALA A 33 38.38 8.63 -8.78
N THR A 34 39.14 8.36 -7.72
CA THR A 34 38.71 8.59 -6.34
C THR A 34 39.10 10.00 -5.90
N LEU A 35 38.71 10.40 -4.69
CA LEU A 35 38.99 11.76 -4.18
C LEU A 35 40.47 12.03 -3.89
N ILE A 36 41.14 11.09 -3.22
CA ILE A 36 42.59 11.24 -2.92
C ILE A 36 43.46 11.22 -4.18
N THR A 37 42.98 10.56 -5.24
CA THR A 37 43.61 10.61 -6.56
C THR A 37 43.50 12.02 -7.16
N ILE A 38 42.28 12.57 -7.12
CA ILE A 38 42.01 13.92 -7.64
C ILE A 38 42.69 15.00 -6.78
N LYS A 39 42.69 14.81 -5.46
CA LYS A 39 43.35 15.74 -4.53
C LYS A 39 44.87 15.77 -4.70
N HIS A 40 45.45 14.65 -5.13
CA HIS A 40 46.88 14.61 -5.51
C HIS A 40 47.13 15.42 -6.78
N GLU A 41 46.26 15.25 -7.78
CA GLU A 41 46.34 16.00 -9.04
C GLU A 41 45.98 17.48 -8.91
N LEU A 42 45.12 17.81 -7.93
CA LEU A 42 44.71 19.21 -7.69
C LEU A 42 45.84 20.02 -7.07
N PHE A 43 46.39 19.52 -5.97
CA PHE A 43 47.48 20.22 -5.26
C PHE A 43 48.83 20.13 -5.97
N LYS A 44 48.94 19.23 -6.95
CA LYS A 44 50.03 19.26 -7.93
C LYS A 44 49.95 20.52 -8.79
N GLU A 45 48.78 20.73 -9.38
CA GLU A 45 48.52 21.87 -10.28
C GLU A 45 48.30 23.19 -9.53
N ALA A 46 47.97 23.13 -8.23
CA ALA A 46 47.69 24.32 -7.42
C ALA A 46 48.86 25.31 -7.25
N ARG A 47 50.09 24.80 -7.32
CA ARG A 47 51.29 25.66 -7.16
C ARG A 47 51.50 26.66 -8.30
N LYS A 48 50.96 26.37 -9.49
CA LYS A 48 51.04 27.27 -10.64
C LYS A 48 50.25 28.56 -10.40
N TYR A 49 49.06 28.43 -9.83
CA TYR A 49 48.19 29.57 -9.55
C TYR A 49 48.69 30.32 -8.30
N PRO A 50 48.34 31.63 -8.17
CA PRO A 50 48.85 32.43 -7.03
C PRO A 50 48.36 32.00 -5.65
N LEU A 51 48.99 32.57 -4.62
CA LEU A 51 48.68 32.31 -3.20
C LEU A 51 48.79 30.82 -2.83
N HIS A 52 49.88 30.20 -3.24
CA HIS A 52 50.18 28.80 -2.92
C HIS A 52 50.76 28.64 -1.51
N GLN A 53 51.57 29.61 -1.07
CA GLN A 53 52.28 29.52 0.22
C GLN A 53 51.37 29.29 1.44
N LEU A 54 50.19 29.90 1.44
CA LEU A 54 49.24 29.77 2.55
C LEU A 54 48.38 28.49 2.54
N LEU A 55 48.46 27.69 1.47
CA LEU A 55 47.78 26.39 1.41
C LEU A 55 48.48 25.36 2.29
N GLN A 56 47.67 24.52 2.94
CA GLN A 56 48.16 23.44 3.81
C GLN A 56 48.33 22.16 2.99
N ASP A 57 48.91 21.13 3.60
CA ASP A 57 49.03 19.78 3.01
C ASP A 57 47.65 19.17 2.69
N GLU A 58 47.62 18.31 1.68
CA GLU A 58 46.40 17.63 1.20
C GLU A 58 45.60 16.90 2.30
N SER A 59 46.30 16.29 3.26
CA SER A 59 45.68 15.50 4.33
C SER A 59 44.72 16.29 5.24
N SER A 60 44.99 17.57 5.43
CA SER A 60 44.16 18.42 6.30
C SER A 60 42.78 18.77 5.71
N TYR A 61 42.68 18.83 4.38
CA TYR A 61 41.46 19.25 3.68
C TYR A 61 40.50 18.09 3.36
N ILE A 62 39.27 18.47 2.96
CA ILE A 62 38.22 17.53 2.54
C ILE A 62 37.37 18.15 1.43
N PHE A 63 36.95 17.34 0.46
CA PHE A 63 36.08 17.81 -0.63
C PHE A 63 34.64 18.04 -0.19
N VAL A 64 33.99 19.03 -0.80
CA VAL A 64 32.58 19.39 -0.54
C VAL A 64 31.92 19.81 -1.86
N SER A 65 30.67 19.40 -2.05
CA SER A 65 29.89 19.78 -3.25
C SER A 65 28.39 19.62 -3.03
N VAL A 66 27.61 20.18 -3.95
CA VAL A 66 26.15 20.09 -3.92
C VAL A 66 25.70 18.81 -4.62
N THR A 67 24.78 18.08 -3.99
CA THR A 67 24.26 16.82 -4.52
C THR A 67 22.99 17.03 -5.34
N GLN A 68 22.52 15.95 -5.98
CA GLN A 68 21.28 15.95 -6.78
C GLN A 68 20.05 16.42 -5.99
N GLU A 69 20.02 16.14 -4.68
CA GLU A 69 18.93 16.54 -3.80
C GLU A 69 19.17 17.88 -3.07
N ALA A 70 20.05 18.73 -3.63
CA ALA A 70 20.32 20.09 -3.12
C ALA A 70 20.89 20.15 -1.69
N GLU A 71 21.64 19.11 -1.30
CA GLU A 71 22.29 19.05 0.01
C GLU A 71 23.78 19.35 -0.14
N ARG A 72 24.33 20.12 0.79
CA ARG A 72 25.77 20.39 0.84
C ARG A 72 26.46 19.22 1.56
N GLU A 73 26.73 18.16 0.81
CA GLU A 73 27.31 16.92 1.35
C GLU A 73 28.83 17.03 1.45
N GLU A 74 29.38 16.54 2.57
CA GLU A 74 30.83 16.49 2.81
C GLU A 74 31.31 15.07 2.58
N PHE A 75 32.22 14.90 1.62
CA PHE A 75 32.68 13.56 1.20
C PHE A 75 33.85 13.08 2.05
N PHE A 76 33.52 12.44 3.18
CA PHE A 76 34.52 11.88 4.10
C PHE A 76 35.12 10.59 3.55
N ASP A 77 34.27 9.69 3.07
CA ASP A 77 34.71 8.44 2.44
C ASP A 77 35.32 8.76 1.07
N GLU A 78 36.63 9.00 1.06
CA GLU A 78 37.34 9.46 -0.15
C GLU A 78 37.55 8.36 -1.22
N THR A 79 37.29 7.10 -0.87
CA THR A 79 37.33 6.00 -1.85
C THR A 79 36.16 6.04 -2.86
N ARG A 80 35.09 6.79 -2.54
CA ARG A 80 33.94 6.92 -3.44
C ARG A 80 34.33 7.62 -4.75
N ARG A 81 34.18 6.90 -5.86
CA ARG A 81 34.48 7.43 -7.20
C ARG A 81 33.48 8.51 -7.65
N LEU A 82 33.85 9.26 -8.69
CA LEU A 82 33.17 10.51 -9.05
C LEU A 82 31.71 10.32 -9.48
N CYS A 83 31.45 9.30 -10.29
CA CYS A 83 30.08 8.99 -10.75
C CYS A 83 29.15 8.50 -9.64
N ASP A 84 29.70 7.95 -8.56
CA ASP A 84 28.90 7.51 -7.40
C ASP A 84 28.62 8.62 -6.36
N LEU A 85 29.19 9.81 -6.55
CA LEU A 85 28.95 10.95 -5.65
C LEU A 85 27.53 11.52 -5.74
N ARG A 86 26.91 11.40 -6.91
CA ARG A 86 25.58 11.96 -7.20
C ARG A 86 25.59 13.49 -7.09
N LEU A 87 26.51 14.12 -7.82
CA LEU A 87 26.65 15.59 -7.81
C LEU A 87 25.56 16.25 -8.65
N PHE A 88 25.32 17.53 -8.35
CA PHE A 88 24.42 18.36 -9.15
C PHE A 88 25.14 18.84 -10.40
N GLN A 89 26.27 19.49 -10.19
CA GLN A 89 27.15 19.96 -11.27
C GLN A 89 28.61 19.63 -10.94
N PRO A 90 29.47 19.52 -11.98
CA PRO A 90 30.87 19.13 -11.75
C PRO A 90 31.71 20.26 -11.15
N PHE A 91 31.66 20.36 -9.83
CA PHE A 91 32.53 21.27 -9.07
C PHE A 91 32.81 20.66 -7.69
N LEU A 92 33.96 21.02 -7.11
CA LEU A 92 34.41 20.44 -5.84
C LEU A 92 35.16 21.48 -4.98
N LYS A 93 34.57 21.87 -3.85
CA LYS A 93 35.18 22.83 -2.93
C LYS A 93 35.95 22.10 -1.82
N VAL A 94 37.20 22.49 -1.61
CA VAL A 94 38.02 21.96 -0.50
C VAL A 94 38.02 22.92 0.69
N ILE A 95 37.73 22.39 1.87
CA ILE A 95 37.77 23.15 3.13
C ILE A 95 38.31 22.28 4.26
N GLU A 96 38.55 22.89 5.42
CA GLU A 96 38.93 22.16 6.63
C GLU A 96 37.66 21.69 7.34
N PRO A 97 37.56 20.38 7.66
CA PRO A 97 36.33 19.85 8.26
C PRO A 97 36.10 20.30 9.71
N VAL A 98 34.82 20.36 10.10
CA VAL A 98 34.41 20.69 11.47
C VAL A 98 33.27 19.78 11.94
N GLY A 99 32.95 19.86 13.22
CA GLY A 99 31.82 19.13 13.80
C GLY A 99 32.07 17.64 14.01
N ASN A 100 31.03 16.93 14.42
CA ASN A 100 31.10 15.50 14.72
C ASN A 100 31.14 14.69 13.41
N ARG A 101 32.32 14.18 13.08
CA ARG A 101 32.53 13.39 11.85
C ARG A 101 31.76 12.06 11.84
N GLU A 102 31.62 11.44 13.02
CA GLU A 102 30.90 10.16 13.15
C GLU A 102 29.40 10.33 12.90
N GLU A 103 28.86 11.49 13.30
CA GLU A 103 27.44 11.81 13.08
C GLU A 103 27.15 12.16 11.61
N LYS A 104 28.03 12.93 10.98
CA LYS A 104 27.83 13.39 9.59
C LYS A 104 27.84 12.25 8.55
N ILE A 105 28.65 11.21 8.78
CA ILE A 105 28.69 10.05 7.88
C ILE A 105 27.44 9.20 8.07
N LEU A 106 27.00 9.03 9.32
CA LEU A 106 25.76 8.30 9.63
C LEU A 106 24.53 9.00 9.07
N ASN A 107 24.48 10.33 9.19
CA ASN A 107 23.35 11.13 8.66
C ASN A 107 23.24 11.09 7.14
N ARG A 108 24.37 11.02 6.43
CA ARG A 108 24.36 10.93 4.96
C ARG A 108 23.95 9.50 4.51
N GLU A 109 24.38 8.50 5.27
CA GLU A 109 24.03 7.10 4.99
C GLU A 109 22.55 6.80 5.25
N ILE A 110 22.01 7.38 6.32
CA ILE A 110 20.56 7.33 6.59
C ILE A 110 19.79 8.09 5.51
N GLY A 111 20.31 9.25 5.12
CA GLY A 111 19.72 10.05 4.04
C GLY A 111 19.69 9.38 2.68
N PHE A 112 20.72 8.59 2.39
CA PHE A 112 20.79 7.80 1.15
C PHE A 112 19.81 6.63 1.17
N ALA A 113 19.65 6.02 2.35
CA ALA A 113 18.71 4.91 2.54
C ALA A 113 17.26 5.35 2.39
N ILE A 114 16.91 6.48 3.02
CA ILE A 114 15.53 7.01 2.99
C ILE A 114 15.15 7.54 1.60
N GLY A 115 16.10 8.17 0.91
CA GLY A 115 15.83 8.85 -0.36
C GLY A 115 15.57 10.35 -0.22
N MET A 116 16.01 10.93 0.90
CA MET A 116 15.98 12.37 1.12
C MET A 116 16.90 12.74 2.29
N PRO A 117 17.50 13.95 2.28
CA PRO A 117 18.41 14.34 3.37
C PRO A 117 17.77 14.38 4.75
N VAL A 118 18.58 14.10 5.78
CA VAL A 118 18.15 14.17 7.18
C VAL A 118 17.98 15.64 7.62
N CYS A 119 18.75 16.54 7.00
CA CYS A 119 18.64 17.98 7.28
C CYS A 119 17.28 18.59 6.92
N GLU A 120 16.55 17.96 5.99
CA GLU A 120 15.18 18.38 5.66
C GLU A 120 14.20 18.21 6.83
N PHE A 121 14.43 17.21 7.68
CA PHE A 121 13.63 17.02 8.89
C PHE A 121 13.92 18.10 9.96
N ASP A 122 15.18 18.54 10.05
CA ASP A 122 15.56 19.61 10.98
C ASP A 122 14.89 20.95 10.67
N MET A 123 14.64 21.21 9.39
CA MET A 123 13.99 22.45 8.94
C MET A 123 12.45 22.42 9.02
N VAL A 124 11.87 21.37 9.60
CA VAL A 124 10.41 21.28 9.79
C VAL A 124 10.01 22.08 11.03
N LYS A 125 9.02 22.95 10.87
CA LYS A 125 8.51 23.82 11.95
C LYS A 125 7.56 23.09 12.89
N ASP A 126 6.70 22.22 12.32
CA ASP A 126 5.66 21.50 13.05
C ASP A 126 6.20 20.75 14.28
N PRO A 127 5.70 21.08 15.50
CA PRO A 127 6.20 20.39 16.71
C PRO A 127 5.85 18.89 16.81
N GLU A 128 4.80 18.45 16.13
CA GLU A 128 4.45 17.02 16.05
C GLU A 128 5.58 16.19 15.41
N VAL A 129 6.23 16.75 14.40
CA VAL A 129 7.35 16.10 13.70
C VAL A 129 8.58 16.00 14.61
N GLN A 130 8.91 17.08 15.31
CA GLN A 130 10.09 17.12 16.19
C GLN A 130 9.88 16.30 17.48
N ASP A 131 8.65 16.31 18.00
CA ASP A 131 8.28 15.44 19.12
C ASP A 131 8.38 13.96 18.76
N PHE A 132 7.97 13.61 17.54
CA PHE A 132 8.09 12.22 17.04
C PHE A 132 9.55 11.78 17.02
N ARG A 133 10.40 12.60 16.39
CA ARG A 133 11.84 12.29 16.27
C ARG A 133 12.52 12.08 17.62
N ARG A 134 12.16 12.90 18.62
CA ARG A 134 12.69 12.76 19.97
C ARG A 134 12.09 11.55 20.71
N ASN A 135 10.75 11.49 20.74
CA ASN A 135 10.05 10.44 21.51
C ASN A 135 10.20 9.02 20.94
N ILE A 136 10.33 8.90 19.62
CA ILE A 136 10.48 7.58 18.99
C ILE A 136 11.83 6.90 19.32
N LEU A 137 12.83 7.71 19.68
CA LEU A 137 14.12 7.17 20.15
C LEU A 137 14.01 6.36 21.46
N ASN A 138 12.93 6.57 22.22
CA ASN A 138 12.60 5.73 23.39
C ASN A 138 12.37 4.27 22.99
N VAL A 139 11.70 4.07 21.85
CA VAL A 139 11.46 2.73 21.30
C VAL A 139 12.76 2.13 20.76
N CYS A 140 13.55 2.96 20.07
CA CYS A 140 14.82 2.56 19.50
C CYS A 140 15.80 2.04 20.56
N LYS A 141 15.94 2.77 21.67
CA LYS A 141 16.80 2.33 22.78
C LYS A 141 16.22 1.13 23.54
N GLU A 142 14.89 1.05 23.61
CA GLU A 142 14.20 -0.13 24.17
C GLU A 142 14.40 -1.37 23.29
N ALA A 143 14.45 -1.19 21.99
CA ALA A 143 14.66 -2.28 21.03
C ALA A 143 16.07 -2.87 21.12
N VAL A 144 17.08 -2.01 21.12
CA VAL A 144 18.49 -2.46 21.18
C VAL A 144 18.85 -3.09 22.54
N ASP A 145 18.27 -2.59 23.63
CA ASP A 145 18.44 -3.18 24.96
C ASP A 145 17.77 -4.56 25.08
N LEU A 146 16.72 -4.81 24.30
CA LEU A 146 16.06 -6.12 24.24
C LEU A 146 16.97 -7.15 23.57
N ARG A 147 17.51 -6.80 22.40
CA ARG A 147 18.36 -7.70 21.62
C ARG A 147 19.81 -7.83 22.15
N ASP A 148 20.21 -6.95 23.07
CA ASP A 148 21.51 -7.04 23.75
C ASP A 148 21.43 -7.63 25.17
N LEU A 149 20.25 -8.11 25.57
CA LEU A 149 20.03 -8.61 26.94
C LEU A 149 20.73 -9.94 27.17
N ASN A 150 20.44 -10.92 26.31
CA ASN A 150 21.01 -12.27 26.40
C ASN A 150 22.08 -12.44 25.31
N SER A 151 23.07 -11.54 25.33
CA SER A 151 24.13 -11.49 24.32
C SER A 151 25.16 -12.62 24.54
N PRO A 152 25.77 -13.19 23.49
CA PRO A 152 25.53 -12.86 22.06
C PRO A 152 24.57 -13.82 21.32
N HIS A 153 23.71 -14.53 22.03
CA HIS A 153 22.67 -15.37 21.40
C HIS A 153 21.53 -14.50 20.87
N SER A 154 21.05 -13.58 21.70
CA SER A 154 20.01 -12.62 21.29
C SER A 154 20.49 -11.67 20.18
N ARG A 155 21.79 -11.39 20.16
CA ARG A 155 22.45 -10.67 19.06
C ARG A 155 22.30 -11.44 17.74
N ALA A 156 22.54 -12.76 17.80
CA ALA A 156 22.37 -13.65 16.64
C ALA A 156 20.91 -13.83 16.25
N MET A 157 20.01 -13.87 17.24
CA MET A 157 18.56 -13.99 16.99
C MET A 157 17.97 -12.81 16.22
N TYR A 158 18.54 -11.62 16.41
CA TYR A 158 18.13 -10.43 15.65
C TYR A 158 18.54 -10.56 14.17
N VAL A 159 19.82 -10.85 13.93
CA VAL A 159 20.38 -10.87 12.57
C VAL A 159 19.90 -12.10 11.78
N TYR A 160 19.91 -13.26 12.44
CA TYR A 160 19.48 -14.53 11.83
C TYR A 160 18.34 -15.14 12.66
N PRO A 161 17.12 -14.59 12.55
CA PRO A 161 15.98 -15.11 13.30
C PRO A 161 15.47 -16.44 12.74
N PRO A 162 14.83 -17.28 13.59
CA PRO A 162 14.31 -18.55 13.12
C PRO A 162 13.08 -18.37 12.25
N ASN A 163 13.20 -18.69 10.96
CA ASN A 163 12.09 -18.60 10.01
C ASN A 163 11.20 -19.83 10.20
N VAL A 164 10.15 -19.67 11.00
CA VAL A 164 9.29 -20.80 11.42
C VAL A 164 7.81 -20.52 11.16
N GLU A 165 7.03 -21.61 11.15
CA GLU A 165 5.57 -21.51 11.09
C GLU A 165 5.02 -21.10 12.46
N SER A 166 3.75 -20.74 12.51
CA SER A 166 3.11 -20.27 13.74
C SER A 166 2.89 -21.41 14.74
N SER A 167 2.20 -22.46 14.30
CA SER A 167 1.91 -23.63 15.12
C SER A 167 2.92 -24.75 14.85
N PRO A 168 3.38 -25.46 15.91
CA PRO A 168 4.30 -26.59 15.73
C PRO A 168 3.63 -27.87 15.23
N GLU A 169 2.31 -28.01 15.43
CA GLU A 169 1.58 -29.21 15.01
C GLU A 169 1.52 -29.32 13.49
N LEU A 170 1.74 -30.54 12.97
CA LEU A 170 1.62 -30.81 11.54
C LEU A 170 0.17 -31.18 11.20
N PRO A 171 -0.28 -30.84 9.97
CA PRO A 171 -1.51 -31.46 9.47
C PRO A 171 -1.34 -32.95 9.21
N LYS A 172 -2.45 -33.67 9.05
CA LYS A 172 -2.41 -35.13 8.91
C LYS A 172 -1.71 -35.58 7.63
N HIS A 173 -2.03 -34.93 6.51
CA HIS A 173 -1.43 -35.27 5.21
C HIS A 173 0.08 -34.93 5.10
N ILE A 174 0.55 -34.00 5.94
CA ILE A 174 1.98 -33.66 6.02
C ILE A 174 2.71 -34.72 6.84
N TYR A 175 2.12 -35.10 7.98
CA TYR A 175 2.67 -36.13 8.86
C TYR A 175 2.72 -37.52 8.21
N ASN A 176 1.73 -37.83 7.37
CA ASN A 176 1.66 -39.13 6.67
C ASN A 176 2.72 -39.31 5.58
N LYS A 177 3.26 -38.20 5.05
CA LYS A 177 4.39 -38.25 4.10
C LYS A 177 5.69 -38.73 4.74
N LEU A 178 5.83 -38.56 6.05
CA LEU A 178 6.99 -39.02 6.81
C LEU A 178 6.95 -40.53 7.03
N ASP A 179 8.12 -41.14 7.20
CA ASP A 179 8.24 -42.56 7.54
C ASP A 179 8.05 -42.72 9.05
N LYS A 180 6.92 -43.31 9.46
CA LYS A 180 6.53 -43.48 10.87
C LYS A 180 6.80 -42.23 11.77
N GLY A 181 6.53 -41.05 11.20
CA GLY A 181 6.79 -39.78 11.88
C GLY A 181 8.27 -39.42 12.00
N GLN A 182 9.04 -39.71 10.96
CA GLN A 182 10.48 -39.39 10.91
C GLN A 182 10.89 -38.91 9.52
N ILE A 183 11.80 -37.94 9.48
CA ILE A 183 12.36 -37.39 8.23
C ILE A 183 13.84 -37.79 8.13
N ILE A 184 14.29 -38.04 6.90
CA ILE A 184 15.67 -38.42 6.62
C ILE A 184 16.40 -37.14 6.23
N VAL A 185 17.39 -36.74 7.04
CA VAL A 185 18.06 -35.43 6.92
C VAL A 185 19.58 -35.62 6.86
N VAL A 186 20.24 -34.80 6.05
CA VAL A 186 21.70 -34.88 5.83
C VAL A 186 22.37 -33.62 6.39
N ILE A 187 23.40 -33.81 7.22
CA ILE A 187 24.17 -32.73 7.82
C ILE A 187 25.58 -32.75 7.21
N TRP A 188 25.89 -31.73 6.40
CA TRP A 188 27.22 -31.59 5.79
C TRP A 188 28.20 -30.89 6.73
N VAL A 189 29.47 -31.28 6.67
CA VAL A 189 30.55 -30.67 7.47
C VAL A 189 31.76 -30.44 6.58
N ILE A 190 32.27 -29.20 6.55
CA ILE A 190 33.49 -28.86 5.81
C ILE A 190 34.72 -29.45 6.56
N VAL A 191 35.66 -30.00 5.79
CA VAL A 191 36.82 -30.70 6.38
C VAL A 191 37.94 -29.75 6.83
N SER A 192 38.32 -28.82 5.95
CA SER A 192 39.51 -27.98 6.16
C SER A 192 39.57 -26.85 5.11
N PRO A 193 40.65 -26.04 5.14
CA PRO A 193 41.05 -25.18 4.01
C PRO A 193 41.09 -25.84 2.62
N ASN A 194 41.30 -27.16 2.55
CA ASN A 194 41.29 -27.91 1.29
C ASN A 194 39.91 -27.89 0.56
N ASN A 195 38.84 -27.61 1.32
CA ASN A 195 37.51 -27.31 0.77
C ASN A 195 36.78 -28.56 0.23
N ASP A 196 37.06 -29.73 0.82
CA ASP A 196 36.34 -30.96 0.51
C ASP A 196 35.13 -31.06 1.44
N LYS A 197 34.09 -31.75 0.96
CA LYS A 197 32.82 -31.87 1.68
C LYS A 197 32.56 -33.33 2.06
N GLN A 198 32.05 -33.54 3.28
CA GLN A 198 31.65 -34.87 3.76
C GLN A 198 30.28 -34.79 4.44
N LYS A 199 29.40 -35.73 4.08
CA LYS A 199 28.01 -35.72 4.54
C LYS A 199 27.78 -36.77 5.63
N TYR A 200 26.83 -36.47 6.53
CA TYR A 200 26.40 -37.40 7.58
C TYR A 200 24.88 -37.56 7.51
N THR A 201 24.43 -38.63 6.86
CA THR A 201 23.00 -38.91 6.68
C THR A 201 22.37 -39.41 7.98
N LEU A 202 21.29 -38.75 8.41
CA LEU A 202 20.58 -39.07 9.65
C LEU A 202 19.14 -39.48 9.38
N LYS A 203 18.52 -40.09 10.40
CA LYS A 203 17.09 -40.39 10.40
C LYS A 203 16.55 -40.14 11.81
N ILE A 204 15.74 -39.10 11.95
CA ILE A 204 15.30 -38.59 13.26
C ILE A 204 13.82 -38.21 13.24
N ASN A 205 13.26 -37.96 14.42
CA ASN A 205 11.87 -37.53 14.56
C ASN A 205 11.68 -36.12 13.99
N HIS A 206 10.47 -35.84 13.51
CA HIS A 206 10.14 -34.53 12.92
C HIS A 206 10.13 -33.39 13.95
N ASP A 207 9.87 -33.71 15.21
CA ASP A 207 9.81 -32.70 16.29
C ASP A 207 11.10 -32.57 17.12
N CYS A 208 12.25 -32.92 16.53
CA CYS A 208 13.55 -32.78 17.20
C CYS A 208 13.98 -31.31 17.28
N VAL A 209 14.80 -31.01 18.28
CA VAL A 209 15.36 -29.67 18.47
C VAL A 209 16.74 -29.66 17.79
N PRO A 210 17.14 -28.53 17.17
CA PRO A 210 18.48 -28.41 16.54
C PRO A 210 19.68 -28.90 17.37
N GLU A 211 19.60 -28.77 18.69
CA GLU A 211 20.62 -29.32 19.61
C GLU A 211 20.67 -30.85 19.53
N GLN A 212 19.49 -31.48 19.52
CA GLN A 212 19.38 -32.95 19.42
C GLN A 212 19.78 -33.49 18.05
N VAL A 213 19.61 -32.67 17.00
CA VAL A 213 20.04 -33.03 15.64
C VAL A 213 21.57 -33.00 15.54
N ILE A 214 22.20 -32.04 16.22
CA ILE A 214 23.67 -31.96 16.32
C ILE A 214 24.24 -33.13 17.14
N ALA A 215 23.53 -33.52 18.20
CA ALA A 215 23.92 -34.68 19.02
C ALA A 215 23.91 -36.00 18.25
N GLU A 216 22.97 -36.15 17.32
CA GLU A 216 22.90 -37.33 16.44
C GLU A 216 23.98 -37.30 15.34
N ALA A 217 24.33 -36.11 14.86
CA ALA A 217 25.33 -35.93 13.80
C ALA A 217 26.75 -36.32 14.22
N ILE A 218 27.11 -36.00 15.46
CA ILE A 218 28.45 -36.35 16.00
C ILE A 218 28.70 -37.87 16.15
N ARG A 219 27.63 -38.66 16.24
CA ARG A 219 27.74 -40.13 16.23
C ARG A 219 28.20 -40.63 14.86
N LYS A 220 27.55 -40.13 13.81
CA LYS A 220 27.88 -40.47 12.42
C LYS A 220 29.22 -39.84 12.03
N GLY A 241 25.93 -26.56 22.18
CA GLY A 241 26.92 -25.68 22.78
C GLY A 241 27.99 -25.24 21.80
N LYS A 242 28.63 -26.21 21.16
CA LYS A 242 29.71 -25.94 20.21
C LYS A 242 29.17 -25.47 18.86
N TYR A 243 28.29 -26.28 18.25
CA TYR A 243 27.84 -26.07 16.87
C TYR A 243 26.42 -25.53 16.75
N ILE A 244 26.09 -25.08 15.54
CA ILE A 244 24.74 -24.64 15.17
C ILE A 244 24.45 -25.01 13.71
N LEU A 245 23.18 -25.25 13.40
CA LEU A 245 22.77 -25.73 12.07
C LEU A 245 22.39 -24.58 11.13
N LYS A 246 23.03 -24.55 9.96
CA LYS A 246 22.77 -23.56 8.92
C LYS A 246 22.16 -24.28 7.72
N VAL A 247 21.23 -23.61 7.03
CA VAL A 247 20.62 -24.16 5.82
C VAL A 247 21.61 -24.01 4.66
N CYS A 248 21.81 -25.10 3.90
CA CYS A 248 22.70 -25.09 2.74
C CYS A 248 22.06 -24.27 1.61
N GLY A 249 22.79 -23.29 1.09
CA GLY A 249 22.31 -22.39 0.05
C GLY A 249 21.98 -21.00 0.59
N CYS A 250 21.10 -20.96 1.60
CA CYS A 250 20.67 -19.71 2.23
C CYS A 250 21.62 -19.25 3.32
N ASP A 251 21.37 -18.04 3.81
CA ASP A 251 21.95 -17.54 5.06
C ASP A 251 20.85 -17.57 6.12
N GLU A 252 20.44 -18.79 6.45
CA GLU A 252 19.31 -19.05 7.35
C GLU A 252 19.74 -20.10 8.39
N TYR A 253 19.59 -19.75 9.66
CA TYR A 253 20.09 -20.57 10.78
C TYR A 253 18.95 -21.01 11.71
N PHE A 254 19.10 -22.20 12.30
CA PHE A 254 18.15 -22.72 13.29
C PHE A 254 18.72 -22.53 14.70
N LEU A 255 18.69 -21.29 15.17
CA LEU A 255 19.27 -20.93 16.47
C LEU A 255 18.35 -21.28 17.64
N GLU A 256 17.07 -20.91 17.52
CA GLU A 256 16.07 -21.13 18.58
C GLU A 256 15.69 -22.61 18.66
N LYS A 257 15.24 -23.03 19.85
CA LYS A 257 14.97 -24.45 20.15
C LYS A 257 13.57 -24.96 19.73
N TYR A 258 13.11 -24.57 18.53
CA TYR A 258 11.82 -25.05 18.01
C TYR A 258 11.95 -26.49 17.50
N PRO A 259 10.81 -27.20 17.35
CA PRO A 259 10.74 -28.44 16.59
C PRO A 259 11.27 -28.28 15.16
N LEU A 260 11.98 -29.28 14.66
CA LEU A 260 12.64 -29.22 13.35
C LEU A 260 11.64 -29.04 12.20
N SER A 261 10.48 -29.68 12.30
CA SER A 261 9.42 -29.57 11.31
C SER A 261 8.76 -28.18 11.24
N GLN A 262 8.81 -27.43 12.33
CA GLN A 262 8.20 -26.09 12.39
C GLN A 262 8.90 -25.04 11.50
N TYR A 263 10.19 -25.25 11.22
CA TYR A 263 10.92 -24.39 10.28
C TYR A 263 10.38 -24.55 8.85
N LYS A 264 10.32 -23.44 8.13
CA LYS A 264 9.72 -23.40 6.78
C LYS A 264 10.50 -24.21 5.76
N TYR A 265 11.84 -24.21 5.86
CA TYR A 265 12.70 -25.01 4.99
C TYR A 265 12.42 -26.51 5.10
N ILE A 266 12.29 -26.99 6.34
CA ILE A 266 12.04 -28.40 6.63
C ILE A 266 10.61 -28.79 6.26
N ARG A 267 9.66 -27.90 6.57
CA ARG A 267 8.25 -28.09 6.19
C ARG A 267 8.05 -28.13 4.68
N SER A 268 8.81 -27.32 3.94
CA SER A 268 8.80 -27.34 2.48
C SER A 268 9.36 -28.64 1.91
N CYS A 269 10.50 -29.08 2.47
CA CYS A 269 11.15 -30.34 2.05
C CYS A 269 10.26 -31.58 2.22
N ILE A 270 9.39 -31.58 3.23
CA ILE A 270 8.42 -32.66 3.46
C ILE A 270 7.35 -32.67 2.35
N MET A 271 6.84 -31.48 2.00
CA MET A 271 5.84 -31.35 0.92
C MET A 271 6.44 -31.63 -0.45
N LEU A 272 7.58 -30.99 -0.75
CA LEU A 272 8.28 -31.18 -2.02
C LEU A 272 8.82 -32.59 -2.21
N GLY A 273 9.18 -33.25 -1.11
CA GLY A 273 9.78 -34.59 -1.14
C GLY A 273 11.26 -34.53 -1.49
N ARG A 274 11.95 -33.54 -0.93
CA ARG A 274 13.39 -33.35 -1.14
C ARG A 274 14.15 -33.70 0.13
N MET A 275 15.43 -33.99 -0.03
CA MET A 275 16.34 -34.19 1.10
C MET A 275 16.67 -32.83 1.71
N PRO A 276 16.36 -32.62 3.01
CA PRO A 276 16.82 -31.39 3.65
C PRO A 276 18.34 -31.43 3.88
N ASN A 277 19.04 -30.42 3.38
CA ASN A 277 20.50 -30.36 3.48
C ASN A 277 20.91 -29.24 4.44
N LEU A 278 21.37 -29.64 5.62
CA LEU A 278 21.87 -28.71 6.65
C LEU A 278 23.39 -28.72 6.66
N MET A 279 23.97 -27.65 7.20
CA MET A 279 25.42 -27.50 7.32
C MET A 279 25.78 -27.33 8.79
N LEU A 280 26.70 -28.18 9.27
CA LEU A 280 27.24 -28.04 10.62
C LEU A 280 28.26 -26.91 10.62
N MET A 281 28.03 -25.92 11.48
CA MET A 281 28.91 -24.75 11.58
C MET A 281 29.05 -24.34 13.05
N ALA A 282 30.22 -23.82 13.41
CA ALA A 282 30.54 -23.49 14.79
C ALA A 282 29.75 -22.27 15.28
N LYS A 283 29.26 -22.35 16.53
CA LYS A 283 28.55 -21.24 17.17
C LYS A 283 29.48 -20.07 17.46
N GLU A 284 30.74 -20.37 17.79
CA GLU A 284 31.77 -19.35 18.02
C GLU A 284 32.14 -18.61 16.72
N SER A 285 32.10 -19.33 15.58
CA SER A 285 32.40 -18.76 14.27
C SER A 285 31.37 -17.72 13.81
N LEU A 286 30.08 -18.02 14.00
CA LEU A 286 28.99 -17.09 13.63
C LEU A 286 28.92 -15.90 14.58
N TYR A 287 29.04 -16.16 15.87
CA TYR A 287 29.01 -15.13 16.91
C TYR A 287 30.12 -14.08 16.75
N SER A 288 31.31 -14.55 16.33
CA SER A 288 32.42 -13.65 16.00
C SER A 288 32.17 -12.84 14.73
N GLN A 289 31.50 -13.44 13.76
CA GLN A 289 31.12 -12.77 12.50
C GLN A 289 30.13 -11.62 12.68
N LEU A 290 29.31 -11.67 13.74
CA LEU A 290 28.34 -10.61 14.02
C LEU A 290 29.01 -9.26 14.32
N PRO A 291 28.32 -8.13 14.02
CA PRO A 291 28.98 -6.83 14.11
C PRO A 291 29.27 -6.32 15.53
N MET A 292 28.36 -6.60 16.48
CA MET A 292 28.39 -6.01 17.83
C MET A 292 28.21 -4.49 17.68
N ASP A 293 27.08 -4.12 17.04
CA ASP A 293 26.82 -2.75 16.59
C ASP A 293 26.57 -1.74 17.71
N CYS A 294 26.60 -0.46 17.35
CA CYS A 294 26.39 0.65 18.27
C CYS A 294 25.18 1.49 17.89
N PHE A 295 24.58 2.15 18.89
CA PHE A 295 23.46 3.06 18.69
C PHE A 295 23.71 4.35 19.49
N THR A 296 24.20 5.38 18.79
CA THR A 296 24.47 6.68 19.40
C THR A 296 23.20 7.53 19.33
N MET A 297 22.87 8.18 20.45
CA MET A 297 21.75 9.13 20.50
C MET A 297 22.17 10.41 19.76
N PRO A 298 21.33 10.90 18.83
CA PRO A 298 21.70 12.07 18.03
C PRO A 298 21.70 13.40 18.80
N SER A 299 22.21 14.45 18.16
CA SER A 299 22.35 15.78 18.79
C SER A 299 21.01 16.48 19.07
N TYR A 300 19.97 16.14 18.31
CA TYR A 300 18.63 16.73 18.49
C TYR A 300 17.81 16.17 19.67
N SER A 301 18.34 15.14 20.35
CA SER A 301 17.68 14.58 21.53
C SER A 301 17.70 15.56 22.71
N GLY A 313 2.75 35.22 29.30
CA GLY A 313 1.60 34.94 30.14
C GLY A 313 1.20 33.47 30.15
N GLU A 314 0.57 33.04 31.24
CA GLU A 314 0.16 31.64 31.43
C GLU A 314 -1.07 31.30 30.59
N THR A 315 -1.14 30.05 30.13
CA THR A 315 -2.22 29.58 29.27
C THR A 315 -3.48 29.26 30.09
N SER A 316 -4.64 29.63 29.57
CA SER A 316 -5.93 29.32 30.18
C SER A 316 -6.54 28.07 29.52
N THR A 317 -6.50 26.94 30.21
CA THR A 317 -6.93 25.65 29.66
C THR A 317 -8.39 25.37 30.01
N LYS A 318 -9.23 25.29 28.99
CA LYS A 318 -10.65 24.99 29.13
C LYS A 318 -10.91 23.55 28.66
N SER A 319 -11.86 22.87 29.29
CA SER A 319 -12.24 21.52 28.86
C SER A 319 -13.25 21.60 27.71
N LEU A 320 -13.27 20.56 26.88
CA LEU A 320 -14.16 20.50 25.70
C LEU A 320 -15.64 20.49 26.10
N TRP A 321 -15.97 19.68 27.10
CA TRP A 321 -17.38 19.51 27.53
C TRP A 321 -17.96 20.71 28.28
N VAL A 322 -17.14 21.70 28.62
CA VAL A 322 -17.60 22.98 29.18
C VAL A 322 -18.15 23.91 28.09
N ILE A 323 -17.62 23.84 26.87
CA ILE A 323 -18.06 24.73 25.76
C ILE A 323 -19.53 24.44 25.41
N ASN A 324 -20.40 25.42 25.69
CA ASN A 324 -21.81 25.34 25.36
C ASN A 324 -22.05 26.08 24.04
N SER A 325 -21.77 25.39 22.93
CA SER A 325 -21.88 25.97 21.60
C SER A 325 -21.88 24.89 20.52
N ALA A 326 -22.64 25.14 19.43
CA ALA A 326 -22.62 24.27 18.25
C ALA A 326 -21.37 24.56 17.43
N LEU A 327 -20.89 23.55 16.69
CA LEU A 327 -19.70 23.70 15.85
C LEU A 327 -20.01 24.56 14.63
N ARG A 328 -19.15 25.54 14.37
CA ARG A 328 -19.26 26.40 13.20
C ARG A 328 -17.88 26.76 12.67
N ILE A 329 -17.70 26.64 11.35
CA ILE A 329 -16.41 26.84 10.68
C ILE A 329 -16.62 27.80 9.52
N LYS A 330 -15.82 28.88 9.49
CA LYS A 330 -15.90 29.89 8.43
C LYS A 330 -14.96 29.53 7.29
N ILE A 331 -15.49 29.49 6.07
CA ILE A 331 -14.70 29.34 4.86
C ILE A 331 -14.48 30.74 4.29
N LEU A 332 -13.23 31.22 4.37
CA LEU A 332 -12.90 32.59 3.95
C LEU A 332 -12.80 32.68 2.42
N CYS A 333 -11.82 31.99 1.84
CA CYS A 333 -11.54 32.09 0.41
C CYS A 333 -10.65 30.96 -0.10
N ALA A 334 -10.70 30.74 -1.41
CA ALA A 334 -9.79 29.83 -2.10
C ALA A 334 -8.95 30.66 -3.07
N THR A 335 -7.63 30.48 -3.03
CA THR A 335 -6.70 31.34 -3.78
C THR A 335 -6.90 31.22 -5.28
N TYR A 336 -6.84 29.98 -5.78
CA TYR A 336 -7.14 29.70 -7.17
C TYR A 336 -7.54 28.23 -7.36
N VAL A 337 -8.02 27.92 -8.56
CA VAL A 337 -8.32 26.54 -8.94
C VAL A 337 -8.30 26.41 -10.48
N ASN A 338 -7.73 25.31 -10.97
CA ASN A 338 -7.53 25.12 -12.41
C ASN A 338 -8.84 24.69 -13.07
N VAL A 339 -9.67 25.69 -13.34
CA VAL A 339 -10.99 25.52 -13.94
C VAL A 339 -11.08 26.36 -15.22
N ASN A 340 -11.70 25.78 -16.25
CA ASN A 340 -12.04 26.52 -17.46
C ASN A 340 -13.39 27.22 -17.24
N ILE A 341 -13.36 28.56 -17.21
CA ILE A 341 -14.57 29.38 -17.02
C ILE A 341 -15.75 29.06 -17.97
N ARG A 342 -15.43 28.65 -19.19
CA ARG A 342 -16.43 28.32 -20.21
C ARG A 342 -17.19 27.02 -19.90
N ASP A 343 -16.45 25.97 -19.56
CA ASP A 343 -17.02 24.61 -19.41
C ASP A 343 -17.76 24.39 -18.08
N ILE A 344 -17.31 25.03 -17.00
CA ILE A 344 -17.90 24.87 -15.67
C ILE A 344 -18.88 26.01 -15.37
N ASP A 345 -20.04 25.65 -14.80
CA ASP A 345 -21.09 26.63 -14.46
C ASP A 345 -20.75 27.40 -13.18
N LYS A 346 -20.55 26.66 -12.09
CA LYS A 346 -20.26 27.23 -10.77
C LYS A 346 -19.24 26.37 -10.02
N ILE A 347 -18.63 26.96 -8.99
CA ILE A 347 -17.79 26.23 -8.04
C ILE A 347 -18.19 26.55 -6.60
N TYR A 348 -17.97 25.59 -5.70
CA TYR A 348 -18.31 25.74 -4.29
C TYR A 348 -17.42 24.88 -3.39
N VAL A 349 -17.51 25.15 -2.09
CA VAL A 349 -16.71 24.44 -1.09
C VAL A 349 -17.61 23.49 -0.29
N ARG A 350 -17.51 22.19 -0.59
CA ARG A 350 -18.22 21.14 0.14
C ARG A 350 -17.41 20.79 1.39
N THR A 351 -18.10 20.67 2.53
CA THR A 351 -17.48 20.32 3.81
C THR A 351 -18.30 19.27 4.56
N GLY A 352 -17.69 18.69 5.59
CA GLY A 352 -18.38 17.72 6.44
C GLY A 352 -17.55 17.29 7.64
N ILE A 353 -18.23 17.00 8.75
CA ILE A 353 -17.60 16.48 9.96
C ILE A 353 -17.71 14.96 9.91
N TYR A 354 -16.55 14.28 9.98
CA TYR A 354 -16.47 12.83 9.79
C TYR A 354 -15.78 12.14 10.95
N HIS A 355 -16.30 10.99 11.35
CA HIS A 355 -15.62 10.03 12.22
C HIS A 355 -15.22 8.84 11.35
N GLY A 356 -14.01 8.89 10.80
CA GLY A 356 -13.54 7.91 9.85
C GLY A 356 -14.23 8.11 8.50
N GLY A 357 -15.00 7.10 8.08
CA GLY A 357 -15.82 7.18 6.87
C GLY A 357 -17.23 7.72 7.12
N GLU A 358 -17.75 7.48 8.32
CA GLU A 358 -19.11 7.90 8.70
C GLU A 358 -19.16 9.42 8.93
N PRO A 359 -20.09 10.13 8.27
CA PRO A 359 -20.35 11.52 8.65
C PRO A 359 -21.07 11.62 9.99
N LEU A 360 -20.56 12.46 10.89
CA LEU A 360 -21.18 12.68 12.20
C LEU A 360 -22.44 13.56 12.14
N CYS A 361 -22.57 14.34 11.06
CA CYS A 361 -23.74 15.19 10.84
C CYS A 361 -23.94 15.42 9.34
N ASP A 362 -24.94 16.23 8.98
CA ASP A 362 -25.21 16.57 7.58
C ASP A 362 -24.05 17.37 7.00
N ASN A 363 -23.63 17.02 5.78
CA ASN A 363 -22.57 17.75 5.08
C ASN A 363 -23.09 19.13 4.65
N VAL A 364 -22.29 20.16 4.92
CA VAL A 364 -22.68 21.55 4.68
C VAL A 364 -21.86 22.12 3.52
N ASN A 365 -22.53 22.87 2.65
CA ASN A 365 -21.88 23.51 1.49
C ASN A 365 -21.93 25.03 1.62
N THR A 366 -20.98 25.69 0.97
CA THR A 366 -20.97 27.15 0.83
C THR A 366 -21.88 27.56 -0.33
N GLN A 367 -22.11 28.86 -0.45
CA GLN A 367 -22.90 29.40 -1.56
C GLN A 367 -22.14 29.28 -2.88
N ARG A 368 -22.88 29.11 -3.98
CA ARG A 368 -22.28 28.90 -5.29
C ARG A 368 -21.84 30.22 -5.90
N VAL A 369 -20.54 30.35 -6.16
CA VAL A 369 -19.93 31.59 -6.67
C VAL A 369 -19.21 31.33 -8.02
N PRO A 370 -18.89 32.38 -8.78
CA PRO A 370 -18.18 32.18 -10.06
C PRO A 370 -16.75 31.64 -9.92
N CYS A 371 -16.24 31.07 -11.00
CA CYS A 371 -14.87 30.55 -11.06
C CYS A 371 -13.80 31.64 -11.09
N SER A 372 -14.18 32.83 -11.57
CA SER A 372 -13.26 33.98 -11.66
C SER A 372 -12.81 34.48 -10.29
N ASN A 373 -13.77 34.63 -9.38
CA ASN A 373 -13.51 35.10 -8.01
C ASN A 373 -13.98 34.04 -7.00
N PRO A 374 -13.07 33.12 -6.58
CA PRO A 374 -13.41 32.20 -5.50
C PRO A 374 -13.27 32.90 -4.13
N ARG A 375 -14.41 33.31 -3.58
CA ARG A 375 -14.45 34.02 -2.30
C ARG A 375 -15.85 33.89 -1.71
N TRP A 376 -15.93 33.57 -0.41
CA TRP A 376 -17.21 33.25 0.24
C TRP A 376 -17.43 34.05 1.52
N ASN A 377 -16.59 33.83 2.54
CA ASN A 377 -16.71 34.48 3.85
C ASN A 377 -18.09 34.28 4.49
N GLU A 378 -18.35 33.06 4.96
CA GLU A 378 -19.61 32.72 5.65
C GLU A 378 -19.41 31.63 6.69
N TRP A 379 -20.02 31.81 7.86
CA TRP A 379 -19.98 30.81 8.93
C TRP A 379 -20.93 29.66 8.62
N LEU A 380 -20.37 28.49 8.31
CA LEU A 380 -21.15 27.29 8.06
C LEU A 380 -21.52 26.64 9.39
N ASN A 381 -22.83 26.43 9.61
CA ASN A 381 -23.34 25.85 10.86
C ASN A 381 -23.60 24.35 10.70
N TYR A 382 -22.89 23.55 11.50
CA TYR A 382 -23.07 22.09 11.51
C TYR A 382 -23.95 21.68 12.68
N ASP A 383 -24.90 20.77 12.43
CA ASP A 383 -25.81 20.30 13.50
C ASP A 383 -25.13 19.25 14.39
N ILE A 384 -24.25 19.74 15.25
CA ILE A 384 -23.56 18.92 16.26
C ILE A 384 -23.02 19.80 17.39
N TYR A 385 -23.22 19.33 18.62
CA TYR A 385 -22.83 20.05 19.82
C TYR A 385 -21.35 19.76 20.10
N ILE A 386 -20.56 20.80 20.33
CA ILE A 386 -19.09 20.68 20.46
C ILE A 386 -18.62 19.60 21.46
N PRO A 387 -19.29 19.47 22.62
CA PRO A 387 -19.01 18.34 23.52
C PRO A 387 -19.23 16.95 22.92
N ASP A 388 -20.24 16.80 22.06
CA ASP A 388 -20.51 15.52 21.40
C ASP A 388 -19.54 15.13 20.27
N LEU A 389 -18.62 16.02 19.89
CA LEU A 389 -17.54 15.68 18.96
C LEU A 389 -16.64 14.58 19.55
N PRO A 390 -16.49 13.44 18.83
CA PRO A 390 -15.60 12.38 19.33
C PRO A 390 -14.12 12.73 19.14
N ARG A 391 -13.25 11.96 19.80
CA ARG A 391 -11.81 12.24 19.83
C ARG A 391 -11.16 12.21 18.44
N ALA A 392 -11.64 11.34 17.55
CA ALA A 392 -11.09 11.20 16.20
C ALA A 392 -11.92 11.91 15.12
N ALA A 393 -12.60 13.00 15.48
CA ALA A 393 -13.43 13.76 14.55
C ALA A 393 -12.56 14.57 13.59
N ARG A 394 -12.97 14.64 12.32
CA ARG A 394 -12.17 15.25 11.26
C ARG A 394 -13.04 16.12 10.34
N LEU A 395 -12.51 17.29 9.99
CA LEU A 395 -13.12 18.15 8.97
C LEU A 395 -12.62 17.70 7.61
N CYS A 396 -13.50 17.04 6.85
CA CYS A 396 -13.22 16.69 5.45
C CYS A 396 -13.86 17.75 4.56
N LEU A 397 -13.09 18.25 3.59
CA LEU A 397 -13.57 19.29 2.68
C LEU A 397 -12.96 19.19 1.28
N SER A 398 -13.60 19.87 0.34
CA SER A 398 -13.16 19.88 -1.06
C SER A 398 -13.74 21.08 -1.81
N ILE A 399 -13.09 21.44 -2.91
CA ILE A 399 -13.63 22.43 -3.85
C ILE A 399 -14.21 21.63 -5.03
N CYS A 400 -15.50 21.83 -5.29
CA CYS A 400 -16.24 21.06 -6.29
C CYS A 400 -16.76 21.96 -7.41
N SER A 401 -16.73 21.43 -8.65
CA SER A 401 -17.29 22.10 -9.82
C SER A 401 -18.68 21.57 -10.14
N VAL A 402 -19.50 22.40 -10.79
CA VAL A 402 -20.88 22.06 -11.15
C VAL A 402 -21.10 22.28 -12.65
N LYS A 403 -21.88 21.40 -13.27
CA LYS A 403 -22.16 21.48 -14.71
C LYS A 403 -23.55 20.95 -15.04
N GLY A 407 -32.62 19.60 -18.52
CA GLY A 407 -33.70 20.21 -17.73
C GLY A 407 -33.43 20.15 -16.24
N ALA A 408 -32.71 21.15 -15.73
CA ALA A 408 -32.35 21.27 -14.31
C ALA A 408 -31.54 20.09 -13.76
N LYS A 409 -30.64 19.56 -14.59
CA LYS A 409 -29.70 18.49 -14.20
C LYS A 409 -28.28 19.02 -14.20
N GLU A 410 -27.42 18.42 -13.37
CA GLU A 410 -26.07 18.92 -13.14
C GLU A 410 -25.15 17.86 -12.55
N GLU A 411 -23.92 17.78 -13.08
CA GLU A 411 -22.91 16.82 -12.63
C GLU A 411 -21.93 17.52 -11.70
N HIS A 412 -21.76 16.98 -10.49
CA HIS A 412 -20.83 17.51 -9.49
C HIS A 412 -19.52 16.71 -9.54
N CYS A 413 -18.39 17.41 -9.52
CA CYS A 413 -17.06 16.79 -9.62
C CYS A 413 -16.06 17.45 -8.66
N PRO A 414 -15.21 16.63 -8.00
CA PRO A 414 -14.18 17.18 -7.12
C PRO A 414 -12.99 17.74 -7.90
N LEU A 415 -12.56 18.94 -7.54
CA LEU A 415 -11.37 19.58 -8.15
C LEU A 415 -10.14 19.32 -7.31
N ALA A 416 -10.25 19.60 -6.00
CA ALA A 416 -9.19 19.30 -5.03
C ALA A 416 -9.81 19.00 -3.68
N TRP A 417 -9.07 18.27 -2.84
CA TRP A 417 -9.56 17.78 -1.53
C TRP A 417 -8.53 18.00 -0.43
N GLY A 418 -9.02 17.98 0.82
CA GLY A 418 -8.16 18.11 1.99
C GLY A 418 -8.92 17.79 3.28
N ASN A 419 -8.22 17.16 4.23
CA ASN A 419 -8.80 16.76 5.52
C ASN A 419 -7.98 17.36 6.67
N ILE A 420 -8.67 17.81 7.72
CA ILE A 420 -8.05 18.35 8.93
C ILE A 420 -8.56 17.59 10.15
N ASN A 421 -7.66 17.18 11.03
CA ASN A 421 -8.03 16.63 12.34
C ASN A 421 -8.53 17.78 13.22
N LEU A 422 -9.74 17.65 13.76
CA LEU A 422 -10.31 18.70 14.63
C LEU A 422 -9.52 18.85 15.93
N PHE A 423 -9.03 17.73 16.47
CA PHE A 423 -8.12 17.74 17.61
C PHE A 423 -6.71 17.35 17.16
N ASP A 424 -5.71 18.08 17.65
CA ASP A 424 -4.31 17.80 17.30
C ASP A 424 -3.74 16.64 18.14
N TYR A 425 -2.46 16.33 17.94
CA TYR A 425 -1.80 15.20 18.62
C TYR A 425 -1.71 15.32 20.16
N THR A 426 -1.80 16.55 20.68
CA THR A 426 -1.85 16.81 22.12
C THR A 426 -3.29 17.03 22.66
N ASP A 427 -4.28 16.42 22.01
CA ASP A 427 -5.70 16.48 22.41
C ASP A 427 -6.33 17.90 22.42
N THR A 428 -5.75 18.82 21.65
CA THR A 428 -6.19 20.24 21.64
C THR A 428 -7.05 20.52 20.41
N LEU A 429 -8.23 21.10 20.63
CA LEU A 429 -9.13 21.48 19.55
C LEU A 429 -8.53 22.63 18.73
N VAL A 430 -8.66 22.55 17.40
CA VAL A 430 -8.18 23.62 16.52
C VAL A 430 -8.99 24.90 16.68
N SER A 431 -8.30 26.03 16.55
CA SER A 431 -8.90 27.36 16.71
C SER A 431 -8.20 28.39 15.82
N GLY A 432 -8.89 29.49 15.56
CA GLY A 432 -8.34 30.58 14.75
C GLY A 432 -8.25 30.27 13.27
N LYS A 433 -7.47 31.08 12.56
CA LYS A 433 -7.26 30.91 11.13
C LYS A 433 -6.21 29.85 10.83
N MET A 434 -6.41 29.13 9.73
CA MET A 434 -5.38 28.26 9.16
C MET A 434 -5.59 28.06 7.66
N ALA A 435 -4.49 27.86 6.94
CA ALA A 435 -4.50 27.68 5.49
C ALA A 435 -4.26 26.21 5.17
N LEU A 436 -5.12 25.64 4.32
CA LEU A 436 -5.01 24.25 3.89
C LEU A 436 -4.79 24.18 2.38
N ASN A 437 -3.57 23.82 1.98
CA ASN A 437 -3.26 23.54 0.57
C ASN A 437 -3.82 22.17 0.21
N LEU A 438 -4.73 22.14 -0.77
CA LEU A 438 -5.49 20.94 -1.11
C LEU A 438 -4.72 20.03 -2.06
N TRP A 439 -5.06 18.74 -2.02
CA TRP A 439 -4.37 17.71 -2.82
C TRP A 439 -5.09 17.48 -4.15
N PRO A 440 -4.36 16.96 -5.16
CA PRO A 440 -5.01 16.44 -6.37
C PRO A 440 -5.95 15.26 -6.07
N VAL A 441 -7.03 15.15 -6.84
CA VAL A 441 -7.99 14.06 -6.65
C VAL A 441 -7.38 12.77 -7.21
N PRO A 442 -7.49 11.64 -6.46
CA PRO A 442 -6.95 10.38 -6.98
C PRO A 442 -7.64 9.89 -8.24
N HIS A 443 -6.92 9.09 -9.03
CA HIS A 443 -7.44 8.56 -10.29
C HIS A 443 -8.62 7.62 -10.06
N GLY A 444 -9.80 8.02 -10.53
CA GLY A 444 -11.02 7.21 -10.42
C GLY A 444 -11.98 7.61 -9.31
N LEU A 445 -11.54 8.47 -8.38
CA LEU A 445 -12.39 8.90 -7.26
C LEU A 445 -13.44 9.90 -7.74
N GLU A 446 -14.71 9.47 -7.72
CA GLU A 446 -15.84 10.30 -8.10
C GLU A 446 -16.58 10.90 -6.90
N ASP A 447 -16.19 10.51 -5.68
CA ASP A 447 -16.78 11.08 -4.46
C ASP A 447 -16.38 12.54 -4.31
N LEU A 448 -17.30 13.36 -3.80
CA LEU A 448 -17.06 14.81 -3.65
C LEU A 448 -16.06 15.08 -2.53
N LEU A 449 -16.20 14.35 -1.42
CA LEU A 449 -15.20 14.36 -0.34
C LEU A 449 -14.37 13.09 -0.38
N ASN A 450 -13.19 13.14 0.27
CA ASN A 450 -12.30 11.99 0.39
C ASN A 450 -11.94 11.80 1.87
N PRO A 451 -12.88 11.26 2.68
CA PRO A 451 -12.62 11.04 4.11
C PRO A 451 -11.61 9.92 4.43
N ILE A 452 -11.40 8.99 3.50
CA ILE A 452 -10.43 7.91 3.68
C ILE A 452 -8.98 8.42 3.60
N GLY A 453 -8.74 9.45 2.79
CA GLY A 453 -7.41 9.99 2.56
C GLY A 453 -6.74 10.65 3.75
N VAL A 454 -5.45 10.95 3.59
CA VAL A 454 -4.62 11.49 4.68
C VAL A 454 -5.03 12.90 5.10
N THR A 455 -4.78 13.23 6.36
CA THR A 455 -4.99 14.59 6.88
C THR A 455 -3.70 15.40 6.77
N GLY A 456 -3.84 16.72 6.89
CA GLY A 456 -2.71 17.65 6.81
C GLY A 456 -2.61 18.34 5.47
N SER A 457 -1.90 19.47 5.47
CA SER A 457 -1.76 20.32 4.28
C SER A 457 -0.79 19.71 3.26
N ASN A 458 -0.97 20.09 1.99
CA ASN A 458 -0.05 19.70 0.92
C ASN A 458 1.26 20.48 1.11
N PRO A 459 2.42 19.79 1.13
CA PRO A 459 3.69 20.51 1.22
C PRO A 459 3.96 21.41 0.00
N ASN A 460 3.53 20.98 -1.18
CA ASN A 460 3.57 21.82 -2.39
C ASN A 460 2.59 22.98 -2.21
N LYS A 461 3.13 24.21 -2.19
CA LYS A 461 2.35 25.42 -1.96
C LYS A 461 1.84 26.07 -3.25
N GLU A 462 2.54 25.84 -4.37
CA GLU A 462 2.01 26.16 -5.70
C GLU A 462 0.85 25.22 -5.98
N THR A 463 -0.32 25.58 -5.42
CA THR A 463 -1.42 24.63 -5.20
C THR A 463 -2.68 25.40 -4.73
N PRO A 464 -3.89 24.90 -5.07
CA PRO A 464 -5.12 25.47 -4.52
C PRO A 464 -5.14 25.51 -2.99
N CYS A 465 -5.27 26.71 -2.42
CA CYS A 465 -5.19 26.93 -0.98
C CYS A 465 -6.49 27.50 -0.42
N LEU A 466 -7.19 26.71 0.39
CA LEU A 466 -8.44 27.11 1.01
C LEU A 466 -8.18 27.74 2.39
N GLU A 467 -8.51 29.02 2.52
CA GLU A 467 -8.42 29.74 3.79
C GLU A 467 -9.69 29.50 4.61
N LEU A 468 -9.52 29.11 5.88
CA LEU A 468 -10.66 28.89 6.78
C LEU A 468 -10.35 29.34 8.21
N GLU A 469 -11.41 29.58 8.98
CA GLU A 469 -11.31 30.10 10.35
C GLU A 469 -12.21 29.32 11.31
N PHE A 470 -11.62 28.75 12.35
CA PHE A 470 -12.34 28.08 13.42
C PHE A 470 -12.60 29.07 14.56
N ASP A 471 -13.53 28.72 15.45
CA ASP A 471 -13.84 29.57 16.61
C ASP A 471 -12.69 29.62 17.60
N TRP A 472 -12.68 30.69 18.40
CA TRP A 472 -11.70 30.90 19.45
C TRP A 472 -12.47 31.23 20.73
N PHE A 473 -12.46 30.28 21.68
CA PHE A 473 -13.16 30.42 22.96
C PHE A 473 -12.15 30.79 24.03
N SER A 474 -11.12 29.96 24.15
CA SER A 474 -9.96 30.21 25.00
C SER A 474 -8.69 29.99 24.16
N SER A 475 -7.53 30.10 24.80
CA SER A 475 -6.26 29.82 24.13
C SER A 475 -6.10 28.33 23.80
N VAL A 476 -6.53 27.48 24.73
CA VAL A 476 -6.40 26.01 24.60
C VAL A 476 -7.68 25.32 25.10
N VAL A 477 -8.35 24.59 24.19
CA VAL A 477 -9.50 23.76 24.53
C VAL A 477 -9.11 22.28 24.39
N LYS A 478 -9.04 21.57 25.52
CA LYS A 478 -8.55 20.18 25.56
C LYS A 478 -9.69 19.14 25.59
N PHE A 479 -9.41 17.98 25.01
CA PHE A 479 -10.29 16.82 25.14
C PHE A 479 -10.07 16.22 26.54
N PRO A 480 -11.15 15.82 27.24
CA PRO A 480 -10.99 15.39 28.65
C PRO A 480 -10.20 14.09 28.84
N ASP A 481 -9.69 13.91 30.07
CA ASP A 481 -8.96 12.70 30.45
C ASP A 481 -9.89 11.52 30.64
N MET A 482 -9.30 10.33 30.70
CA MET A 482 -10.05 9.07 30.85
C MET A 482 -10.81 8.99 32.18
N SER A 483 -10.24 9.57 33.24
CA SER A 483 -10.90 9.64 34.55
C SER A 483 -12.17 10.50 34.52
N VAL A 484 -12.18 11.56 33.71
CA VAL A 484 -13.36 12.42 33.51
C VAL A 484 -14.40 11.70 32.64
N ILE A 485 -13.93 10.93 31.67
CA ILE A 485 -14.81 10.15 30.78
C ILE A 485 -15.52 9.02 31.53
N GLU A 486 -14.81 8.35 32.44
CA GLU A 486 -15.42 7.37 33.35
C GLU A 486 -16.47 7.99 34.26
N GLU A 487 -16.19 9.22 34.72
CA GLU A 487 -17.10 9.97 35.59
C GLU A 487 -18.44 10.26 34.89
N HIS A 488 -18.36 10.70 33.63
CA HIS A 488 -19.54 10.95 32.80
C HIS A 488 -20.26 9.66 32.37
N ALA A 489 -19.48 8.59 32.15
CA ALA A 489 -20.03 7.27 31.76
C ALA A 489 -20.93 6.65 32.83
N ASN A 490 -20.49 6.72 34.08
CA ASN A 490 -21.30 6.26 35.22
C ASN A 490 -22.55 7.13 35.42
N TRP A 491 -22.38 8.44 35.22
CA TRP A 491 -23.48 9.40 35.29
C TRP A 491 -24.52 9.19 34.17
N SER A 492 -24.06 8.79 32.98
CA SER A 492 -24.94 8.57 31.82
C SER A 492 -25.88 7.37 32.00
N VAL A 493 -25.31 6.23 32.39
CA VAL A 493 -26.09 5.01 32.60
C VAL A 493 -27.03 5.08 33.83
N SER A 494 -26.70 5.95 34.79
CA SER A 494 -27.56 6.20 35.96
C SER A 494 -28.90 6.81 35.56
N ARG A 495 -28.87 7.81 34.67
CA ARG A 495 -30.08 8.43 34.13
C ARG A 495 -30.91 7.51 33.24
N GLU A 496 -30.25 6.54 32.59
CA GLU A 496 -30.93 5.51 31.80
C GLU A 496 -31.70 4.55 32.71
N ALA A 497 -33.02 4.78 32.81
CA ALA A 497 -33.92 3.95 33.62
C ALA A 497 -33.52 3.86 35.09
N ARG A 509 -23.08 -3.34 37.35
CA ARG A 509 -24.06 -4.17 38.04
C ARG A 509 -25.32 -4.47 37.20
N LEU A 510 -25.57 -3.66 36.16
CA LEU A 510 -26.69 -3.89 35.23
C LEU A 510 -26.45 -5.09 34.30
N ALA A 511 -25.19 -5.52 34.16
CA ALA A 511 -24.84 -6.72 33.38
C ALA A 511 -25.47 -8.00 33.94
N ARG A 512 -25.52 -8.10 35.28
CA ARG A 512 -26.06 -9.29 35.97
C ARG A 512 -27.39 -9.03 36.70
N ASP A 513 -27.99 -7.86 36.49
CA ASP A 513 -29.28 -7.50 37.09
C ASP A 513 -30.42 -8.21 36.34
N ASN A 514 -30.45 -8.03 35.02
CA ASN A 514 -31.39 -8.75 34.15
C ASN A 514 -30.72 -10.01 33.60
N GLU A 515 -31.53 -11.02 33.29
CA GLU A 515 -31.04 -12.32 32.84
C GLU A 515 -31.06 -12.42 31.30
N LEU A 516 -29.95 -12.89 30.73
CA LEU A 516 -29.83 -13.01 29.27
C LEU A 516 -30.58 -14.23 28.75
N ARG A 517 -31.59 -14.01 27.92
CA ARG A 517 -32.43 -15.08 27.38
C ARG A 517 -31.74 -15.84 26.25
N GLU A 518 -32.31 -17.00 25.91
CA GLU A 518 -31.77 -17.87 24.85
C GLU A 518 -32.00 -17.30 23.45
N ASN A 519 -33.17 -16.68 23.23
CA ASN A 519 -33.49 -16.04 21.96
C ASN A 519 -32.54 -14.87 21.65
N ASP A 520 -32.17 -14.13 22.69
CA ASP A 520 -31.19 -13.03 22.57
C ASP A 520 -29.76 -13.54 22.38
N LYS A 521 -29.42 -14.63 23.06
CA LYS A 521 -28.09 -15.24 22.98
C LYS A 521 -27.78 -15.80 21.57
N GLU A 522 -28.80 -16.34 20.91
CA GLU A 522 -28.66 -16.82 19.53
C GLU A 522 -28.51 -15.69 18.51
N GLN A 523 -29.16 -14.55 18.76
CA GLN A 523 -29.07 -13.38 17.87
C GLN A 523 -27.68 -12.75 17.86
N LEU A 524 -27.02 -12.73 19.01
CA LEU A 524 -25.65 -12.22 19.12
C LEU A 524 -24.65 -13.03 18.29
N LYS A 525 -24.85 -14.35 18.22
CA LYS A 525 -24.07 -15.23 17.35
C LYS A 525 -24.38 -15.01 15.87
N ALA A 526 -25.65 -14.81 15.54
CA ALA A 526 -26.09 -14.55 14.17
C ALA A 526 -25.58 -13.22 13.62
N ILE A 527 -25.44 -12.22 14.49
CA ILE A 527 -24.90 -10.91 14.11
C ILE A 527 -23.36 -10.96 13.94
N SER A 528 -22.67 -11.73 14.79
CA SER A 528 -21.21 -11.88 14.68
C SER A 528 -20.75 -12.61 13.41
N THR A 529 -21.61 -13.48 12.86
CA THR A 529 -21.31 -14.20 11.61
C THR A 529 -21.35 -13.31 10.36
N ARG A 530 -21.99 -12.14 10.44
CA ARG A 530 -21.96 -11.16 9.34
C ARG A 530 -20.52 -10.70 9.06
N ASP A 531 -20.16 -10.63 7.77
CA ASP A 531 -18.83 -10.15 7.36
C ASP A 531 -18.71 -8.64 7.62
N PRO A 532 -17.46 -8.10 7.70
CA PRO A 532 -17.23 -6.68 7.98
C PRO A 532 -18.10 -5.68 7.21
N LEU A 533 -18.26 -5.88 5.90
CA LEU A 533 -19.03 -4.95 5.06
C LEU A 533 -20.52 -5.26 4.97
N SER A 534 -20.97 -6.38 5.54
CA SER A 534 -22.40 -6.66 5.69
C SER A 534 -22.96 -5.72 6.76
N GLU A 535 -23.74 -4.75 6.31
CA GLU A 535 -24.18 -3.64 7.15
C GLU A 535 -25.23 -4.09 8.18
N ILE A 536 -24.96 -3.82 9.45
CA ILE A 536 -25.94 -4.10 10.53
C ILE A 536 -27.14 -3.15 10.43
N THR A 537 -28.34 -3.69 10.70
CA THR A 537 -29.59 -2.93 10.59
C THR A 537 -29.82 -2.09 11.85
N GLU A 538 -30.78 -1.17 11.76
CA GLU A 538 -31.11 -0.29 12.88
C GLU A 538 -31.75 -1.02 14.06
N GLN A 539 -32.43 -2.13 13.79
CA GLN A 539 -32.91 -3.04 14.84
C GLN A 539 -31.73 -3.71 15.53
N GLU A 540 -30.79 -4.22 14.74
CA GLU A 540 -29.57 -4.84 15.24
C GLU A 540 -28.65 -3.86 15.99
N LYS A 541 -28.59 -2.61 15.52
CA LYS A 541 -27.83 -1.56 16.23
C LYS A 541 -28.42 -1.28 17.61
N ASP A 542 -29.73 -1.11 17.67
CA ASP A 542 -30.45 -0.91 18.95
C ASP A 542 -30.33 -2.13 19.86
N PHE A 543 -30.35 -3.32 19.26
CA PHE A 543 -30.20 -4.57 20.01
C PHE A 543 -28.79 -4.74 20.58
N LEU A 544 -27.78 -4.52 19.73
CA LEU A 544 -26.36 -4.61 20.15
C LEU A 544 -26.03 -3.62 21.27
N TRP A 545 -26.56 -2.40 21.18
CA TRP A 545 -26.36 -1.39 22.20
C TRP A 545 -27.12 -1.72 23.49
N SER A 546 -28.36 -2.18 23.36
CA SER A 546 -29.17 -2.62 24.51
C SER A 546 -28.50 -3.74 25.31
N HIS A 547 -27.79 -4.63 24.62
CA HIS A 547 -27.07 -5.74 25.25
C HIS A 547 -25.55 -5.55 25.19
N ARG A 548 -25.09 -4.29 25.30
CA ARG A 548 -23.66 -3.97 25.24
C ARG A 548 -22.82 -4.58 26.37
N HIS A 549 -23.43 -4.71 27.54
CA HIS A 549 -22.78 -5.33 28.70
C HIS A 549 -22.66 -6.86 28.55
N TYR A 550 -23.63 -7.47 27.89
CA TYR A 550 -23.61 -8.92 27.61
C TYR A 550 -22.65 -9.30 26.48
N CYS A 551 -22.31 -8.34 25.62
CA CYS A 551 -21.42 -8.59 24.46
C CYS A 551 -20.00 -9.05 24.79
N VAL A 552 -19.54 -8.79 26.03
CA VAL A 552 -18.21 -9.27 26.48
C VAL A 552 -18.08 -10.80 26.47
N THR A 553 -19.18 -11.52 26.63
CA THR A 553 -19.19 -13.00 26.55
C THR A 553 -18.83 -13.54 25.16
N ILE A 554 -19.09 -12.74 24.12
CA ILE A 554 -18.74 -13.06 22.74
C ILE A 554 -17.87 -11.89 22.19
N PRO A 555 -16.58 -11.83 22.62
CA PRO A 555 -15.72 -10.66 22.35
C PRO A 555 -15.41 -10.36 20.87
N GLU A 556 -15.59 -11.34 19.99
CA GLU A 556 -15.47 -11.13 18.54
C GLU A 556 -16.58 -10.25 17.92
N ILE A 557 -17.63 -9.92 18.69
CA ILE A 557 -18.69 -9.00 18.26
C ILE A 557 -18.35 -7.51 18.44
N LEU A 558 -17.15 -7.20 18.98
CA LEU A 558 -16.72 -5.80 19.21
C LEU A 558 -16.84 -4.86 17.99
N PRO A 559 -16.41 -5.29 16.79
CA PRO A 559 -16.58 -4.43 15.61
C PRO A 559 -18.05 -4.14 15.24
N LYS A 560 -18.95 -5.10 15.47
CA LYS A 560 -20.39 -4.87 15.31
C LYS A 560 -20.93 -3.91 16.37
N LEU A 561 -20.49 -4.09 17.61
CA LEU A 561 -20.90 -3.23 18.73
C LEU A 561 -20.42 -1.78 18.55
N LEU A 562 -19.21 -1.61 18.00
CA LEU A 562 -18.64 -0.28 17.74
C LEU A 562 -19.38 0.50 16.64
N LEU A 563 -19.86 -0.22 15.62
CA LEU A 563 -20.68 0.39 14.55
C LEU A 563 -22.08 0.81 15.04
N SER A 564 -22.56 0.19 16.12
CA SER A 564 -23.84 0.54 16.75
C SER A 564 -23.79 1.79 17.64
N VAL A 565 -22.59 2.21 18.04
CA VAL A 565 -22.43 3.38 18.91
C VAL A 565 -22.72 4.67 18.14
N LYS A 566 -23.49 5.57 18.77
CA LYS A 566 -23.57 6.96 18.31
C LYS A 566 -22.26 7.65 18.63
N TRP A 567 -21.40 7.77 17.63
CA TRP A 567 -20.13 8.50 17.78
C TRP A 567 -20.31 10.02 17.84
N ASN A 568 -21.49 10.51 17.44
CA ASN A 568 -21.90 11.91 17.65
C ASN A 568 -22.68 12.09 18.98
N SER A 569 -22.25 11.41 20.03
CA SER A 569 -22.90 11.44 21.34
C SER A 569 -21.90 11.02 22.41
N ARG A 570 -21.45 11.99 23.21
CA ARG A 570 -20.47 11.73 24.28
C ARG A 570 -20.96 10.77 25.37
N ASP A 571 -22.28 10.66 25.53
CA ASP A 571 -22.88 9.69 26.47
C ASP A 571 -22.50 8.26 26.09
N GLU A 572 -22.82 7.89 24.86
CA GLU A 572 -22.57 6.52 24.36
C GLU A 572 -21.08 6.20 24.16
N VAL A 573 -20.32 7.20 23.72
CA VAL A 573 -18.86 7.03 23.53
C VAL A 573 -18.15 6.87 24.88
N ALA A 574 -18.57 7.63 25.89
CA ALA A 574 -18.02 7.50 27.24
C ALA A 574 -18.27 6.11 27.83
N GLN A 575 -19.49 5.59 27.62
CA GLN A 575 -19.85 4.24 28.06
C GLN A 575 -19.12 3.14 27.28
N MET A 576 -18.87 3.38 25.98
CA MET A 576 -18.10 2.44 25.15
C MET A 576 -16.63 2.41 25.55
N TYR A 577 -16.05 3.59 25.77
CA TYR A 577 -14.68 3.73 26.28
C TYR A 577 -14.38 2.85 27.51
N CYS A 578 -15.34 2.77 28.43
CA CYS A 578 -15.21 1.93 29.63
C CYS A 578 -15.25 0.43 29.33
N LEU A 579 -16.12 0.02 28.40
CA LEU A 579 -16.19 -1.37 27.93
C LEU A 579 -14.91 -1.78 27.18
N VAL A 580 -14.45 -0.90 26.29
CA VAL A 580 -13.23 -1.13 25.51
C VAL A 580 -11.98 -1.27 26.40
N LYS A 581 -11.95 -0.52 27.51
CA LYS A 581 -10.81 -0.52 28.44
C LYS A 581 -10.51 -1.92 28.99
N ASP A 582 -11.54 -2.60 29.49
CA ASP A 582 -11.44 -3.96 30.01
C ASP A 582 -12.20 -4.95 29.12
N TRP A 583 -11.97 -4.87 27.80
CA TRP A 583 -12.58 -5.80 26.85
C TRP A 583 -11.68 -7.04 26.74
N PRO A 584 -12.29 -8.25 26.65
CA PRO A 584 -11.46 -9.47 26.51
C PRO A 584 -10.69 -9.51 25.19
N PRO A 585 -9.38 -9.88 25.23
CA PRO A 585 -8.60 -9.82 24.01
C PRO A 585 -9.03 -10.87 22.96
N ILE A 586 -8.88 -10.50 21.69
CA ILE A 586 -9.34 -11.32 20.56
C ILE A 586 -8.16 -11.72 19.67
N LYS A 587 -8.42 -12.65 18.75
CA LYS A 587 -7.36 -13.22 17.91
C LYS A 587 -6.84 -12.16 16.92
N PRO A 588 -5.51 -12.09 16.68
CA PRO A 588 -4.91 -11.03 15.86
C PRO A 588 -5.60 -10.74 14.53
N GLU A 589 -6.02 -11.78 13.82
CA GLU A 589 -6.68 -11.66 12.52
C GLU A 589 -8.02 -10.91 12.59
N GLN A 590 -8.72 -11.05 13.72
CA GLN A 590 -9.94 -10.27 13.97
C GLN A 590 -9.63 -8.83 14.39
N ALA A 591 -8.56 -8.65 15.16
CA ALA A 591 -8.11 -7.32 15.61
C ALA A 591 -7.65 -6.40 14.47
N MET A 592 -7.19 -6.99 13.37
CA MET A 592 -6.79 -6.20 12.17
C MET A 592 -7.96 -5.47 11.49
N GLU A 593 -9.20 -5.93 11.73
CA GLU A 593 -10.39 -5.19 11.31
C GLU A 593 -10.48 -3.81 11.98
N LEU A 594 -10.13 -3.76 13.26
CA LEU A 594 -10.23 -2.52 14.05
C LEU A 594 -9.14 -1.48 13.75
N LEU A 595 -8.21 -1.78 12.84
CA LEU A 595 -7.22 -0.82 12.37
C LEU A 595 -7.52 -0.20 10.98
N ASP A 596 -8.66 -0.54 10.38
CA ASP A 596 -9.05 0.04 9.08
C ASP A 596 -9.61 1.47 9.24
N CYS A 597 -10.00 2.10 8.13
CA CYS A 597 -10.47 3.49 8.13
C CYS A 597 -11.81 3.74 8.85
N ASN A 598 -12.62 2.69 9.04
CA ASN A 598 -13.90 2.79 9.78
C ASN A 598 -13.77 2.69 11.32
N TYR A 599 -12.54 2.58 11.85
CA TYR A 599 -12.32 2.57 13.29
C TYR A 599 -11.15 3.51 13.65
N PRO A 600 -11.40 4.83 13.63
CA PRO A 600 -10.37 5.84 13.87
C PRO A 600 -10.14 6.22 15.34
N ASP A 601 -10.98 5.73 16.25
CA ASP A 601 -10.89 6.12 17.67
C ASP A 601 -9.60 5.57 18.31
N PRO A 602 -8.88 6.41 19.09
CA PRO A 602 -7.61 5.95 19.71
C PRO A 602 -7.71 4.75 20.65
N MET A 603 -8.82 4.65 21.39
CA MET A 603 -9.02 3.54 22.34
C MET A 603 -9.28 2.22 21.62
N VAL A 604 -10.12 2.26 20.59
CA VAL A 604 -10.44 1.09 19.78
C VAL A 604 -9.18 0.57 19.08
N ARG A 605 -8.39 1.49 18.52
CA ARG A 605 -7.11 1.16 17.90
C ARG A 605 -6.07 0.66 18.92
N GLY A 606 -6.04 1.30 20.09
CA GLY A 606 -5.13 0.91 21.18
C GLY A 606 -5.36 -0.51 21.66
N PHE A 607 -6.63 -0.89 21.80
CA PHE A 607 -7.02 -2.28 22.08
C PHE A 607 -6.50 -3.23 20.99
N ALA A 608 -6.75 -2.87 19.74
CA ALA A 608 -6.36 -3.69 18.59
C ALA A 608 -4.86 -3.96 18.54
N VAL A 609 -4.05 -2.95 18.86
CA VAL A 609 -2.59 -3.08 18.88
C VAL A 609 -2.10 -3.98 20.04
N ARG A 610 -2.77 -3.90 21.19
CA ARG A 610 -2.44 -4.76 22.34
C ARG A 610 -2.80 -6.24 22.11
N CYS A 611 -3.80 -6.51 21.28
CA CYS A 611 -4.08 -7.88 20.82
C CYS A 611 -2.94 -8.45 19.97
N LEU A 612 -2.36 -7.60 19.12
CA LEU A 612 -1.21 -7.98 18.29
C LEU A 612 0.07 -8.19 19.12
N GLU A 613 0.28 -7.34 20.12
CA GLU A 613 1.42 -7.50 21.04
C GLU A 613 1.41 -8.83 21.79
N LYS A 614 0.22 -9.29 22.16
CA LYS A 614 0.06 -10.54 22.94
C LYS A 614 0.07 -11.81 22.09
N TYR A 615 -0.60 -11.78 20.93
CA TYR A 615 -0.90 -13.00 20.16
C TYR A 615 -0.39 -13.08 18.70
N LEU A 616 0.14 -11.99 18.15
CA LEU A 616 0.64 -12.00 16.76
C LEU A 616 2.07 -12.54 16.71
N THR A 617 2.24 -13.70 16.08
CA THR A 617 3.57 -14.30 15.89
C THR A 617 4.35 -13.55 14.82
N ASP A 618 5.68 -13.70 14.85
CA ASP A 618 6.57 -13.06 13.86
C ASP A 618 6.38 -13.64 12.46
N ASP A 619 5.88 -14.87 12.37
CA ASP A 619 5.44 -15.46 11.11
C ASP A 619 4.26 -14.68 10.53
N LYS A 620 3.21 -14.55 11.32
CA LYS A 620 1.99 -13.85 10.89
C LYS A 620 2.18 -12.33 10.78
N LEU A 621 3.15 -11.77 11.51
CA LEU A 621 3.50 -10.36 11.34
C LEU A 621 4.15 -10.14 9.98
N SER A 622 5.11 -11.00 9.64
CA SER A 622 5.73 -10.99 8.30
C SER A 622 4.71 -11.28 7.18
N GLN A 623 3.75 -12.17 7.47
CA GLN A 623 2.68 -12.51 6.54
C GLN A 623 1.82 -11.28 6.20
N TYR A 624 1.34 -10.60 7.24
CA TYR A 624 0.43 -9.45 7.09
C TYR A 624 1.12 -8.08 7.11
N LEU A 625 2.44 -8.03 6.91
CA LEU A 625 3.19 -6.76 7.05
C LEU A 625 2.79 -5.69 6.03
N ILE A 626 2.41 -6.12 4.81
CA ILE A 626 1.96 -5.20 3.76
C ILE A 626 0.77 -4.36 4.25
N GLN A 627 -0.21 -5.02 4.86
CA GLN A 627 -1.44 -4.34 5.28
C GLN A 627 -1.23 -3.44 6.51
N LEU A 628 -0.38 -3.88 7.43
CA LEU A 628 -0.09 -3.12 8.65
C LEU A 628 0.69 -1.82 8.38
N VAL A 629 1.55 -1.84 7.36
CA VAL A 629 2.26 -0.63 6.92
C VAL A 629 1.29 0.38 6.27
N GLN A 630 0.37 -0.11 5.44
CA GLN A 630 -0.63 0.75 4.78
C GLN A 630 -1.63 1.35 5.79
N VAL A 631 -1.92 0.62 6.85
CA VAL A 631 -2.77 1.10 7.95
C VAL A 631 -2.26 2.39 8.61
N LEU A 632 -0.93 2.58 8.62
CA LEU A 632 -0.32 3.81 9.17
C LEU A 632 -0.81 5.09 8.47
N LYS A 633 -1.29 4.97 7.24
CA LYS A 633 -1.89 6.09 6.50
C LYS A 633 -3.22 6.56 7.12
N TYR A 634 -3.99 5.64 7.70
CA TYR A 634 -5.26 5.97 8.37
C TYR A 634 -5.09 6.62 9.74
N GLU A 635 -3.93 6.41 10.38
CA GLU A 635 -3.64 7.02 11.69
C GLU A 635 -3.66 8.54 11.59
N GLN A 636 -4.28 9.18 12.58
CA GLN A 636 -4.37 10.65 12.62
C GLN A 636 -3.02 11.30 12.86
N TYR A 637 -2.25 10.74 13.78
CA TYR A 637 -1.01 11.36 14.27
C TYR A 637 0.21 10.50 13.98
N LEU A 638 1.37 11.14 13.92
CA LEU A 638 2.63 10.48 13.59
C LEU A 638 3.03 9.49 14.69
N ASP A 639 2.90 9.93 15.94
CA ASP A 639 3.15 9.07 17.10
C ASP A 639 1.84 8.33 17.45
N ASN A 640 1.92 7.00 17.46
CA ASN A 640 0.79 6.14 17.82
C ASN A 640 1.29 4.77 18.29
N LEU A 641 0.40 3.97 18.87
CA LEU A 641 0.78 2.67 19.43
C LEU A 641 1.19 1.64 18.38
N LEU A 642 0.61 1.73 17.18
CA LEU A 642 0.91 0.79 16.09
C LEU A 642 2.32 0.97 15.52
N VAL A 643 2.71 2.21 15.24
CA VAL A 643 4.03 2.48 14.68
C VAL A 643 5.16 2.13 15.67
N ARG A 644 4.90 2.32 16.97
CA ARG A 644 5.82 1.89 18.03
C ARG A 644 5.93 0.36 18.08
N PHE A 645 4.81 -0.33 17.90
CA PHE A 645 4.77 -1.80 17.84
C PHE A 645 5.55 -2.34 16.64
N LEU A 646 5.30 -1.77 15.46
CA LEU A 646 5.96 -2.20 14.22
C LEU A 646 7.47 -1.88 14.22
N LEU A 647 7.83 -0.69 14.69
CA LEU A 647 9.23 -0.27 14.77
C LEU A 647 10.04 -1.15 15.73
N LYS A 648 9.44 -1.51 16.86
CA LYS A 648 10.09 -2.41 17.84
C LYS A 648 10.33 -3.78 17.23
N LYS A 649 9.29 -4.35 16.61
CA LYS A 649 9.39 -5.64 15.91
C LYS A 649 10.35 -5.58 14.71
N ALA A 650 10.41 -4.44 14.03
CA ALA A 650 11.37 -4.23 12.94
C ALA A 650 12.82 -4.21 13.44
N LEU A 651 13.05 -3.65 14.63
CA LEU A 651 14.38 -3.56 15.24
C LEU A 651 14.79 -4.78 16.09
N THR A 652 13.83 -5.63 16.47
CA THR A 652 14.13 -6.91 17.14
C THR A 652 14.09 -8.13 16.19
N ASN A 653 13.75 -7.91 14.93
CA ASN A 653 13.70 -8.97 13.92
C ASN A 653 14.13 -8.39 12.56
N GLN A 654 15.30 -8.80 12.07
CA GLN A 654 15.86 -8.26 10.83
C GLN A 654 15.13 -8.71 9.57
N ARG A 655 14.43 -9.85 9.63
CA ARG A 655 13.58 -10.31 8.53
C ARG A 655 12.39 -9.37 8.38
N ILE A 656 11.77 -9.01 9.50
CA ILE A 656 10.66 -8.04 9.53
C ILE A 656 11.18 -6.64 9.18
N GLY A 657 12.32 -6.26 9.74
CA GLY A 657 12.94 -4.95 9.46
C GLY A 657 13.35 -4.72 8.01
N HIS A 658 13.71 -5.80 7.32
CA HIS A 658 14.04 -5.75 5.89
C HIS A 658 12.84 -5.28 5.06
N PHE A 659 11.73 -5.99 5.16
CA PHE A 659 10.52 -5.66 4.41
C PHE A 659 9.83 -4.40 4.94
N PHE A 660 9.93 -4.15 6.24
CA PHE A 660 9.48 -2.89 6.85
C PHE A 660 10.16 -1.67 6.20
N PHE A 661 11.46 -1.79 5.92
CA PHE A 661 12.20 -0.74 5.21
C PHE A 661 11.70 -0.56 3.77
N TRP A 662 11.56 -1.67 3.05
CA TRP A 662 11.21 -1.62 1.61
C TRP A 662 9.76 -1.23 1.33
N HIS A 663 8.83 -1.65 2.18
CA HIS A 663 7.43 -1.24 2.05
C HIS A 663 7.26 0.27 2.29
N LEU A 664 8.02 0.82 3.23
CA LEU A 664 8.05 2.27 3.47
C LEU A 664 8.82 3.02 2.37
N LYS A 665 10.00 2.51 2.02
CA LYS A 665 10.86 3.13 0.99
C LYS A 665 10.20 3.19 -0.38
N SER A 666 9.37 2.20 -0.70
CA SER A 666 8.66 2.16 -1.98
C SER A 666 7.68 3.32 -2.19
N GLU A 667 7.13 3.86 -1.10
CA GLU A 667 6.15 4.95 -1.17
C GLU A 667 6.70 6.34 -0.83
N MET A 668 8.03 6.49 -0.77
CA MET A 668 8.65 7.79 -0.44
C MET A 668 8.46 8.86 -1.53
N HIS A 669 8.24 8.43 -2.77
CA HIS A 669 7.84 9.34 -3.85
C HIS A 669 6.48 10.01 -3.58
N ASN A 670 5.57 9.28 -2.92
CA ASN A 670 4.21 9.74 -2.67
C ASN A 670 4.20 10.80 -1.56
N LYS A 671 3.92 12.05 -1.94
CA LYS A 671 3.99 13.18 -1.01
C LYS A 671 2.88 13.22 0.05
N THR A 672 1.83 12.42 -0.12
CA THR A 672 0.81 12.25 0.92
C THR A 672 1.35 11.57 2.19
N VAL A 673 2.38 10.74 2.04
CA VAL A 673 3.00 10.01 3.15
C VAL A 673 4.52 10.11 3.24
N SER A 674 5.13 11.01 2.47
CA SER A 674 6.60 11.15 2.44
C SER A 674 7.19 11.49 3.81
N GLN A 675 6.56 12.43 4.51
CA GLN A 675 7.04 12.87 5.82
C GLN A 675 6.86 11.79 6.89
N ARG A 676 5.67 11.19 6.95
CA ARG A 676 5.37 10.11 7.90
C ARG A 676 6.33 8.93 7.71
N PHE A 677 6.43 8.44 6.48
CA PHE A 677 7.25 7.28 6.16
C PHE A 677 8.75 7.59 6.23
N GLY A 678 9.12 8.81 5.86
CA GLY A 678 10.51 9.27 5.95
C GLY A 678 11.03 9.34 7.38
N LEU A 679 10.24 9.99 8.25
CA LEU A 679 10.54 10.07 9.69
C LEU A 679 10.63 8.69 10.34
N LEU A 680 9.74 7.78 9.91
CA LEU A 680 9.72 6.41 10.40
C LEU A 680 10.96 5.62 9.95
N LEU A 681 11.34 5.81 8.69
CA LEU A 681 12.57 5.21 8.16
C LEU A 681 13.84 5.76 8.83
N GLU A 682 13.83 7.04 9.19
CA GLU A 682 14.92 7.66 9.95
C GLU A 682 15.11 6.99 11.31
N SER A 683 14.00 6.67 11.98
CA SER A 683 14.02 5.96 13.25
C SER A 683 14.63 4.56 13.10
N TYR A 684 14.23 3.85 12.04
CA TYR A 684 14.74 2.51 11.75
C TYR A 684 16.21 2.53 11.38
N CYS A 685 16.57 3.34 10.39
CA CYS A 685 17.95 3.41 9.89
C CYS A 685 18.98 3.86 10.94
N ARG A 686 18.55 4.73 11.86
CA ARG A 686 19.37 5.13 13.01
C ARG A 686 19.64 3.94 13.95
N ALA A 687 18.60 3.13 14.20
CA ALA A 687 18.63 2.09 15.24
C ALA A 687 18.87 0.65 14.76
N CYS A 688 18.74 0.37 13.46
CA CYS A 688 18.86 -1.00 12.93
C CYS A 688 20.29 -1.56 12.92
N GLY A 689 21.29 -0.71 13.15
CA GLY A 689 22.67 -1.16 13.34
C GLY A 689 23.39 -1.41 12.03
N MET A 690 23.98 -2.59 11.90
CA MET A 690 24.83 -2.93 10.74
C MET A 690 24.05 -3.15 9.44
N TYR A 691 22.75 -3.46 9.54
CA TYR A 691 21.93 -3.73 8.35
C TYR A 691 21.73 -2.52 7.42
N LEU A 692 21.90 -1.30 7.93
CA LEU A 692 21.88 -0.08 7.11
C LEU A 692 22.92 -0.10 5.99
N LYS A 693 24.08 -0.70 6.27
CA LYS A 693 25.16 -0.84 5.29
C LYS A 693 24.77 -1.85 4.20
N HIS A 694 24.11 -2.93 4.61
CA HIS A 694 23.55 -3.91 3.68
C HIS A 694 22.41 -3.34 2.84
N LEU A 695 21.58 -2.48 3.45
CA LEU A 695 20.48 -1.81 2.75
C LEU A 695 20.95 -0.78 1.73
N ASN A 696 22.02 -0.05 2.04
CA ASN A 696 22.60 0.91 1.09
C ASN A 696 23.17 0.24 -0.16
N ARG A 697 23.75 -0.95 0.00
CA ARG A 697 24.21 -1.75 -1.15
C ARG A 697 23.03 -2.22 -2.02
N GLN A 698 21.90 -2.52 -1.40
CA GLN A 698 20.66 -2.84 -2.12
C GLN A 698 20.10 -1.59 -2.80
N VAL A 699 19.98 -0.50 -2.04
CA VAL A 699 19.45 0.77 -2.55
C VAL A 699 20.28 1.30 -3.72
N GLU A 700 21.61 1.23 -3.62
CA GLU A 700 22.50 1.67 -4.70
C GLU A 700 22.39 0.76 -5.94
N ALA A 701 22.22 -0.54 -5.73
CA ALA A 701 22.06 -1.50 -6.82
C ALA A 701 20.79 -1.23 -7.64
N MET A 702 19.68 -0.98 -6.96
CA MET A 702 18.40 -0.70 -7.63
C MET A 702 18.41 0.64 -8.38
N GLU A 703 19.03 1.65 -7.79
CA GLU A 703 19.14 2.98 -8.43
C GLU A 703 19.96 2.95 -9.72
N LYS A 704 20.99 2.12 -9.77
CA LYS A 704 21.77 1.93 -11.00
C LYS A 704 20.99 1.16 -12.08
N LEU A 705 20.19 0.18 -11.65
CA LEU A 705 19.27 -0.51 -12.56
C LEU A 705 18.13 0.41 -13.05
N ILE A 706 17.72 1.36 -12.21
CA ILE A 706 16.79 2.42 -12.62
C ILE A 706 17.42 3.32 -13.69
N ASN A 707 18.68 3.70 -13.49
CA ASN A 707 19.38 4.60 -14.43
C ASN A 707 19.50 4.03 -15.85
N LEU A 708 19.85 2.74 -15.96
CA LEU A 708 20.00 2.08 -17.27
C LEU A 708 18.66 1.90 -17.99
N THR A 709 17.66 1.44 -17.26
CA THR A 709 16.32 1.24 -17.83
C THR A 709 15.64 2.57 -18.22
N ASP A 710 15.94 3.66 -17.50
CA ASP A 710 15.50 5.00 -17.91
C ASP A 710 16.13 5.41 -19.26
N ILE A 711 17.41 5.10 -19.45
CA ILE A 711 18.11 5.39 -20.70
C ILE A 711 17.51 4.58 -21.86
N LEU A 712 17.21 3.30 -21.62
CA LEU A 712 16.61 2.42 -22.63
C LEU A 712 15.20 2.88 -23.05
N LYS A 713 14.40 3.30 -22.07
CA LYS A 713 13.04 3.80 -22.34
C LYS A 713 13.02 5.17 -23.03
N GLN A 714 13.91 6.07 -22.60
CA GLN A 714 13.94 7.45 -23.09
C GLN A 714 14.85 7.62 -24.32
N GLU A 715 16.15 7.40 -24.12
CA GLU A 715 17.16 7.69 -25.16
C GLU A 715 17.27 6.62 -26.26
N LYS A 716 17.19 5.34 -25.88
CA LYS A 716 17.32 4.23 -26.83
C LYS A 716 15.95 3.68 -27.26
N LYS A 717 14.96 4.56 -27.42
CA LYS A 717 13.59 4.14 -27.72
C LYS A 717 13.45 3.56 -29.13
N ASP A 718 14.14 4.17 -30.10
CA ASP A 718 14.10 3.74 -31.50
C ASP A 718 15.20 2.75 -31.91
N GLU A 719 16.12 2.43 -31.00
CA GLU A 719 17.16 1.43 -31.25
C GLU A 719 16.58 0.01 -31.20
N THR A 720 17.26 -0.93 -31.85
CA THR A 720 16.90 -2.35 -31.80
C THR A 720 17.31 -2.96 -30.46
N GLN A 721 16.66 -4.06 -30.10
CA GLN A 721 16.93 -4.76 -28.82
C GLN A 721 18.35 -5.31 -28.72
N LYS A 722 18.94 -5.66 -29.87
CA LYS A 722 20.33 -6.11 -29.95
C LYS A 722 21.31 -4.99 -29.60
N VAL A 723 21.12 -3.82 -30.21
CA VAL A 723 21.96 -2.64 -29.94
C VAL A 723 21.81 -2.16 -28.49
N GLN A 724 20.59 -2.26 -27.96
CA GLN A 724 20.34 -1.99 -26.53
C GLN A 724 21.08 -2.95 -25.61
N MET A 725 21.12 -4.23 -25.97
CA MET A 725 21.88 -5.24 -25.22
C MET A 725 23.39 -4.97 -25.22
N LYS A 726 23.91 -4.45 -26.33
CA LYS A 726 25.33 -4.06 -26.40
C LYS A 726 25.61 -2.92 -25.43
N PHE A 727 24.78 -1.87 -25.50
CA PHE A 727 24.85 -0.73 -24.57
C PHE A 727 24.72 -1.17 -23.11
N LEU A 728 23.75 -2.04 -22.84
CA LEU A 728 23.50 -2.56 -21.49
C LEU A 728 24.73 -3.31 -20.96
N VAL A 729 25.24 -4.24 -21.76
CA VAL A 729 26.43 -5.03 -21.40
C VAL A 729 27.66 -4.13 -21.21
N GLU A 730 27.85 -3.16 -22.11
CA GLU A 730 28.97 -2.21 -21.98
C GLU A 730 28.95 -1.43 -20.67
N GLN A 731 27.77 -0.93 -20.28
CA GLN A 731 27.61 -0.20 -19.02
C GLN A 731 27.68 -1.10 -17.78
N MET A 732 27.09 -2.30 -17.87
CA MET A 732 27.16 -3.28 -16.78
C MET A 732 28.56 -3.87 -16.60
N ARG A 733 29.34 -3.93 -17.68
CA ARG A 733 30.75 -4.35 -17.61
C ARG A 733 31.65 -3.42 -16.78
N ARG A 734 31.30 -2.12 -16.73
CA ARG A 734 32.13 -1.11 -16.07
C ARG A 734 32.28 -1.36 -14.56
N PRO A 735 33.40 -0.91 -13.96
CA PRO A 735 33.71 -1.31 -12.58
C PRO A 735 32.77 -0.76 -11.50
N ASP A 736 32.29 0.47 -11.66
CA ASP A 736 31.30 1.05 -10.74
C ASP A 736 29.98 0.24 -10.70
N PHE A 737 29.57 -0.29 -11.84
CA PHE A 737 28.40 -1.17 -11.92
C PHE A 737 28.68 -2.58 -11.39
N MET A 738 29.87 -3.10 -11.66
CA MET A 738 30.26 -4.43 -11.17
C MET A 738 30.37 -4.48 -9.63
N ASP A 739 30.89 -3.41 -9.03
CA ASP A 739 30.97 -3.30 -7.56
C ASP A 739 29.60 -3.17 -6.91
N ALA A 740 28.72 -2.39 -7.54
CA ALA A 740 27.37 -2.14 -7.02
C ALA A 740 26.42 -3.32 -7.21
N LEU A 741 26.43 -3.92 -8.40
CA LEU A 741 25.50 -5.02 -8.75
C LEU A 741 26.04 -6.44 -8.48
N GLN A 742 27.11 -6.55 -7.69
CA GLN A 742 27.59 -7.85 -7.20
C GLN A 742 27.91 -7.75 -5.71
N GLY A 743 27.67 -8.85 -4.98
CA GLY A 743 27.97 -8.91 -3.55
C GLY A 743 27.01 -8.08 -2.73
N PHE A 744 25.72 -8.38 -2.85
CA PHE A 744 24.68 -7.77 -2.03
C PHE A 744 23.49 -8.72 -1.87
N LEU A 745 22.66 -8.46 -0.87
CA LEU A 745 21.53 -9.34 -0.54
C LEU A 745 20.36 -9.08 -1.49
N SER A 746 19.60 -10.12 -1.81
CA SER A 746 18.41 -9.98 -2.67
C SER A 746 17.31 -9.24 -1.90
N PRO A 747 16.71 -8.19 -2.50
CA PRO A 747 15.56 -7.56 -1.85
C PRO A 747 14.32 -8.45 -1.72
N LEU A 748 14.13 -9.41 -2.64
CA LEU A 748 13.04 -10.38 -2.55
C LEU A 748 13.16 -11.32 -1.34
N ASN A 749 14.39 -11.64 -0.95
CA ASN A 749 14.66 -12.45 0.23
C ASN A 749 16.08 -12.17 0.74
N PRO A 750 16.22 -11.51 1.91
CA PRO A 750 17.56 -11.13 2.39
C PRO A 750 18.47 -12.29 2.84
N ALA A 751 17.91 -13.49 2.99
CA ALA A 751 18.70 -14.71 3.18
C ALA A 751 19.49 -15.10 1.93
N HIS A 752 18.98 -14.73 0.75
CA HIS A 752 19.64 -15.03 -0.52
C HIS A 752 20.76 -14.03 -0.81
N GLN A 753 21.99 -14.52 -0.88
CA GLN A 753 23.16 -13.71 -1.23
C GLN A 753 23.29 -13.69 -2.75
N LEU A 754 23.33 -12.50 -3.35
CA LEU A 754 23.55 -12.37 -4.79
C LEU A 754 25.03 -12.08 -5.06
N GLY A 755 25.72 -13.06 -5.66
CA GLY A 755 27.15 -12.98 -5.93
C GLY A 755 27.46 -12.27 -7.23
N ASN A 756 28.30 -12.88 -8.05
CA ASN A 756 28.70 -12.29 -9.34
C ASN A 756 27.57 -12.42 -10.37
N LEU A 757 27.52 -11.45 -11.28
CA LEU A 757 26.54 -11.46 -12.37
C LEU A 757 27.01 -12.43 -13.46
N ARG A 758 26.10 -13.28 -13.93
CA ARG A 758 26.29 -13.99 -15.19
C ARG A 758 25.85 -13.05 -16.30
N LEU A 759 26.73 -12.10 -16.61
CA LEU A 759 26.41 -10.97 -17.49
C LEU A 759 26.10 -11.37 -18.93
N GLU A 760 26.66 -12.50 -19.38
CA GLU A 760 26.36 -13.06 -20.70
C GLU A 760 24.92 -13.55 -20.79
N GLU A 761 24.43 -14.18 -19.72
CA GLU A 761 23.06 -14.69 -19.65
C GLU A 761 21.99 -13.65 -19.27
N CYS A 762 22.42 -12.45 -18.87
CA CYS A 762 21.50 -11.34 -18.60
C CYS A 762 20.89 -10.80 -19.91
N ARG A 763 19.61 -10.45 -19.87
CA ARG A 763 18.85 -10.07 -21.06
C ARG A 763 17.84 -8.96 -20.79
N ILE A 764 17.40 -8.29 -21.87
CA ILE A 764 16.26 -7.38 -21.84
C ILE A 764 15.05 -8.16 -22.36
N MET A 765 13.88 -7.90 -21.78
CA MET A 765 12.64 -8.60 -22.13
C MET A 765 11.84 -7.86 -23.21
N SER A 766 10.84 -8.54 -23.75
CA SER A 766 10.10 -8.06 -24.94
C SER A 766 9.23 -6.82 -24.72
N SER A 767 8.83 -6.55 -23.48
CA SER A 767 7.91 -5.45 -23.17
C SER A 767 8.46 -4.06 -23.51
N ALA A 768 7.54 -3.11 -23.72
CA ALA A 768 7.88 -1.72 -24.05
C ALA A 768 8.51 -0.96 -22.89
N LYS A 769 8.25 -1.41 -21.65
CA LYS A 769 8.84 -0.81 -20.45
C LYS A 769 10.29 -1.23 -20.18
N ARG A 770 10.83 -2.15 -20.99
CA ARG A 770 12.22 -2.63 -20.89
C ARG A 770 12.54 -3.27 -19.52
N PRO A 771 11.95 -4.46 -19.25
CA PRO A 771 12.35 -5.23 -18.07
C PRO A 771 13.67 -5.95 -18.29
N LEU A 772 14.49 -6.04 -17.24
CA LEU A 772 15.79 -6.72 -17.31
C LEU A 772 15.70 -8.10 -16.66
N TRP A 773 15.98 -9.13 -17.45
CA TRP A 773 16.14 -10.49 -16.94
C TRP A 773 17.56 -10.64 -16.42
N LEU A 774 17.73 -10.46 -15.10
CA LEU A 774 19.05 -10.50 -14.47
C LEU A 774 19.34 -11.88 -13.88
N ASN A 775 20.63 -12.19 -13.73
CA ASN A 775 21.09 -13.52 -13.31
C ASN A 775 22.36 -13.39 -12.46
N TRP A 776 22.27 -13.82 -11.20
CA TRP A 776 23.40 -13.79 -10.26
C TRP A 776 23.84 -15.19 -9.86
N GLU A 777 25.11 -15.31 -9.49
CA GLU A 777 25.65 -16.52 -8.88
C GLU A 777 25.23 -16.56 -7.42
N ASN A 778 25.00 -17.77 -6.89
CA ASN A 778 24.86 -17.98 -5.45
C ASN A 778 26.28 -18.21 -4.89
N PRO A 779 26.83 -17.22 -4.17
CA PRO A 779 28.23 -17.33 -3.71
C PRO A 779 28.42 -18.21 -2.46
N ASP A 780 27.33 -18.74 -1.90
CA ASP A 780 27.41 -19.66 -0.76
C ASP A 780 28.18 -20.93 -1.13
N ILE A 781 28.93 -21.45 -0.17
CA ILE A 781 29.80 -22.63 -0.40
C ILE A 781 29.08 -23.97 -0.61
N MET A 782 27.78 -24.02 -0.27
CA MET A 782 26.94 -25.20 -0.49
C MET A 782 25.75 -24.84 -1.39
N SER A 783 26.03 -24.18 -2.51
CA SER A 783 25.00 -23.65 -3.40
C SER A 783 24.29 -24.73 -4.22
N GLU A 784 25.08 -25.66 -4.76
CA GLU A 784 24.56 -26.74 -5.64
C GLU A 784 23.45 -27.61 -5.04
N LEU A 785 23.45 -27.76 -3.71
CA LEU A 785 22.42 -28.54 -3.01
C LEU A 785 21.04 -27.88 -3.04
N LEU A 786 21.01 -26.53 -3.00
CA LEU A 786 19.75 -25.77 -3.04
C LEU A 786 19.52 -25.12 -4.42
N PHE A 787 20.37 -24.15 -4.79
CA PHE A 787 20.34 -23.56 -6.14
C PHE A 787 21.64 -22.81 -6.44
N GLN A 788 22.13 -22.95 -7.68
CA GLN A 788 23.41 -22.35 -8.08
C GLN A 788 23.27 -20.90 -8.57
N ASN A 789 22.19 -20.62 -9.30
CA ASN A 789 21.96 -19.28 -9.87
C ASN A 789 20.62 -18.70 -9.45
N ASN A 790 20.63 -17.41 -9.09
CA ASN A 790 19.45 -16.68 -8.65
C ASN A 790 19.03 -15.72 -9.76
N GLU A 791 17.83 -15.92 -10.31
CA GLU A 791 17.33 -15.14 -11.43
C GLU A 791 16.16 -14.24 -10.99
N ILE A 792 16.29 -12.94 -11.25
CA ILE A 792 15.28 -11.95 -10.88
C ILE A 792 14.98 -11.05 -12.08
N ILE A 793 13.69 -10.81 -12.32
CA ILE A 793 13.23 -9.89 -13.37
C ILE A 793 13.07 -8.50 -12.75
N PHE A 794 13.98 -7.60 -13.07
CA PHE A 794 13.87 -6.19 -12.70
C PHE A 794 12.88 -5.50 -13.64
N LYS A 795 12.22 -4.46 -13.12
CA LYS A 795 11.13 -3.81 -13.83
C LYS A 795 10.95 -2.34 -13.43
N ASN A 796 10.88 -1.45 -14.41
CA ASN A 796 10.84 0.01 -14.17
C ASN A 796 9.54 0.73 -14.61
N GLY A 797 8.81 0.19 -15.57
CA GLY A 797 7.63 0.89 -16.11
C GLY A 797 6.30 0.64 -15.40
N ASP A 798 6.05 -0.62 -15.05
CA ASP A 798 4.73 -1.06 -14.60
C ASP A 798 4.59 -1.16 -13.08
N ASP A 799 3.33 -1.12 -12.63
CA ASP A 799 2.99 -1.19 -11.21
C ASP A 799 2.88 -2.66 -10.79
N LEU A 800 3.63 -3.04 -9.76
CA LEU A 800 3.63 -4.42 -9.25
C LEU A 800 3.05 -4.56 -7.83
N ARG A 801 2.40 -3.51 -7.33
CA ARG A 801 1.67 -3.58 -6.05
C ARG A 801 0.47 -4.54 -6.12
N GLN A 802 -0.15 -4.61 -7.30
CA GLN A 802 -1.34 -5.45 -7.52
C GLN A 802 -0.96 -6.93 -7.52
N ASP A 803 0.13 -7.26 -8.22
CA ASP A 803 0.70 -8.62 -8.21
C ASP A 803 1.26 -9.00 -6.83
N MET A 804 1.91 -8.05 -6.17
CA MET A 804 2.41 -8.24 -4.81
C MET A 804 1.29 -8.59 -3.83
N LEU A 805 0.15 -7.93 -3.95
CA LEU A 805 -1.01 -8.23 -3.12
C LEU A 805 -1.62 -9.57 -3.51
N THR A 806 -1.90 -9.75 -4.81
CA THR A 806 -2.47 -11.00 -5.33
C THR A 806 -1.65 -12.24 -4.92
N LEU A 807 -0.33 -12.13 -5.02
CA LEU A 807 0.58 -13.22 -4.61
C LEU A 807 0.65 -13.43 -3.10
N GLN A 808 0.45 -12.36 -2.32
CA GLN A 808 0.30 -12.46 -0.86
C GLN A 808 -0.99 -13.21 -0.49
N ILE A 809 -2.08 -12.88 -1.18
CA ILE A 809 -3.38 -13.50 -0.94
C ILE A 809 -3.34 -14.98 -1.31
N ILE A 810 -2.73 -15.32 -2.45
CA ILE A 810 -2.52 -16.71 -2.87
C ILE A 810 -1.76 -17.52 -1.82
N ARG A 811 -0.73 -16.92 -1.22
CA ARG A 811 0.02 -17.56 -0.13
C ARG A 811 -0.86 -17.83 1.10
N ILE A 812 -1.73 -16.87 1.44
CA ILE A 812 -2.67 -17.01 2.55
C ILE A 812 -3.75 -18.04 2.22
N MET A 813 -4.30 -17.98 1.01
CA MET A 813 -5.27 -18.99 0.53
C MET A 813 -4.71 -20.42 0.62
N GLU A 814 -3.46 -20.59 0.18
CA GLU A 814 -2.75 -21.86 0.31
C GLU A 814 -2.64 -22.32 1.76
N ASN A 815 -2.25 -21.40 2.64
CA ASN A 815 -2.03 -21.70 4.06
C ASN A 815 -3.33 -22.12 4.77
N ILE A 816 -4.47 -21.57 4.35
CA ILE A 816 -5.79 -21.97 4.87
C ILE A 816 -6.10 -23.41 4.46
N TRP A 817 -5.82 -23.75 3.20
CA TRP A 817 -6.13 -25.08 2.67
C TRP A 817 -5.27 -26.19 3.29
N GLN A 818 -3.97 -25.91 3.48
CA GLN A 818 -3.04 -26.88 4.09
C GLN A 818 -3.41 -27.18 5.55
N ASN A 819 -3.80 -26.14 6.30
CA ASN A 819 -4.28 -26.32 7.68
C ASN A 819 -5.60 -27.10 7.75
N GLN A 820 -6.49 -26.84 6.79
CA GLN A 820 -7.80 -27.51 6.74
C GLN A 820 -7.73 -28.97 6.29
N GLY A 821 -6.70 -29.33 5.51
CA GLY A 821 -6.51 -30.71 5.03
C GLY A 821 -6.27 -30.84 3.54
N LEU A 822 -6.76 -29.87 2.76
CA LEU A 822 -6.57 -29.85 1.31
C LEU A 822 -5.12 -29.57 0.90
N ASP A 823 -4.50 -30.54 0.22
CA ASP A 823 -3.14 -30.39 -0.28
C ASP A 823 -3.15 -29.81 -1.70
N LEU A 824 -3.49 -28.53 -1.79
CA LEU A 824 -3.51 -27.80 -3.07
C LEU A 824 -2.26 -26.92 -3.16
N ARG A 825 -1.25 -27.39 -3.89
CA ARG A 825 0.03 -26.68 -4.00
C ARG A 825 -0.07 -25.46 -4.93
N MET A 826 -0.16 -24.29 -4.33
CA MET A 826 -0.01 -23.01 -5.02
C MET A 826 1.46 -22.63 -5.10
N LEU A 827 1.76 -21.67 -5.97
CA LEU A 827 3.13 -21.19 -6.16
C LEU A 827 3.15 -19.65 -6.09
N PRO A 828 3.05 -19.10 -4.85
CA PRO A 828 3.17 -17.65 -4.67
C PRO A 828 4.63 -17.23 -4.74
N TYR A 829 5.10 -17.03 -5.97
CA TYR A 829 6.47 -16.58 -6.23
C TYR A 829 6.71 -15.17 -5.70
N GLY A 830 7.97 -14.85 -5.43
CA GLY A 830 8.35 -13.57 -4.85
C GLY A 830 8.08 -12.39 -5.77
N CYS A 831 7.50 -11.33 -5.21
CA CYS A 831 7.24 -10.09 -5.94
C CYS A 831 7.17 -8.92 -4.97
N LEU A 832 8.15 -8.02 -5.07
CA LEU A 832 8.27 -6.87 -4.18
C LEU A 832 8.31 -5.57 -4.98
N SER A 833 7.41 -4.64 -4.64
CA SER A 833 7.45 -3.28 -5.18
C SER A 833 8.43 -2.45 -4.34
N ILE A 834 9.34 -1.76 -5.02
CA ILE A 834 10.41 -0.98 -4.36
C ILE A 834 10.43 0.52 -4.69
N GLY A 835 9.45 0.99 -5.46
CA GLY A 835 9.41 2.40 -5.85
C GLY A 835 8.19 2.75 -6.69
N ASP A 836 8.22 3.91 -7.34
CA ASP A 836 7.13 4.37 -8.20
C ASP A 836 7.14 3.54 -9.49
N CYS A 837 6.31 2.50 -9.52
CA CYS A 837 6.29 1.49 -10.58
C CYS A 837 7.64 0.79 -10.80
N VAL A 838 8.37 0.58 -9.70
CA VAL A 838 9.65 -0.13 -9.73
C VAL A 838 9.50 -1.34 -8.82
N GLY A 839 9.82 -2.53 -9.33
CA GLY A 839 9.71 -3.77 -8.55
C GLY A 839 10.52 -4.92 -9.10
N LEU A 840 10.61 -5.99 -8.31
CA LEU A 840 11.33 -7.21 -8.65
C LEU A 840 10.36 -8.40 -8.67
N ILE A 841 10.65 -9.37 -9.53
CA ILE A 841 9.86 -10.61 -9.64
C ILE A 841 10.81 -11.80 -9.61
N GLU A 842 10.46 -12.81 -8.81
CA GLU A 842 11.23 -14.05 -8.71
C GLU A 842 10.98 -14.93 -9.93
N VAL A 843 12.06 -15.48 -10.49
CA VAL A 843 11.96 -16.43 -11.59
C VAL A 843 11.87 -17.84 -11.02
N VAL A 844 10.85 -18.59 -11.43
CA VAL A 844 10.71 -20.00 -11.11
C VAL A 844 11.49 -20.79 -12.17
N ARG A 845 12.36 -21.69 -11.70
CA ARG A 845 13.15 -22.55 -12.60
C ARG A 845 12.28 -23.66 -13.19
N ASN A 846 12.62 -24.07 -14.41
CA ASN A 846 11.92 -25.15 -15.13
C ASN A 846 10.42 -24.88 -15.34
N SER A 847 10.06 -23.61 -15.54
CA SER A 847 8.68 -23.20 -15.77
C SER A 847 8.48 -22.77 -17.22
N HIS A 848 7.44 -23.32 -17.86
CA HIS A 848 7.14 -23.05 -19.27
C HIS A 848 5.69 -22.62 -19.42
N THR A 849 5.43 -21.72 -20.36
CA THR A 849 4.04 -21.30 -20.67
C THR A 849 3.31 -22.41 -21.43
N ILE A 850 1.99 -22.26 -21.55
CA ILE A 850 1.15 -23.24 -22.25
C ILE A 850 1.38 -23.18 -23.77
N MET A 851 1.51 -21.96 -24.31
CA MET A 851 1.73 -21.76 -25.75
C MET A 851 3.05 -22.35 -26.25
N GLN A 852 4.07 -22.39 -25.38
CA GLN A 852 5.34 -23.06 -25.70
C GLN A 852 5.17 -24.57 -25.89
N ILE A 853 4.37 -25.20 -25.02
CA ILE A 853 4.12 -26.65 -25.08
C ILE A 853 3.22 -27.02 -26.26
N GLN A 854 2.16 -26.24 -26.48
CA GLN A 854 1.20 -26.50 -27.57
C GLN A 854 1.81 -26.28 -28.95
N CYS A 855 2.39 -25.11 -29.18
CA CYS A 855 2.99 -24.77 -30.47
C CYS A 855 4.33 -25.48 -30.65
N ASN A 866 -3.80 -28.87 -31.86
CA ASN A 866 -4.11 -30.20 -31.33
C ASN A 866 -4.29 -30.16 -29.81
N SER A 867 -5.42 -30.70 -29.34
CA SER A 867 -5.81 -30.61 -27.92
C SER A 867 -4.98 -31.48 -26.97
N HIS A 868 -4.46 -32.60 -27.46
CA HIS A 868 -3.75 -33.57 -26.61
C HIS A 868 -2.25 -33.31 -26.42
N THR A 869 -1.73 -32.20 -26.97
CA THR A 869 -0.29 -31.88 -26.91
C THR A 869 0.24 -31.63 -25.50
N LEU A 870 -0.57 -30.97 -24.67
CA LEU A 870 -0.20 -30.67 -23.27
C LEU A 870 -0.02 -31.94 -22.44
N HIS A 871 -0.94 -32.89 -22.60
CA HIS A 871 -0.87 -34.18 -21.92
C HIS A 871 0.33 -35.03 -22.39
N GLN A 872 0.68 -34.92 -23.67
CA GLN A 872 1.85 -35.61 -24.23
C GLN A 872 3.18 -35.09 -23.66
N TRP A 873 3.29 -33.78 -23.47
CA TRP A 873 4.50 -33.16 -22.90
C TRP A 873 4.71 -33.56 -21.44
N LEU A 874 3.65 -33.50 -20.65
CA LEU A 874 3.71 -33.85 -19.22
C LEU A 874 4.04 -35.33 -18.98
N LYS A 875 3.60 -36.19 -19.91
CA LYS A 875 3.90 -37.62 -19.86
C LYS A 875 5.38 -37.92 -20.15
N ASP A 876 5.98 -37.14 -21.06
CA ASP A 876 7.41 -37.29 -21.40
C ASP A 876 8.32 -36.81 -20.27
N LYS A 877 8.02 -35.64 -19.72
CA LYS A 877 8.79 -35.08 -18.58
C LYS A 877 8.68 -35.91 -17.30
N ASN A 878 7.56 -36.62 -17.12
CA ASN A 878 7.36 -37.52 -15.99
C ASN A 878 7.05 -38.94 -16.49
N LYS A 879 7.91 -39.45 -17.36
CA LYS A 879 7.79 -40.81 -17.90
C LYS A 879 8.22 -41.84 -16.86
N GLY A 880 7.47 -42.94 -16.77
CA GLY A 880 7.69 -43.99 -15.78
C GLY A 880 6.53 -44.09 -14.80
N GLU A 881 6.80 -44.65 -13.61
CA GLU A 881 5.78 -44.85 -12.58
C GLU A 881 5.45 -43.59 -11.75
N ILE A 882 6.20 -42.50 -11.96
CA ILE A 882 5.92 -41.21 -11.31
C ILE A 882 4.87 -40.36 -12.07
N TYR A 883 4.28 -40.92 -13.13
CA TYR A 883 3.18 -40.28 -13.89
C TYR A 883 2.00 -39.85 -13.00
N ASP A 884 1.58 -40.72 -12.09
CA ASP A 884 0.42 -40.46 -11.22
C ASP A 884 0.59 -39.24 -10.31
N ALA A 885 1.79 -39.08 -9.76
CA ALA A 885 2.11 -37.92 -8.92
C ALA A 885 2.09 -36.59 -9.70
N ALA A 886 2.47 -36.64 -10.97
CA ALA A 886 2.46 -35.48 -11.85
C ALA A 886 1.06 -35.01 -12.22
N ILE A 887 0.17 -35.96 -12.51
CA ILE A 887 -1.23 -35.67 -12.82
C ILE A 887 -1.97 -35.22 -11.56
N ASP A 888 -1.65 -35.86 -10.43
CA ASP A 888 -2.18 -35.47 -9.12
C ASP A 888 -1.82 -34.02 -8.76
N LEU A 889 -0.55 -33.67 -8.96
CA LEU A 889 -0.06 -32.31 -8.72
C LEU A 889 -0.68 -31.29 -9.68
N PHE A 890 -0.79 -31.65 -10.96
CA PHE A 890 -1.43 -30.81 -11.97
C PHE A 890 -2.90 -30.54 -11.64
N THR A 891 -3.62 -31.60 -11.27
CA THR A 891 -5.04 -31.52 -10.93
C THR A 891 -5.28 -30.69 -9.67
N ARG A 892 -4.48 -30.95 -8.63
CA ARG A 892 -4.55 -30.19 -7.38
C ARG A 892 -4.13 -28.72 -7.55
N SER A 893 -3.15 -28.46 -8.41
CA SER A 893 -2.74 -27.10 -8.74
C SER A 893 -3.80 -26.35 -9.52
N CYS A 894 -4.38 -27.00 -10.53
CA CYS A 894 -5.49 -26.43 -11.30
C CYS A 894 -6.68 -26.02 -10.44
N ALA A 895 -6.99 -26.84 -9.42
CA ALA A 895 -8.15 -26.62 -8.56
C ALA A 895 -8.02 -25.36 -7.74
N GLY A 896 -6.88 -25.20 -7.07
CA GLY A 896 -6.62 -24.01 -6.25
C GLY A 896 -6.60 -22.73 -7.06
N TYR A 897 -5.95 -22.76 -8.23
CA TYR A 897 -5.92 -21.59 -9.12
C TYR A 897 -7.25 -21.32 -9.82
N CYS A 898 -8.05 -22.35 -10.07
CA CYS A 898 -9.41 -22.16 -10.60
C CYS A 898 -10.30 -21.44 -9.59
N VAL A 899 -10.21 -21.83 -8.33
CA VAL A 899 -10.97 -21.22 -7.24
C VAL A 899 -10.42 -19.84 -6.88
N ALA A 900 -9.09 -19.74 -6.74
CA ALA A 900 -8.44 -18.49 -6.32
C ALA A 900 -8.67 -17.33 -7.29
N THR A 901 -8.59 -17.60 -8.59
CA THR A 901 -8.80 -16.59 -9.62
C THR A 901 -10.26 -16.14 -9.73
N PHE A 902 -11.20 -17.08 -9.56
CA PHE A 902 -12.63 -16.76 -9.57
C PHE A 902 -13.03 -15.83 -8.42
N ILE A 903 -12.54 -16.11 -7.22
CA ILE A 903 -12.86 -15.31 -6.03
C ILE A 903 -12.29 -13.90 -6.17
N LEU A 904 -11.01 -13.80 -6.49
CA LEU A 904 -10.32 -12.51 -6.60
C LEU A 904 -10.65 -11.75 -7.89
N GLY A 905 -11.07 -12.46 -8.93
CA GLY A 905 -11.47 -11.84 -10.19
C GLY A 905 -10.34 -11.23 -10.97
N ILE A 906 -9.26 -11.99 -11.15
CA ILE A 906 -8.06 -11.52 -11.86
C ILE A 906 -8.30 -11.46 -13.37
N GLY A 907 -7.36 -10.83 -14.08
CA GLY A 907 -7.43 -10.71 -15.54
C GLY A 907 -7.53 -12.05 -16.25
N ASP A 908 -8.15 -12.02 -17.44
CA ASP A 908 -8.49 -13.25 -18.18
C ASP A 908 -7.27 -14.09 -18.52
N ARG A 909 -7.33 -15.38 -18.18
CA ARG A 909 -6.21 -16.31 -18.36
C ARG A 909 -6.13 -16.81 -19.80
N HIS A 910 -5.04 -16.44 -20.48
CA HIS A 910 -4.68 -17.01 -21.79
C HIS A 910 -3.40 -17.87 -21.62
N ASN A 911 -2.95 -18.49 -22.70
CA ASN A 911 -1.86 -19.48 -22.64
C ASN A 911 -0.50 -18.92 -22.21
N SER A 912 -0.23 -17.65 -22.50
CA SER A 912 0.94 -16.94 -21.97
C SER A 912 0.87 -16.65 -20.46
N ASN A 913 -0.32 -16.38 -19.94
CA ASN A 913 -0.53 -16.16 -18.50
C ASN A 913 -0.37 -17.42 -17.65
N ILE A 914 -0.77 -18.57 -18.20
CA ILE A 914 -0.69 -19.86 -17.49
C ILE A 914 0.70 -20.48 -17.74
N MET A 915 1.26 -21.10 -16.71
CA MET A 915 2.57 -21.79 -16.81
C MET A 915 2.52 -23.14 -16.10
N VAL A 916 3.40 -24.05 -16.54
CA VAL A 916 3.49 -25.42 -16.01
C VAL A 916 4.96 -25.77 -15.76
N LYS A 917 5.20 -26.56 -14.71
CA LYS A 917 6.55 -27.03 -14.36
C LYS A 917 6.78 -28.47 -14.80
N ASP A 918 8.03 -28.93 -14.69
CA ASP A 918 8.41 -30.31 -15.05
C ASP A 918 7.71 -31.35 -14.18
N ASP A 919 7.66 -31.11 -12.87
CA ASP A 919 6.98 -32.00 -11.92
C ASP A 919 5.45 -32.06 -12.06
N GLY A 920 4.86 -31.08 -12.75
CA GLY A 920 3.42 -31.05 -13.03
C GLY A 920 2.66 -29.89 -12.40
N GLN A 921 3.33 -29.10 -11.55
CA GLN A 921 2.70 -27.97 -10.87
C GLN A 921 2.35 -26.84 -11.84
N LEU A 922 1.06 -26.61 -12.04
CA LEU A 922 0.56 -25.45 -12.77
C LEU A 922 0.55 -24.22 -11.87
N PHE A 923 0.82 -23.06 -12.46
CA PHE A 923 0.70 -21.78 -11.75
C PHE A 923 0.49 -20.63 -12.73
N HIS A 924 0.12 -19.47 -12.20
CA HIS A 924 -0.23 -18.30 -12.99
C HIS A 924 0.79 -17.18 -12.82
N ILE A 925 0.82 -16.27 -13.81
CA ILE A 925 1.66 -15.08 -13.76
C ILE A 925 0.90 -13.87 -14.32
N ASP A 926 1.39 -12.68 -14.01
CA ASP A 926 0.81 -11.42 -14.48
C ASP A 926 -0.63 -11.25 -14.02
N PHE A 927 -0.78 -10.89 -12.74
CA PHE A 927 -2.06 -10.54 -12.16
C PHE A 927 -2.22 -9.03 -12.31
N GLY A 928 -2.38 -8.58 -13.56
CA GLY A 928 -2.35 -7.16 -13.90
C GLY A 928 -3.40 -6.32 -13.21
N HIS A 929 -4.62 -6.85 -13.20
CA HIS A 929 -5.73 -6.26 -12.43
C HIS A 929 -6.51 -7.36 -11.73
N PHE A 930 -7.33 -6.96 -10.76
CA PHE A 930 -8.09 -7.89 -9.93
C PHE A 930 -9.33 -7.21 -9.36
N LEU A 931 -10.20 -7.99 -8.73
CA LEU A 931 -11.55 -7.58 -8.29
C LEU A 931 -12.43 -7.11 -9.47
N ASP A 932 -12.15 -7.65 -10.66
CA ASP A 932 -12.82 -7.24 -11.90
C ASP A 932 -12.83 -5.71 -12.04
N HIS A 933 -11.64 -5.12 -12.11
CA HIS A 933 -11.50 -3.67 -12.25
C HIS A 933 -12.02 -3.16 -13.60
N LYS A 934 -12.03 -4.04 -14.62
CA LYS A 934 -12.62 -3.73 -15.92
C LYS A 934 -14.12 -4.07 -16.00
N LYS A 935 -14.81 -4.12 -14.86
CA LYS A 935 -16.28 -4.07 -14.83
C LYS A 935 -16.77 -2.68 -15.28
N LYS A 936 -16.03 -1.64 -14.88
CA LYS A 936 -16.18 -0.30 -15.47
C LYS A 936 -15.28 -0.22 -16.70
N LYS A 937 -15.41 0.87 -17.47
CA LYS A 937 -15.05 0.90 -18.90
C LYS A 937 -15.97 -0.01 -19.73
N PHE A 938 -17.08 -0.45 -19.12
CA PHE A 938 -18.00 -1.47 -19.63
C PHE A 938 -19.21 -1.47 -18.68
N GLY A 939 -20.20 -2.31 -18.95
CA GLY A 939 -21.41 -2.38 -18.12
C GLY A 939 -21.92 -3.79 -17.84
N TYR A 940 -21.11 -4.59 -17.15
CA TYR A 940 -21.53 -5.92 -16.68
C TYR A 940 -21.59 -5.94 -15.16
N LYS A 941 -22.66 -6.54 -14.62
CA LYS A 941 -22.74 -6.90 -13.19
C LYS A 941 -22.34 -8.37 -12.95
N ARG A 942 -22.09 -9.11 -14.03
CA ARG A 942 -21.76 -10.54 -13.95
C ARG A 942 -20.38 -10.78 -13.35
N GLU A 943 -20.24 -11.90 -12.63
CA GLU A 943 -18.96 -12.33 -12.06
C GLU A 943 -18.31 -13.35 -12.99
N ARG A 944 -17.35 -12.89 -13.80
CA ARG A 944 -16.71 -13.74 -14.82
C ARG A 944 -15.73 -14.75 -14.23
N VAL A 945 -15.46 -15.79 -15.02
CA VAL A 945 -14.53 -16.87 -14.66
C VAL A 945 -13.23 -16.66 -15.46
N PRO A 946 -12.13 -16.24 -14.79
CA PRO A 946 -10.90 -16.00 -15.57
C PRO A 946 -10.25 -17.28 -16.09
N PHE A 947 -9.96 -18.23 -15.19
CA PHE A 947 -9.30 -19.47 -15.57
C PHE A 947 -10.33 -20.52 -15.99
N VAL A 948 -10.64 -20.51 -17.29
CA VAL A 948 -11.55 -21.48 -17.89
C VAL A 948 -10.73 -22.68 -18.36
N LEU A 949 -11.04 -23.86 -17.83
CA LEU A 949 -10.34 -25.10 -18.21
C LEU A 949 -10.88 -25.63 -19.53
N THR A 950 -10.12 -25.40 -20.60
CA THR A 950 -10.46 -25.89 -21.94
C THR A 950 -10.16 -27.38 -22.08
N GLN A 951 -10.51 -27.93 -23.25
CA GLN A 951 -10.17 -29.32 -23.62
C GLN A 951 -8.72 -29.72 -23.32
N ASP A 952 -7.79 -28.79 -23.56
CA ASP A 952 -6.36 -29.02 -23.32
C ASP A 952 -6.05 -29.40 -21.86
N PHE A 953 -6.71 -28.72 -20.92
CA PHE A 953 -6.50 -28.96 -19.49
C PHE A 953 -7.30 -30.15 -18.95
N LEU A 954 -8.53 -30.34 -19.44
CA LEU A 954 -9.41 -31.43 -19.00
C LEU A 954 -8.90 -32.82 -19.37
N ILE A 955 -8.18 -32.93 -20.49
CA ILE A 955 -7.52 -34.18 -20.91
C ILE A 955 -6.43 -34.61 -19.90
N VAL A 956 -5.70 -33.64 -19.36
CA VAL A 956 -4.61 -33.92 -18.41
C VAL A 956 -5.16 -34.42 -17.06
N ILE A 957 -6.27 -33.84 -16.62
CA ILE A 957 -6.95 -34.29 -15.40
C ILE A 957 -7.53 -35.69 -15.60
N SER A 958 -8.22 -35.89 -16.73
CA SER A 958 -8.91 -37.15 -17.05
C SER A 958 -8.00 -38.28 -17.55
N LYS A 959 -6.72 -38.00 -17.80
CA LYS A 959 -5.72 -39.00 -18.22
C LYS A 959 -6.02 -39.61 -19.59
N GLY A 960 -6.17 -38.75 -20.59
CA GLY A 960 -6.35 -39.17 -21.98
C GLY A 960 -7.69 -39.80 -22.33
N ALA A 961 -8.74 -39.49 -21.57
CA ALA A 961 -10.09 -39.97 -21.86
C ALA A 961 -10.75 -39.08 -22.92
N GLN A 962 -11.67 -39.66 -23.69
CA GLN A 962 -12.39 -38.92 -24.74
C GLN A 962 -13.42 -37.98 -24.11
N GLU A 963 -14.31 -38.54 -23.29
CA GLU A 963 -15.26 -37.76 -22.50
C GLU A 963 -14.58 -37.28 -21.23
N CYS A 964 -13.78 -36.21 -21.35
CA CYS A 964 -13.00 -35.66 -20.24
C CYS A 964 -13.86 -35.07 -19.12
N THR A 965 -15.05 -34.58 -19.47
CA THR A 965 -15.99 -34.00 -18.50
C THR A 965 -16.85 -35.03 -17.73
N LYS A 966 -16.81 -36.30 -18.14
CA LYS A 966 -17.64 -37.36 -17.53
C LYS A 966 -16.78 -38.55 -17.12
N THR A 967 -15.82 -38.29 -16.23
CA THR A 967 -14.93 -39.32 -15.66
C THR A 967 -14.86 -39.19 -14.13
N ARG A 968 -14.23 -40.17 -13.50
CA ARG A 968 -14.02 -40.17 -12.05
C ARG A 968 -13.03 -39.10 -11.60
N GLU A 969 -11.97 -38.90 -12.37
CA GLU A 969 -10.93 -37.90 -12.06
C GLU A 969 -11.46 -36.46 -12.09
N PHE A 970 -12.33 -36.16 -13.06
CA PHE A 970 -12.94 -34.83 -13.18
C PHE A 970 -13.92 -34.55 -12.03
N GLU A 971 -14.69 -35.56 -11.63
CA GLU A 971 -15.60 -35.43 -10.48
C GLU A 971 -14.82 -35.28 -9.17
N ARG A 972 -13.72 -36.02 -9.05
CA ARG A 972 -12.78 -35.86 -7.93
C ARG A 972 -12.13 -34.46 -7.93
N PHE A 973 -11.81 -33.96 -9.13
CA PHE A 973 -11.33 -32.59 -9.31
C PHE A 973 -12.37 -31.54 -8.92
N GLN A 974 -13.63 -31.78 -9.31
CA GLN A 974 -14.75 -30.89 -8.95
C GLN A 974 -14.93 -30.74 -7.44
N GLU A 975 -14.85 -31.85 -6.70
CA GLU A 975 -14.98 -31.85 -5.25
C GLU A 975 -13.88 -31.07 -4.53
N MET A 976 -12.65 -31.10 -5.07
CA MET A 976 -11.53 -30.31 -4.52
C MET A 976 -11.77 -28.81 -4.62
N CYS A 977 -12.32 -28.37 -5.76
CA CYS A 977 -12.68 -26.96 -5.96
C CYS A 977 -13.80 -26.50 -5.00
N TYR A 978 -14.75 -27.40 -4.73
CA TYR A 978 -15.86 -27.09 -3.82
C TYR A 978 -15.39 -26.98 -2.38
N LYS A 979 -14.56 -27.92 -1.93
CA LYS A 979 -13.96 -27.86 -0.59
C LYS A 979 -13.05 -26.63 -0.42
N ALA A 980 -12.29 -26.31 -1.47
CA ALA A 980 -11.40 -25.14 -1.49
C ALA A 980 -12.19 -23.82 -1.49
N TYR A 981 -13.26 -23.78 -2.28
CA TYR A 981 -14.15 -22.60 -2.33
C TYR A 981 -14.81 -22.30 -0.99
N LEU A 982 -15.36 -23.32 -0.35
CA LEU A 982 -15.98 -23.17 0.97
C LEU A 982 -14.97 -22.88 2.09
N ALA A 983 -13.72 -23.35 1.93
CA ALA A 983 -12.64 -23.06 2.90
C ALA A 983 -12.28 -21.57 2.94
N ILE A 984 -12.24 -20.93 1.78
CA ILE A 984 -11.99 -19.49 1.67
C ILE A 984 -13.23 -18.69 2.10
N ARG A 985 -14.42 -19.23 1.84
CA ARG A 985 -15.69 -18.60 2.26
C ARG A 985 -15.80 -18.50 3.78
N GLN A 986 -15.38 -19.56 4.47
CA GLN A 986 -15.35 -19.59 5.94
C GLN A 986 -14.33 -18.63 6.56
N HIS A 987 -13.26 -18.31 5.82
CA HIS A 987 -12.29 -17.28 6.21
C HIS A 987 -12.45 -15.97 5.43
N ALA A 988 -13.69 -15.63 5.06
CA ALA A 988 -13.97 -14.44 4.25
C ALA A 988 -13.67 -13.12 4.96
N ASN A 989 -13.81 -13.11 6.28
CA ASN A 989 -13.52 -11.92 7.10
C ASN A 989 -12.06 -11.48 6.98
N LEU A 990 -11.15 -12.45 7.08
CA LEU A 990 -9.71 -12.20 6.97
C LEU A 990 -9.35 -11.42 5.70
N PHE A 991 -9.85 -11.89 4.56
CA PHE A 991 -9.54 -11.28 3.26
C PHE A 991 -10.18 -9.90 3.09
N ILE A 992 -11.43 -9.76 3.54
CA ILE A 992 -12.12 -8.46 3.54
C ILE A 992 -11.36 -7.43 4.39
N ASN A 993 -10.90 -7.87 5.57
CA ASN A 993 -10.08 -7.03 6.45
C ASN A 993 -8.77 -6.63 5.80
N LEU A 994 -8.10 -7.60 5.15
CA LEU A 994 -6.84 -7.34 4.46
C LEU A 994 -7.00 -6.34 3.31
N PHE A 995 -8.06 -6.50 2.51
CA PHE A 995 -8.37 -5.54 1.43
C PHE A 995 -8.81 -4.17 1.96
N SER A 996 -9.58 -4.15 3.05
CA SER A 996 -10.00 -2.88 3.69
C SER A 996 -8.83 -2.03 4.20
N MET A 997 -7.76 -2.68 4.62
CA MET A 997 -6.54 -2.00 5.07
C MET A 997 -5.74 -1.35 3.91
N MET A 998 -5.98 -1.81 2.67
CA MET A 998 -5.30 -1.29 1.48
C MET A 998 -6.04 -0.15 0.76
N LEU A 999 -7.18 0.30 1.27
CA LEU A 999 -7.99 1.34 0.58
C LEU A 999 -7.30 2.70 0.43
N GLY A 1000 -6.43 3.04 1.38
CA GLY A 1000 -5.65 4.29 1.31
C GLY A 1000 -4.30 4.17 0.63
N SER A 1001 -4.02 3.01 0.03
CA SER A 1001 -2.70 2.74 -0.58
C SER A 1001 -2.43 3.57 -1.83
N GLY A 1002 -3.47 3.80 -2.63
CA GLY A 1002 -3.36 4.55 -3.88
C GLY A 1002 -3.47 3.70 -5.14
N MET A 1003 -3.72 2.40 -4.98
CA MET A 1003 -4.00 1.52 -6.11
C MET A 1003 -5.37 1.86 -6.71
N PRO A 1004 -5.47 1.97 -8.06
CA PRO A 1004 -6.78 2.19 -8.69
C PRO A 1004 -7.81 1.09 -8.42
N GLU A 1005 -7.35 -0.14 -8.22
CA GLU A 1005 -8.23 -1.29 -7.99
C GLU A 1005 -8.85 -1.32 -6.58
N LEU A 1006 -8.26 -0.59 -5.64
CA LEU A 1006 -8.74 -0.53 -4.25
C LEU A 1006 -8.82 0.92 -3.74
N GLN A 1007 -9.86 1.62 -4.18
CA GLN A 1007 -10.12 3.01 -3.74
C GLN A 1007 -11.27 3.14 -2.72
N SER A 1008 -12.29 2.30 -2.87
CA SER A 1008 -13.48 2.37 -2.01
C SER A 1008 -13.99 0.97 -1.63
N PHE A 1009 -14.93 0.94 -0.69
CA PHE A 1009 -15.59 -0.30 -0.25
C PHE A 1009 -16.45 -0.95 -1.34
N ASP A 1010 -16.84 -0.17 -2.35
CA ASP A 1010 -17.50 -0.69 -3.55
C ASP A 1010 -16.59 -1.64 -4.34
N ASP A 1011 -15.29 -1.33 -4.37
CA ASP A 1011 -14.30 -2.17 -5.06
C ASP A 1011 -14.02 -3.49 -4.34
N ILE A 1012 -14.02 -3.45 -3.00
CA ILE A 1012 -13.80 -4.66 -2.18
C ILE A 1012 -15.00 -5.60 -2.21
N ALA A 1013 -16.19 -5.07 -2.48
CA ALA A 1013 -17.42 -5.86 -2.50
C ALA A 1013 -17.52 -6.94 -3.58
N TYR A 1014 -16.57 -6.99 -4.53
CA TYR A 1014 -16.52 -8.06 -5.52
C TYR A 1014 -16.32 -9.44 -4.90
N ILE A 1015 -15.39 -9.57 -3.94
CA ILE A 1015 -15.18 -10.84 -3.24
C ILE A 1015 -16.38 -11.30 -2.40
N ARG A 1016 -17.24 -10.37 -2.01
CA ARG A 1016 -18.50 -10.72 -1.34
C ARG A 1016 -19.50 -11.36 -2.30
N LYS A 1017 -19.52 -10.87 -3.55
CA LYS A 1017 -20.38 -11.43 -4.60
C LYS A 1017 -19.91 -12.82 -5.06
N THR A 1018 -18.60 -13.00 -5.22
CA THR A 1018 -18.04 -14.29 -5.66
C THR A 1018 -18.09 -15.36 -4.56
N LEU A 1019 -17.80 -14.95 -3.32
CA LEU A 1019 -17.96 -15.84 -2.15
C LEU A 1019 -19.43 -15.96 -1.70
N ALA A 1020 -20.27 -15.01 -2.12
CA ALA A 1020 -21.72 -15.04 -1.88
C ALA A 1020 -22.06 -15.04 -0.39
N LEU A 1021 -21.58 -14.02 0.30
CA LEU A 1021 -21.67 -13.94 1.77
C LEU A 1021 -23.07 -13.59 2.27
N ASP A 1022 -23.82 -12.80 1.49
CA ASP A 1022 -25.24 -12.52 1.78
C ASP A 1022 -26.11 -13.77 1.66
N LYS A 1023 -25.68 -14.75 0.85
CA LYS A 1023 -26.40 -16.01 0.68
C LYS A 1023 -25.94 -17.08 1.68
N THR A 1024 -26.66 -18.19 1.70
CA THR A 1024 -26.34 -19.35 2.54
C THR A 1024 -25.11 -20.09 1.98
N GLU A 1025 -24.46 -20.88 2.83
CA GLU A 1025 -23.31 -21.72 2.42
C GLU A 1025 -23.66 -22.65 1.25
N GLN A 1026 -24.82 -23.28 1.32
CA GLN A 1026 -25.30 -24.19 0.27
C GLN A 1026 -25.66 -23.41 -1.01
N GLU A 1027 -26.30 -22.26 -0.85
CA GLU A 1027 -26.60 -21.36 -1.98
C GLU A 1027 -25.32 -20.81 -2.63
N ALA A 1028 -24.30 -20.54 -1.82
CA ALA A 1028 -23.00 -20.09 -2.32
C ALA A 1028 -22.29 -21.18 -3.13
N LEU A 1029 -22.43 -22.43 -2.70
CA LEU A 1029 -21.89 -23.58 -3.43
C LEU A 1029 -22.64 -23.81 -4.75
N GLU A 1030 -23.97 -23.71 -4.71
CA GLU A 1030 -24.80 -23.81 -5.92
C GLU A 1030 -24.56 -22.65 -6.88
N TYR A 1031 -24.27 -21.46 -6.34
CA TYR A 1031 -23.84 -20.30 -7.14
C TYR A 1031 -22.53 -20.60 -7.87
N PHE A 1032 -21.53 -21.07 -7.12
CA PHE A 1032 -20.21 -21.43 -7.67
C PHE A 1032 -20.30 -22.46 -8.79
N MET A 1033 -21.14 -23.48 -8.59
CA MET A 1033 -21.41 -24.49 -9.62
C MET A 1033 -21.97 -23.90 -10.92
N LYS A 1034 -22.88 -22.94 -10.79
CA LYS A 1034 -23.51 -22.29 -11.95
C LYS A 1034 -22.54 -21.40 -12.74
N GLN A 1035 -21.64 -20.71 -12.03
CA GLN A 1035 -20.64 -19.83 -12.67
C GLN A 1035 -19.63 -20.62 -13.50
N MET A 1036 -19.21 -21.78 -12.99
CA MET A 1036 -18.33 -22.69 -13.72
C MET A 1036 -19.04 -23.30 -14.93
N ASN A 1037 -20.35 -23.55 -14.80
CA ASN A 1037 -21.16 -24.13 -15.88
C ASN A 1037 -21.36 -23.16 -17.05
N ASP A 1038 -21.61 -21.89 -16.74
CA ASP A 1038 -21.79 -20.85 -17.77
C ASP A 1038 -20.51 -20.58 -18.57
N ALA A 1039 -19.37 -20.57 -17.88
CA ALA A 1039 -18.06 -20.36 -18.51
C ALA A 1039 -17.61 -21.54 -19.39
N HIS A 1040 -17.95 -22.76 -18.96
CA HIS A 1040 -17.57 -23.98 -19.68
C HIS A 1040 -18.60 -24.42 -20.74
N HIS A 1041 -19.72 -23.70 -20.86
CA HIS A 1041 -20.77 -23.96 -21.87
C HIS A 1041 -21.40 -25.35 -21.75
N GLY A 1042 -21.67 -25.77 -20.51
CA GLY A 1042 -22.23 -27.09 -20.24
C GLY A 1042 -21.23 -28.17 -19.83
N GLY A 1043 -19.95 -27.97 -20.19
CA GLY A 1043 -18.88 -28.92 -19.89
C GLY A 1043 -18.68 -29.21 -18.41
N TRP A 1044 -18.84 -28.19 -17.57
CA TRP A 1044 -18.78 -28.34 -16.12
C TRP A 1044 -20.10 -28.98 -15.68
N THR A 1045 -20.03 -30.24 -15.25
CA THR A 1045 -21.22 -31.03 -14.96
C THR A 1045 -21.96 -30.49 -13.73
N THR A 1046 -23.29 -30.44 -13.84
CA THR A 1046 -24.17 -30.06 -12.73
C THR A 1046 -24.22 -31.19 -11.71
N LYS A 1047 -24.75 -30.91 -10.52
CA LYS A 1047 -24.96 -31.94 -9.48
C LYS A 1047 -25.78 -33.16 -9.95
N MET A 1048 -26.60 -32.98 -10.99
CA MET A 1048 -27.33 -34.08 -11.64
C MET A 1048 -26.35 -35.10 -12.22
N MET B 1 -56.50 2.26 -4.04
CA MET B 1 -55.62 2.69 -5.18
C MET B 1 -54.14 2.63 -4.79
N ASN B 2 -53.77 3.34 -3.73
CA ASN B 2 -52.38 3.37 -3.23
C ASN B 2 -52.04 2.08 -2.49
N ASN B 3 -52.78 1.79 -1.42
CA ASN B 3 -52.54 0.60 -0.60
C ASN B 3 -52.93 -0.72 -1.30
N ASN B 4 -53.87 -0.64 -2.25
CA ASN B 4 -54.27 -1.81 -3.05
C ASN B 4 -53.29 -2.15 -4.19
N MET B 5 -52.29 -1.29 -4.43
CA MET B 5 -51.22 -1.56 -5.39
C MET B 5 -50.36 -2.75 -4.96
N SER B 6 -49.92 -3.54 -5.93
CA SER B 6 -49.06 -4.70 -5.66
C SER B 6 -47.62 -4.27 -5.42
N LEU B 7 -46.88 -5.07 -4.65
CA LEU B 7 -45.49 -4.77 -4.31
C LEU B 7 -44.55 -4.80 -5.52
N GLN B 8 -44.87 -5.65 -6.51
CA GLN B 8 -44.11 -5.69 -7.77
C GLN B 8 -44.25 -4.41 -8.60
N ASP B 9 -45.47 -3.89 -8.70
CA ASP B 9 -45.75 -2.67 -9.47
C ASP B 9 -45.33 -1.37 -8.77
N ALA B 10 -44.98 -1.43 -7.48
CA ALA B 10 -44.51 -0.27 -6.73
C ALA B 10 -43.16 0.22 -7.27
N GLU B 11 -43.04 1.53 -7.44
CA GLU B 11 -41.83 2.17 -7.98
C GLU B 11 -40.58 1.98 -7.11
N TRP B 12 -40.76 2.01 -5.79
CA TRP B 12 -39.65 1.93 -4.83
C TRP B 12 -39.16 0.49 -4.53
N TYR B 13 -39.89 -0.53 -4.99
CA TYR B 13 -39.46 -1.92 -4.84
C TYR B 13 -38.49 -2.30 -5.96
N TRP B 14 -37.32 -2.84 -5.58
CA TRP B 14 -36.24 -3.17 -6.52
C TRP B 14 -35.91 -4.67 -6.66
N GLY B 15 -36.52 -5.52 -5.83
CA GLY B 15 -36.31 -6.97 -5.94
C GLY B 15 -35.01 -7.42 -5.30
N ASP B 16 -34.31 -8.33 -5.98
CA ASP B 16 -33.13 -9.01 -5.41
C ASP B 16 -31.77 -8.33 -5.71
N ILE B 17 -31.76 -6.99 -5.78
CA ILE B 17 -30.52 -6.23 -5.95
C ILE B 17 -29.66 -6.29 -4.68
N SER B 18 -28.35 -6.19 -4.85
CA SER B 18 -27.41 -6.25 -3.73
C SER B 18 -27.38 -4.95 -2.94
N ARG B 19 -26.83 -5.02 -1.73
CA ARG B 19 -26.64 -3.83 -0.88
C ARG B 19 -25.69 -2.78 -1.50
N GLU B 20 -24.78 -3.23 -2.37
CA GLU B 20 -23.89 -2.34 -3.13
C GLU B 20 -24.67 -1.53 -4.16
N GLU B 21 -25.60 -2.19 -4.84
CA GLU B 21 -26.48 -1.53 -5.82
C GLU B 21 -27.40 -0.49 -5.17
N VAL B 22 -27.76 -0.72 -3.91
CA VAL B 22 -28.50 0.26 -3.10
C VAL B 22 -27.59 1.44 -2.72
N ASN B 23 -26.36 1.15 -2.30
CA ASN B 23 -25.38 2.18 -1.94
C ASN B 23 -25.05 3.14 -3.09
N GLU B 24 -24.98 2.60 -4.31
CA GLU B 24 -24.77 3.40 -5.53
C GLU B 24 -25.88 4.44 -5.74
N LYS B 25 -27.13 4.02 -5.59
CA LYS B 25 -28.30 4.88 -5.83
C LYS B 25 -28.53 5.92 -4.75
N LEU B 26 -28.13 5.63 -3.51
CA LEU B 26 -28.27 6.55 -2.39
C LEU B 26 -26.98 7.34 -2.08
N ARG B 27 -25.96 7.25 -2.93
CA ARG B 27 -24.72 8.02 -2.77
C ARG B 27 -24.96 9.49 -3.12
N ASP B 28 -24.58 10.39 -2.21
CA ASP B 28 -24.77 11.85 -2.38
C ASP B 28 -26.22 12.24 -2.71
N THR B 29 -27.16 11.69 -1.93
CA THR B 29 -28.59 11.97 -2.08
C THR B 29 -29.14 12.65 -0.83
N ALA B 30 -30.29 13.30 -0.97
CA ALA B 30 -30.90 14.09 0.11
C ALA B 30 -31.51 13.19 1.20
N ASP B 31 -31.89 13.82 2.31
CA ASP B 31 -32.54 13.11 3.42
C ASP B 31 -33.95 12.67 3.04
N GLY B 32 -34.34 11.49 3.53
CA GLY B 32 -35.61 10.87 3.18
C GLY B 32 -35.65 10.19 1.82
N THR B 33 -34.48 9.98 1.20
CA THR B 33 -34.39 9.27 -0.08
C THR B 33 -34.30 7.78 0.24
N PHE B 34 -35.17 6.98 -0.37
CA PHE B 34 -35.32 5.57 0.00
C PHE B 34 -35.63 4.62 -1.15
N LEU B 35 -35.43 3.32 -0.88
CA LEU B 35 -35.91 2.23 -1.72
C LEU B 35 -35.99 0.94 -0.91
N VAL B 36 -36.65 -0.06 -1.49
CA VAL B 36 -36.82 -1.37 -0.84
C VAL B 36 -36.23 -2.47 -1.73
N ARG B 37 -35.54 -3.42 -1.11
CA ARG B 37 -35.01 -4.60 -1.80
C ARG B 37 -35.36 -5.86 -1.00
N ASP B 38 -35.03 -7.02 -1.57
CA ASP B 38 -35.16 -8.30 -0.85
C ASP B 38 -34.07 -8.39 0.20
N ALA B 39 -34.38 -9.06 1.30
CA ALA B 39 -33.42 -9.28 2.38
C ALA B 39 -32.39 -10.33 1.96
N SER B 40 -31.25 -10.34 2.65
CA SER B 40 -30.21 -11.33 2.43
C SER B 40 -30.77 -12.71 2.77
N THR B 41 -30.60 -13.67 1.86
CA THR B 41 -31.17 -15.02 2.03
C THR B 41 -30.49 -15.86 3.12
N LYS B 42 -29.37 -15.36 3.66
CA LYS B 42 -28.78 -15.86 4.90
C LYS B 42 -29.60 -15.42 6.11
N MET B 43 -29.91 -14.12 6.18
CA MET B 43 -30.49 -13.49 7.37
C MET B 43 -32.00 -13.61 7.46
N HIS B 44 -32.53 -13.42 8.68
CA HIS B 44 -33.98 -13.34 8.92
C HIS B 44 -34.59 -12.10 8.26
N GLY B 45 -35.92 -12.07 8.17
CA GLY B 45 -36.64 -10.95 7.56
C GLY B 45 -36.83 -11.13 6.07
N ASP B 46 -37.80 -10.41 5.52
CA ASP B 46 -38.19 -10.53 4.12
C ASP B 46 -37.59 -9.43 3.24
N TYR B 47 -37.77 -8.19 3.65
CA TYR B 47 -37.28 -7.02 2.89
C TYR B 47 -36.43 -6.10 3.76
N THR B 48 -35.65 -5.25 3.10
CA THR B 48 -34.78 -4.29 3.76
C THR B 48 -35.11 -2.89 3.22
N LEU B 49 -35.47 -1.98 4.14
CA LEU B 49 -35.71 -0.58 3.81
C LEU B 49 -34.42 0.20 4.09
N THR B 50 -33.81 0.73 3.04
CA THR B 50 -32.63 1.60 3.16
C THR B 50 -33.07 3.04 2.89
N LEU B 51 -32.81 3.94 3.84
CA LEU B 51 -33.17 5.35 3.72
C LEU B 51 -32.02 6.25 4.19
N ARG B 52 -31.99 7.49 3.68
CA ARG B 52 -30.97 8.47 4.05
C ARG B 52 -31.37 9.29 5.28
N LYS B 53 -30.40 9.55 6.15
CA LYS B 53 -30.60 10.37 7.35
C LYS B 53 -29.26 10.83 7.91
N GLY B 54 -29.02 12.14 7.87
CA GLY B 54 -27.74 12.72 8.32
C GLY B 54 -26.55 12.36 7.45
N GLY B 55 -26.79 12.22 6.14
CA GLY B 55 -25.76 11.78 5.19
C GLY B 55 -25.34 10.32 5.34
N ASN B 56 -26.22 9.49 5.90
CA ASN B 56 -25.93 8.08 6.17
C ASN B 56 -27.10 7.19 5.73
N ASN B 57 -26.78 5.99 5.25
CA ASN B 57 -27.78 5.01 4.87
C ASN B 57 -28.22 4.24 6.11
N LYS B 58 -29.54 4.13 6.31
CA LYS B 58 -30.13 3.49 7.48
C LYS B 58 -30.92 2.25 7.06
N LEU B 59 -30.35 1.06 7.30
CA LEU B 59 -31.00 -0.22 6.97
C LEU B 59 -32.02 -0.61 8.04
N ILE B 60 -33.27 -0.80 7.63
CA ILE B 60 -34.36 -1.19 8.52
C ILE B 60 -35.05 -2.43 7.94
N LYS B 61 -34.91 -3.56 8.62
CA LYS B 61 -35.49 -4.84 8.19
C LYS B 61 -37.02 -4.84 8.36
N ILE B 62 -37.72 -5.37 7.36
CA ILE B 62 -39.18 -5.55 7.39
C ILE B 62 -39.48 -7.05 7.54
N PHE B 63 -39.94 -7.44 8.73
CA PHE B 63 -40.23 -8.85 9.05
C PHE B 63 -41.66 -9.21 8.65
N HIS B 64 -41.98 -10.51 8.75
CA HIS B 64 -43.32 -11.01 8.44
C HIS B 64 -43.73 -12.16 9.37
N ARG B 65 -45.01 -12.17 9.75
CA ARG B 65 -45.61 -13.28 10.50
C ARG B 65 -47.14 -13.26 10.42
N ASP B 66 -47.71 -14.27 9.77
CA ASP B 66 -49.17 -14.47 9.68
C ASP B 66 -49.92 -13.29 9.05
N GLY B 67 -49.58 -13.02 7.78
CA GLY B 67 -50.20 -11.94 7.00
C GLY B 67 -50.01 -10.52 7.50
N LYS B 68 -48.92 -10.27 8.25
CA LYS B 68 -48.64 -8.94 8.81
C LYS B 68 -47.15 -8.59 8.68
N TYR B 69 -46.87 -7.31 8.42
CA TYR B 69 -45.50 -6.80 8.25
C TYR B 69 -45.17 -5.70 9.28
N GLY B 70 -43.88 -5.47 9.48
CA GLY B 70 -43.41 -4.48 10.45
C GLY B 70 -41.92 -4.55 10.76
N PHE B 71 -41.45 -3.59 11.56
CA PHE B 71 -40.03 -3.50 11.93
C PHE B 71 -39.69 -4.37 13.14
N SER B 72 -40.58 -4.42 14.12
CA SER B 72 -40.45 -5.29 15.29
C SER B 72 -41.82 -5.80 15.75
N ASP B 73 -41.82 -6.77 16.66
CA ASP B 73 -43.06 -7.29 17.23
C ASP B 73 -43.70 -6.22 18.13
N PRO B 74 -45.00 -5.95 18.01
CA PRO B 74 -45.94 -6.65 17.14
C PRO B 74 -45.97 -6.11 15.70
N LEU B 75 -46.20 -6.99 14.74
CA LEU B 75 -46.32 -6.61 13.33
C LEU B 75 -47.77 -6.15 13.06
N THR B 76 -47.93 -4.88 12.70
CA THR B 76 -49.25 -4.24 12.63
C THR B 76 -49.75 -3.87 11.23
N PHE B 77 -48.88 -3.92 10.21
CA PHE B 77 -49.24 -3.51 8.84
C PHE B 77 -49.73 -4.70 8.00
N SER B 78 -50.66 -4.43 7.09
CA SER B 78 -51.26 -5.46 6.23
C SER B 78 -50.31 -5.88 5.12
N SER B 79 -49.71 -4.90 4.45
CA SER B 79 -48.73 -5.14 3.39
C SER B 79 -47.53 -4.17 3.50
N VAL B 80 -46.51 -4.43 2.70
CA VAL B 80 -45.31 -3.57 2.64
C VAL B 80 -45.65 -2.21 2.05
N VAL B 81 -46.57 -2.18 1.08
CA VAL B 81 -47.03 -0.92 0.48
C VAL B 81 -47.73 -0.04 1.54
N GLU B 82 -48.54 -0.67 2.40
CA GLU B 82 -49.17 0.03 3.52
C GLU B 82 -48.15 0.57 4.53
N LEU B 83 -47.10 -0.21 4.78
CA LEU B 83 -46.01 0.19 5.69
C LEU B 83 -45.24 1.39 5.15
N ILE B 84 -44.87 1.34 3.87
CA ILE B 84 -44.09 2.42 3.24
C ILE B 84 -44.92 3.69 3.10
N ASN B 85 -46.10 3.59 2.47
CA ASN B 85 -46.99 4.74 2.26
C ASN B 85 -47.43 5.44 3.55
N HIS B 86 -47.49 4.68 4.65
CA HIS B 86 -47.72 5.26 5.98
C HIS B 86 -46.59 6.19 6.38
N TYR B 87 -45.36 5.71 6.26
CA TYR B 87 -44.16 6.50 6.59
C TYR B 87 -43.70 7.46 5.48
N ARG B 88 -44.36 7.40 4.31
CA ARG B 88 -44.27 8.49 3.32
C ARG B 88 -45.02 9.73 3.79
N ASN B 89 -46.15 9.51 4.49
CA ASN B 89 -47.00 10.59 5.01
C ASN B 89 -46.78 10.91 6.50
N GLU B 90 -46.02 10.09 7.21
CA GLU B 90 -45.77 10.28 8.64
C GLU B 90 -44.30 10.01 8.97
N SER B 91 -43.81 10.60 10.07
CA SER B 91 -42.41 10.46 10.48
C SER B 91 -42.09 9.07 11.01
N LEU B 92 -40.82 8.69 10.91
CA LEU B 92 -40.29 7.47 11.53
C LEU B 92 -39.95 7.67 13.02
N ALA B 93 -40.15 8.89 13.53
CA ALA B 93 -40.12 9.16 14.98
C ALA B 93 -41.12 8.32 15.78
N GLN B 94 -42.24 7.95 15.14
CA GLN B 94 -43.21 7.00 15.71
C GLN B 94 -42.54 5.69 16.10
N TYR B 95 -41.81 5.10 15.15
CA TYR B 95 -41.09 3.85 15.38
C TYR B 95 -39.88 4.05 16.30
N ASN B 96 -39.04 5.02 15.94
CA ASN B 96 -37.80 5.31 16.68
C ASN B 96 -37.49 6.81 16.66
N PRO B 97 -37.52 7.48 17.83
CA PRO B 97 -37.18 8.91 17.93
C PRO B 97 -35.80 9.34 17.40
N LYS B 98 -34.84 8.42 17.35
CA LYS B 98 -33.52 8.68 16.74
C LYS B 98 -33.65 9.29 15.35
N LEU B 99 -34.31 8.57 14.44
CA LEU B 99 -34.40 8.97 13.03
C LEU B 99 -35.72 9.67 12.73
N ASP B 100 -35.77 10.95 13.10
CA ASP B 100 -36.93 11.81 12.82
C ASP B 100 -36.87 12.26 11.35
N VAL B 101 -37.48 11.46 10.48
CA VAL B 101 -37.46 11.72 9.04
C VAL B 101 -38.57 10.93 8.32
N LYS B 102 -39.12 11.50 7.25
CA LYS B 102 -40.15 10.85 6.44
C LYS B 102 -39.54 10.21 5.19
N LEU B 103 -40.27 9.28 4.60
CA LEU B 103 -39.87 8.62 3.35
C LEU B 103 -40.27 9.53 2.17
N LEU B 104 -39.46 10.55 1.94
CA LEU B 104 -39.82 11.66 1.05
C LEU B 104 -39.63 11.37 -0.44
N TYR B 105 -38.46 10.84 -0.81
CA TYR B 105 -38.04 10.73 -2.22
C TYR B 105 -37.80 9.27 -2.65
N PRO B 106 -38.80 8.62 -3.27
CA PRO B 106 -38.60 7.23 -3.74
C PRO B 106 -37.68 7.12 -4.96
N VAL B 107 -36.65 6.28 -4.86
CA VAL B 107 -35.76 5.97 -5.98
C VAL B 107 -36.50 4.99 -6.89
N SER B 108 -37.06 5.51 -7.99
CA SER B 108 -37.92 4.72 -8.87
C SER B 108 -37.13 3.74 -9.73
N LYS B 109 -37.70 2.55 -9.93
CA LYS B 109 -37.22 1.61 -10.97
C LYS B 109 -37.80 1.97 -12.35
N TYR B 110 -38.69 2.97 -12.40
CA TYR B 110 -39.10 3.62 -13.64
C TYR B 110 -38.37 4.98 -13.81
N GLN B 111 -37.17 5.10 -13.24
CA GLN B 111 -36.35 6.31 -13.36
C GLN B 111 -35.71 6.36 -14.75
N GLN B 112 -35.12 5.24 -15.16
CA GLN B 112 -34.60 5.08 -16.53
C GLN B 112 -35.67 5.25 -17.61
N ASP B 113 -36.91 4.79 -17.32
CA ASP B 113 -38.04 4.95 -18.24
C ASP B 113 -38.35 6.42 -18.59
N GLN B 114 -38.08 7.33 -17.64
CA GLN B 114 -38.19 8.77 -17.89
C GLN B 114 -37.12 9.28 -18.86
N VAL B 115 -35.89 8.80 -18.70
CA VAL B 115 -34.76 9.20 -19.54
C VAL B 115 -34.85 8.53 -20.91
N VAL B 116 -34.77 7.19 -20.94
CA VAL B 116 -34.86 6.43 -22.21
C VAL B 116 -36.34 6.21 -22.60
N LYS B 117 -36.90 7.21 -23.28
CA LYS B 117 -38.31 7.18 -23.72
C LYS B 117 -38.59 6.23 -24.89
N GLU B 118 -37.56 5.81 -25.62
CA GLU B 118 -37.74 4.94 -26.81
C GLU B 118 -38.11 3.51 -26.41
N ASP B 119 -39.18 2.99 -27.02
CA ASP B 119 -39.80 1.72 -26.63
C ASP B 119 -39.05 0.49 -27.15
N ASN B 120 -38.61 0.55 -28.41
CA ASN B 120 -38.00 -0.60 -29.09
C ASN B 120 -36.68 -1.04 -28.44
N ILE B 121 -36.49 -2.35 -28.31
CA ILE B 121 -35.31 -2.93 -27.64
C ILE B 121 -34.05 -2.80 -28.50
N GLU B 122 -34.18 -3.07 -29.80
CA GLU B 122 -33.06 -2.96 -30.74
C GLU B 122 -32.60 -1.51 -30.93
N ALA B 123 -33.53 -0.56 -30.88
CA ALA B 123 -33.21 0.87 -30.94
C ALA B 123 -32.45 1.35 -29.70
N VAL B 124 -32.90 0.91 -28.52
CA VAL B 124 -32.21 1.21 -27.25
C VAL B 124 -30.86 0.49 -27.19
N GLY B 125 -30.82 -0.75 -27.70
CA GLY B 125 -29.57 -1.52 -27.80
C GLY B 125 -28.51 -0.88 -28.68
N LYS B 126 -28.94 -0.17 -29.72
CA LYS B 126 -28.03 0.57 -30.59
C LYS B 126 -27.48 1.83 -29.92
N LYS B 127 -28.34 2.55 -29.19
CA LYS B 127 -27.92 3.75 -28.46
C LYS B 127 -26.96 3.43 -27.31
N LEU B 128 -27.11 2.26 -26.70
CA LEU B 128 -26.17 1.78 -25.69
C LEU B 128 -24.76 1.60 -26.27
N HIS B 129 -24.69 1.05 -27.49
CA HIS B 129 -23.43 0.91 -28.23
C HIS B 129 -22.81 2.28 -28.56
N GLU B 130 -23.65 3.24 -28.93
CA GLU B 130 -23.22 4.61 -29.23
C GLU B 130 -22.74 5.35 -27.98
N TYR B 131 -23.53 5.29 -26.90
CA TYR B 131 -23.16 5.91 -25.62
C TYR B 131 -21.91 5.29 -24.99
N ASN B 132 -21.73 3.98 -25.16
CA ASN B 132 -20.54 3.27 -24.66
C ASN B 132 -19.26 3.67 -25.43
N THR B 133 -19.39 3.87 -26.74
CA THR B 133 -18.26 4.31 -27.58
C THR B 133 -17.86 5.76 -27.27
N GLN B 134 -18.85 6.62 -27.04
CA GLN B 134 -18.60 8.00 -26.57
C GLN B 134 -17.96 8.03 -25.18
N PHE B 135 -18.37 7.10 -24.32
CA PHE B 135 -17.79 6.95 -22.98
C PHE B 135 -16.34 6.44 -23.05
N GLN B 136 -16.10 5.39 -23.83
CA GLN B 136 -14.76 4.83 -24.01
C GLN B 136 -13.78 5.78 -24.71
N GLU B 137 -14.30 6.66 -25.56
CA GLU B 137 -13.47 7.69 -26.22
C GLU B 137 -12.94 8.69 -25.19
N LYS B 138 -13.84 9.26 -24.39
CA LYS B 138 -13.47 10.21 -23.34
C LYS B 138 -12.70 9.57 -22.18
N SER B 139 -12.88 8.27 -21.97
CA SER B 139 -12.13 7.51 -20.96
C SER B 139 -10.65 7.39 -21.37
N ARG B 140 -10.41 6.99 -22.61
CA ARG B 140 -9.04 6.96 -23.17
C ARG B 140 -8.43 8.35 -23.30
N GLU B 141 -9.26 9.35 -23.56
CA GLU B 141 -8.83 10.76 -23.59
C GLU B 141 -8.41 11.24 -22.19
N TYR B 142 -9.18 10.86 -21.18
CA TYR B 142 -8.87 11.22 -19.78
C TYR B 142 -7.59 10.53 -19.27
N ASP B 143 -7.42 9.26 -19.62
CA ASP B 143 -6.23 8.49 -19.22
C ASP B 143 -4.95 9.08 -19.83
N ARG B 144 -5.03 9.53 -21.08
CA ARG B 144 -3.90 10.20 -21.75
C ARG B 144 -3.54 11.54 -21.10
N LEU B 145 -4.55 12.30 -20.65
CA LEU B 145 -4.31 13.52 -19.89
C LEU B 145 -3.72 13.26 -18.51
N TYR B 146 -4.15 12.18 -17.86
CA TYR B 146 -3.62 11.80 -16.54
C TYR B 146 -2.18 11.27 -16.61
N GLU B 147 -1.83 10.62 -17.73
CA GLU B 147 -0.43 10.23 -17.99
C GLU B 147 0.48 11.46 -18.12
N GLU B 148 -0.01 12.50 -18.79
CA GLU B 148 0.69 13.78 -18.86
C GLU B 148 0.72 14.47 -17.50
N TYR B 149 -0.42 14.45 -16.79
CA TYR B 149 -0.56 15.07 -15.46
C TYR B 149 0.45 14.55 -14.44
N THR B 150 0.68 13.24 -14.45
CA THR B 150 1.68 12.61 -13.57
C THR B 150 3.11 12.92 -14.02
N ARG B 151 3.37 12.73 -15.31
CA ARG B 151 4.70 12.99 -15.90
C ARG B 151 5.12 14.45 -15.74
N THR B 152 4.18 15.37 -15.91
CA THR B 152 4.42 16.80 -15.72
C THR B 152 4.66 17.13 -14.24
N SER B 153 3.88 16.53 -13.35
CA SER B 153 4.05 16.71 -11.90
C SER B 153 5.42 16.21 -11.40
N GLN B 154 5.89 15.10 -11.97
CA GLN B 154 7.22 14.55 -11.67
C GLN B 154 8.34 15.48 -12.12
N GLU B 155 8.28 15.91 -13.37
CA GLU B 155 9.31 16.80 -13.96
C GLU B 155 9.36 18.18 -13.31
N ILE B 156 8.22 18.69 -12.87
CA ILE B 156 8.17 19.92 -12.05
C ILE B 156 8.93 19.72 -10.74
N GLN B 157 8.67 18.59 -10.08
CA GLN B 157 9.34 18.25 -8.81
C GLN B 157 10.85 18.02 -8.98
N MET B 158 11.26 17.48 -10.13
CA MET B 158 12.68 17.36 -10.48
C MET B 158 13.32 18.74 -10.66
N LYS B 159 12.62 19.63 -11.37
CA LYS B 159 13.08 21.01 -11.58
C LYS B 159 13.10 21.84 -10.29
N ARG B 160 12.06 21.69 -9.48
CA ARG B 160 11.92 22.46 -8.22
C ARG B 160 13.10 22.24 -7.27
N THR B 161 13.56 20.99 -7.18
CA THR B 161 14.75 20.64 -6.41
C THR B 161 16.03 21.17 -7.07
N ALA B 162 16.11 21.06 -8.41
CA ALA B 162 17.26 21.56 -9.17
C ALA B 162 17.48 23.08 -9.07
N ILE B 163 16.38 23.83 -8.88
CA ILE B 163 16.46 25.28 -8.62
C ILE B 163 17.15 25.53 -7.28
N GLU B 164 16.76 24.80 -6.24
CA GLU B 164 17.39 24.88 -4.93
C GLU B 164 18.85 24.39 -4.96
N ALA B 165 19.12 23.38 -5.79
CA ALA B 165 20.49 22.89 -6.02
C ALA B 165 21.38 23.92 -6.71
N PHE B 166 20.81 24.69 -7.64
CA PHE B 166 21.52 25.82 -8.26
C PHE B 166 21.81 26.94 -7.25
N ASN B 167 20.85 27.22 -6.37
CA ASN B 167 20.99 28.28 -5.36
C ASN B 167 22.06 27.98 -4.32
N GLU B 168 22.18 26.70 -3.92
CA GLU B 168 23.28 26.27 -3.04
C GLU B 168 24.65 26.37 -3.73
N THR B 169 24.70 26.03 -5.02
CA THR B 169 25.91 26.17 -5.83
C THR B 169 26.34 27.63 -5.93
N ILE B 170 25.38 28.53 -6.18
CA ILE B 170 25.65 29.97 -6.28
C ILE B 170 26.13 30.53 -4.94
N LYS B 171 25.54 30.08 -3.84
CA LYS B 171 26.00 30.45 -2.49
C LYS B 171 27.46 30.05 -2.24
N ILE B 172 27.84 28.85 -2.70
CA ILE B 172 29.22 28.36 -2.57
C ILE B 172 30.19 29.12 -3.48
N PHE B 173 29.76 29.38 -4.72
CA PHE B 173 30.57 30.18 -5.67
C PHE B 173 30.67 31.66 -5.26
N GLU B 174 29.65 32.18 -4.57
CA GLU B 174 29.72 33.53 -3.98
C GLU B 174 30.51 33.54 -2.66
N GLU B 175 30.47 32.43 -1.92
CA GLU B 175 31.37 32.23 -0.77
C GLU B 175 32.84 32.16 -1.23
N GLN B 176 33.08 31.60 -2.41
CA GLN B 176 34.42 31.57 -3.01
C GLN B 176 34.91 32.98 -3.38
N CYS B 177 33.99 33.85 -3.82
CA CYS B 177 34.31 35.27 -4.02
C CYS B 177 34.64 35.96 -2.70
N GLN B 178 33.88 35.65 -1.64
CA GLN B 178 34.19 36.14 -0.30
C GLN B 178 35.53 35.61 0.21
N THR B 179 35.83 34.34 -0.10
CA THR B 179 37.12 33.72 0.23
C THR B 179 38.28 34.40 -0.49
N GLN B 180 38.06 34.79 -1.75
CA GLN B 180 39.06 35.51 -2.55
C GLN B 180 39.19 36.95 -2.03
N GLU B 181 38.09 37.69 -2.00
CA GLU B 181 38.05 39.10 -1.56
C GLU B 181 38.66 39.32 -0.16
N ARG B 182 38.52 38.34 0.72
CA ARG B 182 39.10 38.37 2.07
C ARG B 182 40.63 38.28 2.03
N TYR B 183 41.15 37.18 1.50
CA TYR B 183 42.60 36.91 1.50
C TYR B 183 43.38 37.54 0.32
N SER B 184 42.70 38.13 -0.66
CA SER B 184 43.36 38.81 -1.78
C SER B 184 43.75 40.26 -1.44
N LYS B 185 42.94 40.93 -0.62
CA LYS B 185 43.17 42.33 -0.25
C LYS B 185 44.52 42.53 0.45
N GLU B 186 44.88 41.63 1.36
CA GLU B 186 46.17 41.70 2.06
C GLU B 186 47.37 41.39 1.15
N TYR B 187 47.22 40.42 0.24
CA TYR B 187 48.30 40.01 -0.67
C TYR B 187 48.48 40.95 -1.87
N ILE B 188 47.37 41.43 -2.44
CA ILE B 188 47.43 42.38 -3.56
C ILE B 188 47.97 43.75 -3.11
N GLU B 189 47.60 44.19 -1.90
CA GLU B 189 48.09 45.46 -1.35
C GLU B 189 49.59 45.42 -0.99
N LYS B 190 50.08 44.25 -0.61
CA LYS B 190 51.53 44.04 -0.41
C LYS B 190 52.29 44.06 -1.76
N PHE B 191 51.64 43.58 -2.81
CA PHE B 191 52.23 43.48 -4.16
C PHE B 191 51.90 44.63 -5.13
N LYS B 192 51.00 45.54 -4.74
CA LYS B 192 50.79 46.79 -5.51
C LYS B 192 52.03 47.70 -5.36
N ARG B 193 52.57 47.75 -4.15
CA ARG B 193 53.92 48.27 -3.90
C ARG B 193 54.95 47.20 -4.30
N GLU B 194 56.20 47.64 -4.45
CA GLU B 194 57.31 46.80 -4.99
C GLU B 194 57.27 46.59 -6.51
N GLY B 195 56.29 47.19 -7.21
CA GLY B 195 56.23 47.14 -8.67
C GLY B 195 56.11 45.77 -9.32
N ASN B 196 55.31 44.89 -8.70
CA ASN B 196 55.08 43.53 -9.21
C ASN B 196 53.66 43.41 -9.77
N GLU B 197 53.48 43.86 -11.01
CA GLU B 197 52.18 43.79 -11.70
C GLU B 197 51.92 42.39 -12.30
N LYS B 198 52.98 41.59 -12.45
CA LYS B 198 52.88 40.20 -12.92
C LYS B 198 52.04 39.32 -11.97
N GLU B 199 52.12 39.62 -10.67
CA GLU B 199 51.31 38.93 -9.65
C GLU B 199 49.82 39.27 -9.77
N ILE B 200 49.51 40.56 -9.94
CA ILE B 200 48.12 41.03 -10.06
C ILE B 200 47.47 40.55 -11.37
N GLN B 201 48.28 40.41 -12.43
CA GLN B 201 47.80 39.91 -13.73
C GLN B 201 47.24 38.48 -13.66
N ARG B 202 47.90 37.62 -12.88
CA ARG B 202 47.43 36.24 -12.68
C ARG B 202 46.23 36.15 -11.73
N ILE B 203 46.22 36.95 -10.67
CA ILE B 203 45.15 36.92 -9.66
C ILE B 203 43.83 37.47 -10.22
N MET B 204 43.90 38.64 -10.87
CA MET B 204 42.71 39.26 -11.48
C MET B 204 42.17 38.47 -12.67
N HIS B 205 43.03 37.73 -13.36
CA HIS B 205 42.61 36.76 -14.38
C HIS B 205 41.79 35.63 -13.74
N ASN B 206 42.25 35.14 -12.59
CA ASN B 206 41.55 34.09 -11.84
C ASN B 206 40.24 34.59 -11.22
N TYR B 207 40.23 35.87 -10.79
CA TYR B 207 39.01 36.50 -10.26
C TYR B 207 37.93 36.69 -11.33
N ASP B 208 38.34 37.08 -12.54
CA ASP B 208 37.44 37.20 -13.69
C ASP B 208 36.87 35.84 -14.11
N LYS B 209 37.70 34.80 -14.05
CA LYS B 209 37.26 33.43 -14.37
C LYS B 209 36.21 32.91 -13.38
N LEU B 210 36.35 33.29 -12.11
CA LEU B 210 35.36 32.96 -11.08
C LEU B 210 34.03 33.68 -11.32
N LYS B 211 34.09 34.98 -11.59
CA LYS B 211 32.89 35.78 -11.91
C LYS B 211 32.24 35.38 -13.24
N SER B 212 33.04 34.90 -14.18
CA SER B 212 32.52 34.36 -15.45
C SER B 212 31.68 33.11 -15.23
N ARG B 213 32.12 32.24 -14.31
CA ARG B 213 31.38 31.02 -13.96
C ARG B 213 30.12 31.32 -13.14
N ILE B 214 30.18 32.33 -12.28
CA ILE B 214 29.00 32.78 -11.51
C ILE B 214 27.92 33.32 -12.44
N SER B 215 28.32 34.08 -13.46
CA SER B 215 27.41 34.59 -14.49
C SER B 215 26.70 33.47 -15.25
N GLU B 216 27.46 32.42 -15.60
CA GLU B 216 26.92 31.27 -16.34
C GLU B 216 25.98 30.40 -15.49
N ILE B 217 26.36 30.15 -14.25
CA ILE B 217 25.55 29.35 -13.32
C ILE B 217 24.25 30.08 -12.95
N ILE B 218 24.33 31.39 -12.74
CA ILE B 218 23.13 32.22 -12.50
C ILE B 218 22.23 32.27 -13.75
N ASP B 219 22.83 32.30 -14.93
CA ASP B 219 22.08 32.21 -16.20
C ASP B 219 21.37 30.86 -16.36
N SER B 220 22.05 29.77 -16.02
CA SER B 220 21.47 28.43 -16.09
C SER B 220 20.29 28.25 -15.12
N ARG B 221 20.42 28.83 -13.92
CA ARG B 221 19.31 28.86 -12.95
C ARG B 221 18.17 29.75 -13.42
N ARG B 222 18.51 30.88 -14.06
CA ARG B 222 17.51 31.78 -14.64
C ARG B 222 16.75 31.11 -15.79
N ARG B 223 17.47 30.38 -16.66
CA ARG B 223 16.84 29.63 -17.76
C ARG B 223 15.94 28.49 -17.27
N LEU B 224 16.31 27.86 -16.15
CA LEU B 224 15.51 26.78 -15.55
C LEU B 224 14.18 27.30 -14.98
N GLU B 225 14.20 28.50 -14.42
CA GLU B 225 12.97 29.16 -13.93
C GLU B 225 11.92 29.42 -15.02
N GLU B 226 12.38 29.62 -16.26
CA GLU B 226 11.48 29.81 -17.41
C GLU B 226 10.83 28.48 -17.81
N ASP B 227 11.62 27.40 -17.78
CA ASP B 227 11.09 26.05 -18.00
C ASP B 227 10.11 25.61 -16.90
N LEU B 228 10.33 26.07 -15.67
CA LEU B 228 9.43 25.76 -14.56
C LEU B 228 8.08 26.44 -14.73
N LYS B 229 8.09 27.74 -15.04
CA LYS B 229 6.87 28.49 -15.32
C LYS B 229 6.15 27.98 -16.58
N LYS B 230 6.92 27.57 -17.58
CA LYS B 230 6.39 26.94 -18.79
C LYS B 230 5.70 25.61 -18.46
N GLN B 231 6.38 24.75 -17.71
CA GLN B 231 5.87 23.42 -17.36
C GLN B 231 4.79 23.45 -16.26
N ALA B 232 4.84 24.45 -15.38
CA ALA B 232 3.77 24.67 -14.39
C ALA B 232 2.47 25.12 -15.05
N ALA B 233 2.59 25.90 -16.12
CA ALA B 233 1.43 26.30 -16.93
C ALA B 233 0.79 25.10 -17.65
N GLU B 234 1.62 24.15 -18.08
CA GLU B 234 1.14 22.89 -18.66
C GLU B 234 0.37 22.03 -17.65
N TYR B 235 0.87 21.99 -16.41
CA TYR B 235 0.19 21.29 -15.30
C TYR B 235 -1.20 21.87 -15.06
N ARG B 236 -1.29 23.20 -14.98
CA ARG B 236 -2.56 23.90 -14.84
C ARG B 236 -3.46 23.71 -16.08
N GLU B 237 -2.87 23.73 -17.26
CA GLU B 237 -3.61 23.52 -18.51
C GLU B 237 -4.19 22.11 -18.62
N ILE B 238 -3.38 21.10 -18.30
CA ILE B 238 -3.84 19.69 -18.30
C ILE B 238 -4.94 19.48 -17.25
N ASP B 239 -4.78 20.09 -16.07
CA ASP B 239 -5.77 19.96 -14.99
C ASP B 239 -7.12 20.60 -15.36
N LYS B 240 -7.09 21.69 -16.13
CA LYS B 240 -8.31 22.30 -16.68
C LYS B 240 -9.01 21.37 -17.67
N ARG B 241 -8.23 20.75 -18.56
CA ARG B 241 -8.77 19.80 -19.55
C ARG B 241 -9.42 18.58 -18.91
N MET B 242 -8.79 18.04 -17.86
CA MET B 242 -9.33 16.90 -17.12
C MET B 242 -10.62 17.25 -16.38
N ASN B 243 -10.65 18.40 -15.73
CA ASN B 243 -11.84 18.88 -15.00
C ASN B 243 -13.03 19.23 -15.90
N SER B 244 -12.79 19.43 -17.20
CA SER B 244 -13.86 19.55 -18.19
C SER B 244 -14.40 18.18 -18.62
N ILE B 245 -13.50 17.20 -18.76
CA ILE B 245 -13.89 15.83 -19.12
C ILE B 245 -14.55 15.08 -17.95
N LYS B 246 -14.10 15.35 -16.72
CA LYS B 246 -14.67 14.72 -15.51
C LYS B 246 -16.21 14.64 -15.47
N PRO B 247 -16.91 15.79 -15.59
CA PRO B 247 -18.39 15.73 -15.60
C PRO B 247 -19.01 14.99 -16.79
N ASP B 248 -18.36 15.05 -17.96
CA ASP B 248 -18.81 14.30 -19.13
C ASP B 248 -18.66 12.78 -18.91
N LEU B 249 -17.57 12.37 -18.25
CA LEU B 249 -17.36 10.97 -17.88
C LEU B 249 -18.45 10.42 -16.93
N ILE B 250 -18.91 11.26 -16.00
CA ILE B 250 -19.96 10.85 -15.05
C ILE B 250 -21.30 10.68 -15.77
N GLN B 251 -21.68 11.68 -16.57
CA GLN B 251 -22.96 11.67 -17.28
C GLN B 251 -23.03 10.54 -18.32
N LEU B 252 -21.97 10.38 -19.11
CA LEU B 252 -21.88 9.31 -20.10
C LEU B 252 -21.92 7.91 -19.47
N ARG B 253 -21.33 7.78 -18.28
CA ARG B 253 -21.41 6.54 -17.50
C ARG B 253 -22.82 6.33 -16.94
N LYS B 254 -23.34 7.34 -16.24
CA LYS B 254 -24.66 7.28 -15.62
C LYS B 254 -25.81 7.06 -16.63
N THR B 255 -25.72 7.72 -17.78
CA THR B 255 -26.70 7.55 -18.85
C THR B 255 -26.62 6.14 -19.45
N ARG B 256 -25.41 5.68 -19.73
CA ARG B 256 -25.18 4.32 -20.24
C ARG B 256 -25.60 3.25 -19.22
N ASP B 257 -25.37 3.52 -17.93
CA ASP B 257 -25.85 2.64 -16.85
C ASP B 257 -27.38 2.53 -16.84
N GLN B 258 -28.08 3.64 -17.09
CA GLN B 258 -29.55 3.63 -17.18
C GLN B 258 -30.06 2.86 -18.41
N TYR B 259 -29.37 3.01 -19.54
CA TYR B 259 -29.67 2.24 -20.77
C TYR B 259 -29.39 0.73 -20.58
N LEU B 260 -28.36 0.41 -19.80
CA LEU B 260 -28.05 -0.98 -19.43
C LEU B 260 -29.10 -1.50 -18.43
N MET B 261 -29.44 -0.66 -17.44
CA MET B 261 -30.49 -0.94 -16.45
C MET B 261 -31.86 -1.18 -17.10
N TRP B 262 -32.18 -0.42 -18.14
CA TRP B 262 -33.42 -0.61 -18.89
C TRP B 262 -33.46 -1.98 -19.59
N LEU B 263 -32.32 -2.39 -20.16
CA LEU B 263 -32.20 -3.71 -20.81
C LEU B 263 -32.01 -4.87 -19.84
N THR B 264 -31.65 -4.59 -18.58
CA THR B 264 -31.71 -5.60 -17.52
C THR B 264 -33.16 -6.05 -17.32
N GLN B 265 -34.08 -5.09 -17.32
CA GLN B 265 -35.51 -5.38 -17.45
C GLN B 265 -35.84 -5.92 -18.85
N LYS B 266 -36.97 -6.62 -18.95
CA LYS B 266 -37.42 -7.29 -20.18
C LYS B 266 -36.49 -8.44 -20.64
N GLY B 267 -35.74 -9.02 -19.70
CA GLY B 267 -34.88 -10.19 -19.95
C GLY B 267 -34.08 -10.22 -21.23
N VAL B 268 -33.25 -9.21 -21.45
CA VAL B 268 -32.37 -9.17 -22.63
C VAL B 268 -31.17 -10.09 -22.38
N ARG B 269 -30.80 -10.84 -23.42
CA ARG B 269 -29.78 -11.88 -23.31
C ARG B 269 -28.37 -11.26 -23.21
N GLN B 270 -27.53 -11.87 -22.36
CA GLN B 270 -26.15 -11.40 -22.09
C GLN B 270 -25.29 -11.32 -23.35
N LYS B 271 -25.47 -12.27 -24.25
CA LYS B 271 -24.82 -12.28 -25.58
C LYS B 271 -25.00 -10.98 -26.35
N LYS B 272 -26.22 -10.44 -26.35
CA LYS B 272 -26.53 -9.18 -27.05
C LYS B 272 -25.85 -7.97 -26.40
N LEU B 273 -25.76 -7.97 -25.08
CA LEU B 273 -25.18 -6.85 -24.31
C LEU B 273 -23.68 -6.69 -24.55
N ASN B 274 -22.95 -7.80 -24.55
CA ASN B 274 -21.49 -7.80 -24.78
C ASN B 274 -21.11 -7.40 -26.21
N GLU B 275 -21.93 -7.76 -27.19
CA GLU B 275 -21.74 -7.33 -28.58
C GLU B 275 -21.92 -5.82 -28.72
N TRP B 276 -22.94 -5.27 -28.05
CA TRP B 276 -23.15 -3.82 -28.01
C TRP B 276 -22.05 -3.11 -27.19
N LEU B 277 -21.61 -3.73 -26.09
CA LEU B 277 -20.51 -3.21 -25.27
C LEU B 277 -19.17 -3.73 -25.77
#